data_1KRN
# 
_entry.id   1KRN 
# 
_audit_conform.dict_name       mmcif_pdbx.dic 
_audit_conform.dict_version    5.398 
_audit_conform.dict_location   http://mmcif.pdb.org/dictionaries/ascii/mmcif_pdbx.dic 
# 
loop_
_database_2.database_id 
_database_2.database_code 
_database_2.pdbx_database_accession 
_database_2.pdbx_DOI 
PDB   1KRN         pdb_00001krn 10.2210/pdb1krn/pdb 
WWPDB D_1000174482 ?            ?                   
# 
loop_
_pdbx_audit_revision_history.ordinal 
_pdbx_audit_revision_history.data_content_type 
_pdbx_audit_revision_history.major_revision 
_pdbx_audit_revision_history.minor_revision 
_pdbx_audit_revision_history.revision_date 
1 'Structure model' 1 0 1997-01-11 
2 'Structure model' 1 1 2008-03-03 
3 'Structure model' 1 2 2011-07-13 
4 'Structure model' 1 3 2024-06-05 
5 'Structure model' 1 4 2024-11-06 
# 
_pdbx_audit_revision_details.ordinal             1 
_pdbx_audit_revision_details.revision_ordinal    1 
_pdbx_audit_revision_details.data_content_type   'Structure model' 
_pdbx_audit_revision_details.provider            repository 
_pdbx_audit_revision_details.type                'Initial release' 
_pdbx_audit_revision_details.description         ? 
_pdbx_audit_revision_details.details             ? 
# 
loop_
_pdbx_audit_revision_group.ordinal 
_pdbx_audit_revision_group.revision_ordinal 
_pdbx_audit_revision_group.data_content_type 
_pdbx_audit_revision_group.group 
1 2 'Structure model' 'Version format compliance' 
2 3 'Structure model' 'Version format compliance' 
3 4 'Structure model' 'Data collection'           
4 4 'Structure model' 'Database references'       
5 4 'Structure model' 'Derived calculations'      
6 4 'Structure model' Other                       
7 5 'Structure model' 'Structure summary'         
# 
loop_
_pdbx_audit_revision_category.ordinal 
_pdbx_audit_revision_category.revision_ordinal 
_pdbx_audit_revision_category.data_content_type 
_pdbx_audit_revision_category.category 
1 4 'Structure model' chem_comp_atom            
2 4 'Structure model' chem_comp_bond            
3 4 'Structure model' database_2                
4 4 'Structure model' pdbx_database_status      
5 4 'Structure model' struct_site               
6 5 'Structure model' pdbx_entry_details        
7 5 'Structure model' pdbx_modification_feature 
# 
loop_
_pdbx_audit_revision_item.ordinal 
_pdbx_audit_revision_item.revision_ordinal 
_pdbx_audit_revision_item.data_content_type 
_pdbx_audit_revision_item.item 
1 4 'Structure model' '_database_2.pdbx_DOI'                
2 4 'Structure model' '_database_2.pdbx_database_accession' 
3 4 'Structure model' '_pdbx_database_status.process_site'  
4 4 'Structure model' '_struct_site.pdbx_auth_asym_id'      
5 4 'Structure model' '_struct_site.pdbx_auth_comp_id'      
6 4 'Structure model' '_struct_site.pdbx_auth_seq_id'       
# 
_pdbx_database_status.status_code                     REL 
_pdbx_database_status.entry_id                        1KRN 
_pdbx_database_status.recvd_initial_deposition_date   1995-06-21 
_pdbx_database_status.deposit_site                    ? 
_pdbx_database_status.process_site                    BNL 
_pdbx_database_status.status_code_sf                  REL 
_pdbx_database_status.status_code_mr                  ? 
_pdbx_database_status.SG_entry                        ? 
_pdbx_database_status.pdb_format_compatible           Y 
_pdbx_database_status.status_code_cs                  ? 
_pdbx_database_status.status_code_nmr_data            ? 
_pdbx_database_status.methods_development_category    ? 
# 
loop_
_audit_author.name 
_audit_author.pdbx_ordinal 
'Stec, B.'     1 
'Teeter, M.M.' 2 
'Whitlow, M.'  3 
'Yamano, A.'   4 
# 
_citation.id                        primary 
_citation.title                     
'Structure of human plasminogen kringle 4 at 1.68 a and 277 K. A possible structural role of disordered residues.' 
_citation.journal_abbrev            'Acta Crystallogr.,Sect.D' 
_citation.journal_volume            53 
_citation.page_first                169 
_citation.page_last                 178 
_citation.year                      1997 
_citation.journal_id_ASTM           ABCRE6 
_citation.country                   DK 
_citation.journal_id_ISSN           0907-4449 
_citation.journal_id_CSD            0766 
_citation.book_publisher            ? 
_citation.pdbx_database_id_PubMed   15299951 
_citation.pdbx_database_id_DOI      10.1107/S0907444996012267 
# 
loop_
_citation_author.citation_id 
_citation_author.name 
_citation_author.ordinal 
_citation_author.identifier_ORCID 
primary 'Stec, B.'     1 ? 
primary 'Yamano, A.'   2 ? 
primary 'Whitlow, M.'  3 ? 
primary 'Teeter, M.M.' 4 ? 
# 
loop_
_entity.id 
_entity.type 
_entity.src_method 
_entity.pdbx_description 
_entity.formula_weight 
_entity.pdbx_number_of_molecules 
_entity.pdbx_ec 
_entity.pdbx_mutation 
_entity.pdbx_fragment 
_entity.details 
1 polymer     nat PLASMINOGEN   9899.876 1   3.4.21.7 ? 'KRINGLE 4 DOMAIN' ? 
2 non-polymer syn 'SULFATE ION' 96.063   1   ?        ? ?                  ? 
3 water       nat water         18.015   249 ?        ? ?                  ? 
# 
_entity_poly.entity_id                      1 
_entity_poly.type                           'polypeptide(L)' 
_entity_poly.nstd_linkage                   no 
_entity_poly.nstd_monomer                   no 
_entity_poly.pdbx_seq_one_letter_code       
;VQDCYHGDGQSYRGTSSTTTTGKKCQSWSSMTPHRHQKTPENYPNAGLTMNYCRNPDADKGPWCFTTDPSVRWEYCNLKK
CSGTEASV
;
_entity_poly.pdbx_seq_one_letter_code_can   
;VQDCYHGDGQSYRGTSSTTTTGKKCQSWSSMTPHRHQKTPENYPNAGLTMNYCRNPDADKGPWCFTTDPSVRWEYCNLKK
CSGTEASV
;
_entity_poly.pdbx_strand_id                 A 
_entity_poly.pdbx_target_identifier         ? 
# 
loop_
_pdbx_entity_nonpoly.entity_id 
_pdbx_entity_nonpoly.name 
_pdbx_entity_nonpoly.comp_id 
2 'SULFATE ION' SO4 
3 water         HOH 
# 
loop_
_entity_poly_seq.entity_id 
_entity_poly_seq.num 
_entity_poly_seq.mon_id 
_entity_poly_seq.hetero 
1 1  VAL n 
1 2  GLN n 
1 3  ASP n 
1 4  CYS n 
1 5  TYR n 
1 6  HIS n 
1 7  GLY n 
1 8  ASP n 
1 9  GLY n 
1 10 GLN n 
1 11 SER n 
1 12 TYR n 
1 13 ARG n 
1 14 GLY n 
1 15 THR n 
1 16 SER n 
1 17 SER n 
1 18 THR n 
1 19 THR n 
1 20 THR n 
1 21 THR n 
1 22 GLY n 
1 23 LYS n 
1 24 LYS n 
1 25 CYS n 
1 26 GLN n 
1 27 SER n 
1 28 TRP n 
1 29 SER n 
1 30 SER n 
1 31 MET n 
1 32 THR n 
1 33 PRO n 
1 34 HIS n 
1 35 ARG n 
1 36 HIS n 
1 37 GLN n 
1 38 LYS n 
1 39 THR n 
1 40 PRO n 
1 41 GLU n 
1 42 ASN n 
1 43 TYR n 
1 44 PRO n 
1 45 ASN n 
1 46 ALA n 
1 47 GLY n 
1 48 LEU n 
1 49 THR n 
1 50 MET n 
1 51 ASN n 
1 52 TYR n 
1 53 CYS n 
1 54 ARG n 
1 55 ASN n 
1 56 PRO n 
1 57 ASP n 
1 58 ALA n 
1 59 ASP n 
1 60 LYS n 
1 61 GLY n 
1 62 PRO n 
1 63 TRP n 
1 64 CYS n 
1 65 PHE n 
1 66 THR n 
1 67 THR n 
1 68 ASP n 
1 69 PRO n 
1 70 SER n 
1 71 VAL n 
1 72 ARG n 
1 73 TRP n 
1 74 GLU n 
1 75 TYR n 
1 76 CYS n 
1 77 ASN n 
1 78 LEU n 
1 79 LYS n 
1 80 LYS n 
1 81 CYS n 
1 82 SER n 
1 83 GLY n 
1 84 THR n 
1 85 GLU n 
1 86 ALA n 
1 87 SER n 
1 88 VAL n 
# 
_entity_src_nat.entity_id                  1 
_entity_src_nat.pdbx_src_id                1 
_entity_src_nat.pdbx_alt_source_flag       sample 
_entity_src_nat.pdbx_beg_seq_num           ? 
_entity_src_nat.pdbx_end_seq_num           ? 
_entity_src_nat.common_name                human 
_entity_src_nat.pdbx_organism_scientific   'Homo sapiens' 
_entity_src_nat.pdbx_ncbi_taxonomy_id      9606 
_entity_src_nat.genus                      Homo 
_entity_src_nat.species                    ? 
_entity_src_nat.strain                     ? 
_entity_src_nat.tissue                     BLOOD 
_entity_src_nat.tissue_fraction            ? 
_entity_src_nat.pdbx_secretion             ? 
_entity_src_nat.pdbx_fragment              ? 
_entity_src_nat.pdbx_variant               ? 
_entity_src_nat.pdbx_cell_line             ? 
_entity_src_nat.pdbx_atcc                  ? 
_entity_src_nat.pdbx_cellular_location     ? 
_entity_src_nat.pdbx_organ                 ? 
_entity_src_nat.pdbx_organelle             ? 
_entity_src_nat.pdbx_cell                  ? 
_entity_src_nat.pdbx_plasmid_name          ? 
_entity_src_nat.pdbx_plasmid_details       ? 
_entity_src_nat.details                    ? 
# 
loop_
_chem_comp.id 
_chem_comp.type 
_chem_comp.mon_nstd_flag 
_chem_comp.name 
_chem_comp.pdbx_synonyms 
_chem_comp.formula 
_chem_comp.formula_weight 
ALA 'L-peptide linking' y ALANINE         ? 'C3 H7 N O2'     89.093  
ARG 'L-peptide linking' y ARGININE        ? 'C6 H15 N4 O2 1' 175.209 
ASN 'L-peptide linking' y ASPARAGINE      ? 'C4 H8 N2 O3'    132.118 
ASP 'L-peptide linking' y 'ASPARTIC ACID' ? 'C4 H7 N O4'     133.103 
CYS 'L-peptide linking' y CYSTEINE        ? 'C3 H7 N O2 S'   121.158 
GLN 'L-peptide linking' y GLUTAMINE       ? 'C5 H10 N2 O3'   146.144 
GLU 'L-peptide linking' y 'GLUTAMIC ACID' ? 'C5 H9 N O4'     147.129 
GLY 'peptide linking'   y GLYCINE         ? 'C2 H5 N O2'     75.067  
HIS 'L-peptide linking' y HISTIDINE       ? 'C6 H10 N3 O2 1' 156.162 
HOH non-polymer         . WATER           ? 'H2 O'           18.015  
LEU 'L-peptide linking' y LEUCINE         ? 'C6 H13 N O2'    131.173 
LYS 'L-peptide linking' y LYSINE          ? 'C6 H15 N2 O2 1' 147.195 
MET 'L-peptide linking' y METHIONINE      ? 'C5 H11 N O2 S'  149.211 
PHE 'L-peptide linking' y PHENYLALANINE   ? 'C9 H11 N O2'    165.189 
PRO 'L-peptide linking' y PROLINE         ? 'C5 H9 N O2'     115.130 
SER 'L-peptide linking' y SERINE          ? 'C3 H7 N O3'     105.093 
SO4 non-polymer         . 'SULFATE ION'   ? 'O4 S -2'        96.063  
THR 'L-peptide linking' y THREONINE       ? 'C4 H9 N O3'     119.119 
TRP 'L-peptide linking' y TRYPTOPHAN      ? 'C11 H12 N2 O2'  204.225 
TYR 'L-peptide linking' y TYROSINE        ? 'C9 H11 N O3'    181.189 
VAL 'L-peptide linking' y VALINE          ? 'C5 H11 N O2'    117.146 
# 
loop_
_pdbx_poly_seq_scheme.asym_id 
_pdbx_poly_seq_scheme.entity_id 
_pdbx_poly_seq_scheme.seq_id 
_pdbx_poly_seq_scheme.mon_id 
_pdbx_poly_seq_scheme.ndb_seq_num 
_pdbx_poly_seq_scheme.pdb_seq_num 
_pdbx_poly_seq_scheme.auth_seq_num 
_pdbx_poly_seq_scheme.pdb_mon_id 
_pdbx_poly_seq_scheme.auth_mon_id 
_pdbx_poly_seq_scheme.pdb_strand_id 
_pdbx_poly_seq_scheme.pdb_ins_code 
_pdbx_poly_seq_scheme.hetero 
A 1 1  VAL 1  63  ?   ?   ?   A . n 
A 1 2  GLN 2  64  ?   ?   ?   A . n 
A 1 3  ASP 3  65  65  ASP ASP A . n 
A 1 4  CYS 4  66  66  CYS CYS A . n 
A 1 5  TYR 5  67  67  TYR TYR A . n 
A 1 6  HIS 6  68  68  HIS HIS A . n 
A 1 7  GLY 7  69  69  GLY GLY A . n 
A 1 8  ASP 8  70  70  ASP ASP A . n 
A 1 9  GLY 9  71  71  GLY GLY A . n 
A 1 10 GLN 10 72  72  GLN GLN A . n 
A 1 11 SER 11 73  73  SER SER A . n 
A 1 12 TYR 12 74  74  TYR TYR A . n 
A 1 13 ARG 13 75  75  ARG ARG A . n 
A 1 14 GLY 14 76  76  GLY GLY A . n 
A 1 15 THR 15 77  77  THR THR A . n 
A 1 16 SER 16 78  78  SER SER A . n 
A 1 17 SER 17 79  79  SER SER A . n 
A 1 18 THR 18 80  80  THR THR A . n 
A 1 19 THR 19 81  81  THR THR A . n 
A 1 20 THR 20 82  82  THR THR A . n 
A 1 21 THR 21 83  83  THR THR A . n 
A 1 22 GLY 22 84  84  GLY GLY A . n 
A 1 23 LYS 23 85  85  LYS LYS A . n 
A 1 24 LYS 24 86  86  LYS LYS A . n 
A 1 25 CYS 25 87  87  CYS CYS A . n 
A 1 26 GLN 26 88  88  GLN GLN A . n 
A 1 27 SER 27 89  89  SER SER A . n 
A 1 28 TRP 28 90  90  TRP TRP A . n 
A 1 29 SER 29 91  91  SER SER A . n 
A 1 30 SER 30 92  92  SER SER A . n 
A 1 31 MET 31 93  93  MET MET A . n 
A 1 32 THR 32 94  94  THR THR A . n 
A 1 33 PRO 33 95  95  PRO PRO A . n 
A 1 34 HIS 34 96  96  HIS HIS A . n 
A 1 35 ARG 35 97  97  ARG ARG A . n 
A 1 36 HIS 36 98  98  HIS HIS A . n 
A 1 37 GLN 37 99  99  GLN GLN A . n 
A 1 38 LYS 38 100 100 LYS LYS A . n 
A 1 39 THR 39 101 101 THR THR A . n 
A 1 40 PRO 40 102 102 PRO PRO A . n 
A 1 41 GLU 41 103 103 GLU GLU A . n 
A 1 42 ASN 42 104 104 ASN ASN A . n 
A 1 43 TYR 43 105 105 TYR TYR A . n 
A 1 44 PRO 44 106 106 PRO PRO A . n 
A 1 45 ASN 45 107 107 ASN ASN A . n 
A 1 46 ALA 46 108 108 ALA ALA A . n 
A 1 47 GLY 47 109 109 GLY GLY A . n 
A 1 48 LEU 48 110 110 LEU LEU A . n 
A 1 49 THR 49 111 111 THR THR A . n 
A 1 50 MET 50 112 112 MET MET A . n 
A 1 51 ASN 51 113 113 ASN ASN A . n 
A 1 52 TYR 52 114 114 TYR TYR A . n 
A 1 53 CYS 53 115 115 CYS CYS A . n 
A 1 54 ARG 54 116 116 ARG ARG A . n 
A 1 55 ASN 55 117 117 ASN ASN A . n 
A 1 56 PRO 56 118 118 PRO PRO A . n 
A 1 57 ASP 57 119 119 ASP ASP A . n 
A 1 58 ALA 58 120 120 ALA ALA A . n 
A 1 59 ASP 59 121 121 ASP ASP A . n 
A 1 60 LYS 60 122 122 LYS LYS A . n 
A 1 61 GLY 61 123 123 GLY GLY A . n 
A 1 62 PRO 62 124 124 PRO PRO A . n 
A 1 63 TRP 63 125 125 TRP TRP A . n 
A 1 64 CYS 64 126 126 CYS CYS A . n 
A 1 65 PHE 65 127 127 PHE PHE A . n 
A 1 66 THR 66 128 128 THR THR A . n 
A 1 67 THR 67 129 129 THR THR A . n 
A 1 68 ASP 68 130 130 ASP ASP A . n 
A 1 69 PRO 69 131 131 PRO PRO A . n 
A 1 70 SER 70 132 132 SER SER A . n 
A 1 71 VAL 71 133 133 VAL VAL A . n 
A 1 72 ARG 72 134 134 ARG ARG A . n 
A 1 73 TRP 73 135 135 TRP TRP A . n 
A 1 74 GLU 74 136 136 GLU GLU A . n 
A 1 75 TYR 75 137 137 TYR TYR A . n 
A 1 76 CYS 76 138 138 CYS CYS A . n 
A 1 77 ASN 77 139 139 ASN ASN A . n 
A 1 78 LEU 78 140 140 LEU LEU A . n 
A 1 79 LYS 79 141 141 LYS LYS A . n 
A 1 80 LYS 80 142 142 LYS LYS A . n 
A 1 81 CYS 81 143 143 CYS CYS A . n 
A 1 82 SER 82 144 ?   ?   ?   A . n 
A 1 83 GLY 83 145 ?   ?   ?   A . n 
A 1 84 THR 84 146 ?   ?   ?   A . n 
A 1 85 GLU 85 147 ?   ?   ?   A . n 
A 1 86 ALA 86 148 ?   ?   ?   A . n 
A 1 87 SER 87 149 ?   ?   ?   A . n 
A 1 88 VAL 88 150 ?   ?   ?   A . n 
# 
loop_
_pdbx_nonpoly_scheme.asym_id 
_pdbx_nonpoly_scheme.entity_id 
_pdbx_nonpoly_scheme.mon_id 
_pdbx_nonpoly_scheme.ndb_seq_num 
_pdbx_nonpoly_scheme.pdb_seq_num 
_pdbx_nonpoly_scheme.auth_seq_num 
_pdbx_nonpoly_scheme.pdb_mon_id 
_pdbx_nonpoly_scheme.auth_mon_id 
_pdbx_nonpoly_scheme.pdb_strand_id 
_pdbx_nonpoly_scheme.pdb_ins_code 
B 2 SO4 1   165 165 SO4 SO4 A . 
C 3 HOH 1   166 1   HOH HOH A . 
C 3 HOH 2   167 2   HOH HOH A . 
C 3 HOH 3   168 3   HOH HOH A . 
C 3 HOH 4   169 4   HOH HOH A . 
C 3 HOH 5   170 5   HOH HOH A . 
C 3 HOH 6   171 6   HOH HOH A . 
C 3 HOH 7   172 7   HOH HOH A . 
C 3 HOH 8   173 8   HOH HOH A . 
C 3 HOH 9   174 9   HOH HOH A . 
C 3 HOH 10  175 10  HOH HOH A . 
C 3 HOH 11  176 11  HOH HOH A . 
C 3 HOH 12  177 12  HOH HOH A . 
C 3 HOH 13  178 13  HOH HOH A . 
C 3 HOH 14  179 14  HOH HOH A . 
C 3 HOH 15  180 15  HOH HOH A . 
C 3 HOH 16  181 16  HOH HOH A . 
C 3 HOH 17  182 17  HOH HOH A . 
C 3 HOH 18  183 18  HOH HOH A . 
C 3 HOH 19  184 19  HOH HOH A . 
C 3 HOH 20  185 20  HOH HOH A . 
C 3 HOH 21  186 21  HOH HOH A . 
C 3 HOH 22  187 22  HOH HOH A . 
C 3 HOH 23  188 23  HOH HOH A . 
C 3 HOH 24  189 24  HOH HOH A . 
C 3 HOH 25  190 25  HOH HOH A . 
C 3 HOH 26  191 26  HOH HOH A . 
C 3 HOH 27  192 27  HOH HOH A . 
C 3 HOH 28  193 28  HOH HOH A . 
C 3 HOH 29  194 29  HOH HOH A . 
C 3 HOH 30  195 30  HOH HOH A . 
C 3 HOH 31  196 31  HOH HOH A . 
C 3 HOH 32  197 32  HOH HOH A . 
C 3 HOH 33  198 33  HOH HOH A . 
C 3 HOH 34  199 34  HOH HOH A . 
C 3 HOH 35  200 35  HOH HOH A . 
C 3 HOH 36  201 36  HOH HOH A . 
C 3 HOH 37  202 37  HOH HOH A . 
C 3 HOH 38  203 38  HOH HOH A . 
C 3 HOH 39  204 39  HOH HOH A . 
C 3 HOH 40  205 40  HOH HOH A . 
C 3 HOH 41  206 41  HOH HOH A . 
C 3 HOH 42  207 42  HOH HOH A . 
C 3 HOH 43  208 43  HOH HOH A . 
C 3 HOH 44  209 44  HOH HOH A . 
C 3 HOH 45  210 45  HOH HOH A . 
C 3 HOH 46  211 46  HOH HOH A . 
C 3 HOH 47  212 47  HOH HOH A . 
C 3 HOH 48  213 48  HOH HOH A . 
C 3 HOH 49  214 49  HOH HOH A . 
C 3 HOH 50  215 50  HOH HOH A . 
C 3 HOH 51  216 51  HOH HOH A . 
C 3 HOH 52  217 52  HOH HOH A . 
C 3 HOH 53  218 53  HOH HOH A . 
C 3 HOH 54  219 54  HOH HOH A . 
C 3 HOH 55  220 55  HOH HOH A . 
C 3 HOH 56  221 56  HOH HOH A . 
C 3 HOH 57  222 57  HOH HOH A . 
C 3 HOH 58  223 58  HOH HOH A . 
C 3 HOH 59  224 59  HOH HOH A . 
C 3 HOH 60  225 60  HOH HOH A . 
C 3 HOH 61  226 61  HOH HOH A . 
C 3 HOH 62  227 62  HOH HOH A . 
C 3 HOH 63  228 63  HOH HOH A . 
C 3 HOH 64  229 64  HOH HOH A . 
C 3 HOH 65  230 65  HOH HOH A . 
C 3 HOH 66  231 66  HOH HOH A . 
C 3 HOH 67  232 67  HOH HOH A . 
C 3 HOH 68  233 68  HOH HOH A . 
C 3 HOH 69  234 69  HOH HOH A . 
C 3 HOH 70  235 70  HOH HOH A . 
C 3 HOH 71  236 71  HOH HOH A . 
C 3 HOH 72  237 72  HOH HOH A . 
C 3 HOH 73  238 73  HOH HOH A . 
C 3 HOH 74  239 74  HOH HOH A . 
C 3 HOH 75  240 75  HOH HOH A . 
C 3 HOH 76  241 76  HOH HOH A . 
C 3 HOH 77  242 77  HOH HOH A . 
C 3 HOH 78  243 78  HOH HOH A . 
C 3 HOH 79  244 79  HOH HOH A . 
C 3 HOH 80  245 80  HOH HOH A . 
C 3 HOH 81  246 81  HOH HOH A . 
C 3 HOH 82  247 82  HOH HOH A . 
C 3 HOH 83  248 83  HOH HOH A . 
C 3 HOH 84  249 84  HOH HOH A . 
C 3 HOH 85  250 85  HOH HOH A . 
C 3 HOH 86  251 86  HOH HOH A . 
C 3 HOH 87  252 87  HOH HOH A . 
C 3 HOH 88  253 88  HOH HOH A . 
C 3 HOH 89  254 89  HOH HOH A . 
C 3 HOH 90  255 90  HOH HOH A . 
C 3 HOH 91  256 91  HOH HOH A . 
C 3 HOH 92  257 92  HOH HOH A . 
C 3 HOH 93  258 93  HOH HOH A . 
C 3 HOH 94  259 94  HOH HOH A . 
C 3 HOH 95  260 95  HOH HOH A . 
C 3 HOH 96  261 96  HOH HOH A . 
C 3 HOH 97  262 97  HOH HOH A . 
C 3 HOH 98  263 98  HOH HOH A . 
C 3 HOH 99  264 99  HOH HOH A . 
C 3 HOH 100 265 100 HOH HOH A . 
C 3 HOH 101 266 101 HOH HOH A . 
C 3 HOH 102 267 102 HOH HOH A . 
C 3 HOH 103 268 103 HOH HOH A . 
C 3 HOH 104 269 104 HOH HOH A . 
C 3 HOH 105 270 105 HOH HOH A . 
C 3 HOH 106 271 106 HOH HOH A . 
C 3 HOH 107 272 107 HOH HOH A . 
C 3 HOH 108 273 108 HOH HOH A . 
C 3 HOH 109 274 109 HOH HOH A . 
C 3 HOH 110 275 110 HOH HOH A . 
C 3 HOH 111 276 111 HOH HOH A . 
C 3 HOH 112 277 112 HOH HOH A . 
C 3 HOH 113 278 113 HOH HOH A . 
C 3 HOH 114 279 114 HOH HOH A . 
C 3 HOH 115 280 115 HOH HOH A . 
C 3 HOH 116 281 116 HOH HOH A . 
C 3 HOH 117 282 117 HOH HOH A . 
C 3 HOH 118 283 118 HOH HOH A . 
C 3 HOH 119 284 119 HOH HOH A . 
C 3 HOH 120 285 120 HOH HOH A . 
C 3 HOH 121 286 121 HOH HOH A . 
C 3 HOH 122 287 122 HOH HOH A . 
C 3 HOH 123 288 123 HOH HOH A . 
C 3 HOH 124 289 124 HOH HOH A . 
C 3 HOH 125 290 125 HOH HOH A . 
C 3 HOH 126 291 126 HOH HOH A . 
C 3 HOH 127 292 127 HOH HOH A . 
C 3 HOH 128 293 128 HOH HOH A . 
C 3 HOH 129 294 129 HOH HOH A . 
C 3 HOH 130 295 130 HOH HOH A . 
C 3 HOH 131 296 131 HOH HOH A . 
C 3 HOH 132 297 132 HOH HOH A . 
C 3 HOH 133 298 133 HOH HOH A . 
C 3 HOH 134 299 134 HOH HOH A . 
C 3 HOH 135 300 135 HOH HOH A . 
C 3 HOH 136 301 136 HOH HOH A . 
C 3 HOH 137 302 137 HOH HOH A . 
C 3 HOH 138 303 138 HOH HOH A . 
C 3 HOH 139 304 139 HOH HOH A . 
C 3 HOH 140 305 140 HOH HOH A . 
C 3 HOH 141 306 141 HOH HOH A . 
C 3 HOH 142 307 142 HOH HOH A . 
C 3 HOH 143 308 143 HOH HOH A . 
C 3 HOH 144 309 144 HOH HOH A . 
C 3 HOH 145 310 145 HOH HOH A . 
C 3 HOH 146 311 146 HOH HOH A . 
C 3 HOH 147 312 147 HOH HOH A . 
C 3 HOH 148 313 148 HOH HOH A . 
C 3 HOH 149 314 149 HOH HOH A . 
C 3 HOH 150 315 150 HOH HOH A . 
C 3 HOH 151 316 151 HOH HOH A . 
C 3 HOH 152 317 152 HOH HOH A . 
C 3 HOH 153 318 153 HOH HOH A . 
C 3 HOH 154 319 154 HOH HOH A . 
C 3 HOH 155 320 155 HOH HOH A . 
C 3 HOH 156 321 156 HOH HOH A . 
C 3 HOH 157 322 157 HOH HOH A . 
C 3 HOH 158 323 158 HOH HOH A . 
C 3 HOH 159 324 159 HOH HOH A . 
C 3 HOH 160 325 160 HOH HOH A . 
C 3 HOH 161 326 161 HOH HOH A . 
C 3 HOH 162 327 162 HOH HOH A . 
C 3 HOH 163 328 163 HOH HOH A . 
C 3 HOH 164 329 164 HOH HOH A . 
C 3 HOH 165 330 165 HOH HOH A . 
C 3 HOH 166 331 166 HOH HOH A . 
C 3 HOH 167 332 167 HOH HOH A . 
C 3 HOH 168 333 168 HOH HOH A . 
C 3 HOH 169 334 169 HOH HOH A . 
C 3 HOH 170 335 170 HOH HOH A . 
C 3 HOH 171 336 171 HOH HOH A . 
C 3 HOH 172 337 172 HOH HOH A . 
C 3 HOH 173 338 173 HOH HOH A . 
C 3 HOH 174 339 174 HOH HOH A . 
C 3 HOH 175 340 175 HOH HOH A . 
C 3 HOH 176 341 176 HOH HOH A . 
C 3 HOH 177 342 177 HOH HOH A . 
C 3 HOH 178 343 178 HOH HOH A . 
C 3 HOH 179 344 179 HOH HOH A . 
C 3 HOH 180 345 180 HOH HOH A . 
C 3 HOH 181 346 181 HOH HOH A . 
C 3 HOH 182 347 182 HOH HOH A . 
C 3 HOH 183 348 183 HOH HOH A . 
C 3 HOH 184 349 184 HOH HOH A . 
C 3 HOH 185 350 185 HOH HOH A . 
C 3 HOH 186 351 186 HOH HOH A . 
C 3 HOH 187 352 187 HOH HOH A . 
C 3 HOH 188 353 188 HOH HOH A . 
C 3 HOH 189 354 189 HOH HOH A . 
C 3 HOH 190 355 190 HOH HOH A . 
C 3 HOH 191 356 191 HOH HOH A . 
C 3 HOH 192 357 192 HOH HOH A . 
C 3 HOH 193 358 193 HOH HOH A . 
C 3 HOH 194 359 194 HOH HOH A . 
C 3 HOH 195 360 195 HOH HOH A . 
C 3 HOH 196 361 196 HOH HOH A . 
C 3 HOH 197 362 197 HOH HOH A . 
C 3 HOH 198 363 198 HOH HOH A . 
C 3 HOH 199 364 199 HOH HOH A . 
C 3 HOH 200 365 210 HOH HOH A . 
C 3 HOH 201 366 211 HOH HOH A . 
C 3 HOH 202 367 212 HOH HOH A . 
C 3 HOH 203 368 213 HOH HOH A . 
C 3 HOH 204 369 214 HOH HOH A . 
C 3 HOH 205 370 215 HOH HOH A . 
C 3 HOH 206 371 216 HOH HOH A . 
C 3 HOH 207 372 217 HOH HOH A . 
C 3 HOH 208 373 218 HOH HOH A . 
C 3 HOH 209 374 219 HOH HOH A . 
C 3 HOH 210 375 220 HOH HOH A . 
C 3 HOH 211 376 221 HOH HOH A . 
C 3 HOH 212 377 222 HOH HOH A . 
C 3 HOH 213 378 223 HOH HOH A . 
C 3 HOH 214 379 224 HOH HOH A . 
C 3 HOH 215 380 225 HOH HOH A . 
C 3 HOH 216 381 226 HOH HOH A . 
C 3 HOH 217 382 227 HOH HOH A . 
C 3 HOH 218 383 228 HOH HOH A . 
C 3 HOH 219 384 229 HOH HOH A . 
C 3 HOH 220 385 230 HOH HOH A . 
C 3 HOH 221 386 231 HOH HOH A . 
C 3 HOH 222 387 232 HOH HOH A . 
C 3 HOH 223 388 233 HOH HOH A . 
C 3 HOH 224 389 234 HOH HOH A . 
C 3 HOH 225 390 235 HOH HOH A . 
C 3 HOH 226 391 236 HOH HOH A . 
C 3 HOH 227 392 237 HOH HOH A . 
C 3 HOH 228 393 238 HOH HOH A . 
C 3 HOH 229 394 239 HOH HOH A . 
C 3 HOH 230 395 240 HOH HOH A . 
C 3 HOH 231 396 241 HOH HOH A . 
C 3 HOH 232 397 242 HOH HOH A . 
C 3 HOH 233 398 243 HOH HOH A . 
C 3 HOH 234 399 244 HOH HOH A . 
C 3 HOH 235 400 245 HOH HOH A . 
C 3 HOH 236 401 246 HOH HOH A . 
C 3 HOH 237 402 247 HOH HOH A . 
C 3 HOH 238 403 248 HOH HOH A . 
C 3 HOH 239 404 249 HOH HOH A . 
C 3 HOH 240 405 250 HOH HOH A . 
C 3 HOH 241 406 251 HOH HOH A . 
C 3 HOH 242 407 252 HOH HOH A . 
C 3 HOH 243 408 253 HOH HOH A . 
C 3 HOH 244 409 254 HOH HOH A . 
C 3 HOH 245 410 255 HOH HOH A . 
C 3 HOH 246 411 256 HOH HOH A . 
C 3 HOH 247 412 257 HOH HOH A . 
C 3 HOH 248 413 258 HOH HOH A . 
C 3 HOH 249 414 259 HOH HOH A . 
# 
loop_
_software.name 
_software.classification 
_software.version 
_software.citation_id 
_software.pdbx_ordinal 
SDMS   'data collection' SOFTWARE ? 1 
X-PLOR 'model building'  3.1      ? 2 
X-PLOR refinement        3.1      ? 3 
SDMS   'data reduction'  .        ? 4 
X-PLOR phasing           3.1      ? 5 
# 
_cell.entry_id           1KRN 
_cell.length_a           49.440 
_cell.length_b           50.270 
_cell.length_c           32.300 
_cell.angle_alpha        90.00 
_cell.angle_beta         90.00 
_cell.angle_gamma        90.00 
_cell.Z_PDB              4 
_cell.pdbx_unique_axis   ? 
# 
_symmetry.entry_id                         1KRN 
_symmetry.space_group_name_H-M             'P 21 21 21' 
_symmetry.pdbx_full_space_group_name_H-M   ? 
_symmetry.cell_setting                     ? 
_symmetry.Int_Tables_number                19 
# 
_exptl.entry_id          1KRN 
_exptl.method            'X-RAY DIFFRACTION' 
_exptl.crystals_number   ? 
# 
_exptl_crystal.id                    1 
_exptl_crystal.density_meas          ? 
_exptl_crystal.density_Matthews      2.03 
_exptl_crystal.density_percent_sol   39.29 
_exptl_crystal.description           ? 
# 
_exptl_crystal_grow.crystal_id      1 
_exptl_crystal_grow.method          ? 
_exptl_crystal_grow.temp            ? 
_exptl_crystal_grow.temp_details    ? 
_exptl_crystal_grow.pH              ? 
_exptl_crystal_grow.pdbx_pH_range   ? 
_exptl_crystal_grow.pdbx_details    'CRYSTALLIZED FROM BASA (BENZYL AMIN SULFONIC ACID) BUT ONLY SULFATE VISIBLE IN THE STRUCTURE.' 
# 
_diffrn.id                     1 
_diffrn.ambient_temp           ? 
_diffrn.ambient_temp_details   ? 
_diffrn.crystal_id             1 
# 
_diffrn_detector.diffrn_id              1 
_diffrn_detector.detector               'AREA DETECTOR' 
_diffrn_detector.type                   'XUONG-HAMLIN MULTIWIRE MARK II' 
_diffrn_detector.pdbx_collection_date   1992 
_diffrn_detector.details                ? 
# 
_diffrn_radiation.diffrn_id                        1 
_diffrn_radiation.wavelength_id                    1 
_diffrn_radiation.pdbx_monochromatic_or_laue_m_l   M 
_diffrn_radiation.monochromator                    ? 
_diffrn_radiation.pdbx_diffrn_protocol             ? 
_diffrn_radiation.pdbx_scattering_type             x-ray 
# 
_diffrn_radiation_wavelength.id           1 
_diffrn_radiation_wavelength.wavelength   1.5418 
_diffrn_radiation_wavelength.wt           1.0 
# 
_diffrn_source.diffrn_id                   1 
_diffrn_source.source                      ? 
_diffrn_source.type                        ? 
_diffrn_source.pdbx_synchrotron_site       ? 
_diffrn_source.pdbx_synchrotron_beamline   ? 
_diffrn_source.pdbx_wavelength             1.5418 
_diffrn_source.pdbx_wavelength_list        ? 
# 
_reflns.entry_id                     1KRN 
_reflns.observed_criterion_sigma_I   2. 
_reflns.observed_criterion_sigma_F   ? 
_reflns.d_resolution_low             ? 
_reflns.d_resolution_high            ? 
_reflns.number_obs                   7824 
_reflns.number_all                   ? 
_reflns.percent_possible_obs         81.6 
_reflns.pdbx_Rmerge_I_obs            0.0374 
_reflns.pdbx_Rsym_value              ? 
_reflns.pdbx_netI_over_sigmaI        ? 
_reflns.B_iso_Wilson_estimate        ? 
_reflns.pdbx_redundancy              3. 
_reflns.pdbx_diffrn_id               1 
_reflns.pdbx_ordinal                 1 
# 
_refine.entry_id                                 1KRN 
_refine.ls_number_reflns_obs                     7696 
_refine.ls_number_reflns_all                     ? 
_refine.pdbx_ls_sigma_I                          ? 
_refine.pdbx_ls_sigma_F                          2.0 
_refine.pdbx_data_cutoff_high_absF               ? 
_refine.pdbx_data_cutoff_low_absF                ? 
_refine.pdbx_data_cutoff_high_rms_absF           ? 
_refine.ls_d_res_low                             10. 
_refine.ls_d_res_high                            1.67 
_refine.ls_percent_reflns_obs                    ? 
_refine.ls_R_factor_obs                          0.147 
_refine.ls_R_factor_all                          ? 
_refine.ls_R_factor_R_work                       0.147 
_refine.ls_R_factor_R_free                       0.232 
_refine.ls_R_factor_R_free_error                 ? 
_refine.ls_R_factor_R_free_error_details         ? 
_refine.ls_percent_reflns_R_free                 ? 
_refine.ls_number_reflns_R_free                  ? 
_refine.ls_number_parameters                     ? 
_refine.ls_number_restraints                     ? 
_refine.occupancy_min                            ? 
_refine.occupancy_max                            ? 
_refine.B_iso_mean                               ? 
_refine.aniso_B[1][1]                            ? 
_refine.aniso_B[2][2]                            ? 
_refine.aniso_B[3][3]                            ? 
_refine.aniso_B[1][2]                            ? 
_refine.aniso_B[1][3]                            ? 
_refine.aniso_B[2][3]                            ? 
_refine.solvent_model_details                    ? 
_refine.solvent_model_param_ksol                 ? 
_refine.solvent_model_param_bsol                 ? 
_refine.pdbx_ls_cross_valid_method               ? 
_refine.details                                  ? 
_refine.pdbx_starting_model                      ? 
_refine.pdbx_method_to_determine_struct          ? 
_refine.pdbx_isotropic_thermal_model             ? 
_refine.pdbx_stereochemistry_target_values       ? 
_refine.pdbx_stereochem_target_val_spec_case     ? 
_refine.pdbx_R_Free_selection_details            ? 
_refine.pdbx_overall_ESU_R                       ? 
_refine.pdbx_overall_ESU_R_Free                  ? 
_refine.overall_SU_ML                            ? 
_refine.overall_SU_B                             ? 
_refine.pdbx_refine_id                           'X-RAY DIFFRACTION' 
_refine.pdbx_diffrn_id                           1 
_refine.pdbx_TLS_residual_ADP_flag               ? 
_refine.correlation_coeff_Fo_to_Fc               ? 
_refine.correlation_coeff_Fo_to_Fc_free          ? 
_refine.pdbx_solvent_vdw_probe_radii             ? 
_refine.pdbx_solvent_ion_probe_radii             ? 
_refine.pdbx_solvent_shrinkage_radii             ? 
_refine.pdbx_overall_phase_error                 ? 
_refine.overall_SU_R_Cruickshank_DPI             ? 
_refine.pdbx_overall_SU_R_free_Cruickshank_DPI   ? 
_refine.pdbx_overall_SU_R_Blow_DPI               ? 
_refine.pdbx_overall_SU_R_free_Blow_DPI          ? 
# 
_refine_analyze.entry_id                        1KRN 
_refine_analyze.Luzzati_coordinate_error_obs    0.17 
_refine_analyze.Luzzati_sigma_a_obs             ? 
_refine_analyze.Luzzati_d_res_low_obs           ? 
_refine_analyze.Luzzati_coordinate_error_free   ? 
_refine_analyze.Luzzati_sigma_a_free            ? 
_refine_analyze.Luzzati_d_res_low_free          ? 
_refine_analyze.number_disordered_residues      ? 
_refine_analyze.occupancy_sum_hydrogen          ? 
_refine_analyze.occupancy_sum_non_hydrogen      ? 
_refine_analyze.pdbx_refine_id                  'X-RAY DIFFRACTION' 
# 
_refine_hist.pdbx_refine_id                   'X-RAY DIFFRACTION' 
_refine_hist.cycle_id                         LAST 
_refine_hist.pdbx_number_atoms_protein        632 
_refine_hist.pdbx_number_atoms_nucleic_acid   0 
_refine_hist.pdbx_number_atoms_ligand         0 
_refine_hist.number_atoms_solvent             259 
_refine_hist.number_atoms_total               891 
_refine_hist.d_res_high                       1.67 
_refine_hist.d_res_low                        10. 
# 
loop_
_refine_ls_restr.type 
_refine_ls_restr.dev_ideal 
_refine_ls_restr.dev_ideal_target 
_refine_ls_restr.weight 
_refine_ls_restr.number 
_refine_ls_restr.pdbx_refine_id 
_refine_ls_restr.pdbx_restraint_function 
x_bond_d                0.009 ? ? ? 'X-RAY DIFFRACTION' ? 
x_bond_d_na             ?     ? ? ? 'X-RAY DIFFRACTION' ? 
x_bond_d_prot           ?     ? ? ? 'X-RAY DIFFRACTION' ? 
x_angle_d               ?     ? ? ? 'X-RAY DIFFRACTION' ? 
x_angle_d_na            ?     ? ? ? 'X-RAY DIFFRACTION' ? 
x_angle_d_prot          ?     ? ? ? 'X-RAY DIFFRACTION' ? 
x_angle_deg             ?     ? ? ? 'X-RAY DIFFRACTION' ? 
x_angle_deg_na          ?     ? ? ? 'X-RAY DIFFRACTION' ? 
x_angle_deg_prot        ?     ? ? ? 'X-RAY DIFFRACTION' ? 
x_dihedral_angle_d      ?     ? ? ? 'X-RAY DIFFRACTION' ? 
x_dihedral_angle_d_na   ?     ? ? ? 'X-RAY DIFFRACTION' ? 
x_dihedral_angle_d_prot ?     ? ? ? 'X-RAY DIFFRACTION' ? 
x_improper_angle_d      ?     ? ? ? 'X-RAY DIFFRACTION' ? 
x_improper_angle_d_na   ?     ? ? ? 'X-RAY DIFFRACTION' ? 
x_improper_angle_d_prot ?     ? ? ? 'X-RAY DIFFRACTION' ? 
x_mcbond_it             ?     ? ? ? 'X-RAY DIFFRACTION' ? 
x_mcangle_it            ?     ? ? ? 'X-RAY DIFFRACTION' ? 
x_scbond_it             ?     ? ? ? 'X-RAY DIFFRACTION' ? 
x_scangle_it            ?     ? ? ? 'X-RAY DIFFRACTION' ? 
# 
_struct.entry_id                  1KRN 
_struct.title                     'STRUCTURE OF KRINGLE 4 AT 4C TEMPERATURE AND 1.67 ANGSTROMS RESOLUTION' 
_struct.pdbx_model_details        ? 
_struct.pdbx_CASP_flag            ? 
_struct.pdbx_model_type_details   ? 
# 
_struct_keywords.entry_id        1KRN 
_struct_keywords.pdbx_keywords   'SERINE PROTEASE' 
_struct_keywords.text            'KRINGLE, BLOOD, PLASMINOGEN, SERINE PROTEASE' 
# 
loop_
_struct_asym.id 
_struct_asym.pdbx_blank_PDB_chainid_flag 
_struct_asym.pdbx_modified 
_struct_asym.entity_id 
_struct_asym.details 
A N N 1 ? 
B N N 2 ? 
C N N 3 ? 
# 
_struct_ref.id                         1 
_struct_ref.db_name                    UNP 
_struct_ref.db_code                    PLMN_HUMAN 
_struct_ref.entity_id                  1 
_struct_ref.pdbx_db_accession          P00747 
_struct_ref.pdbx_align_begin           1 
_struct_ref.pdbx_seq_one_letter_code   
;MEHKEVVLLLLLFLKSGQGEPLDDYVNTQGASLFSVTKKQLGAGSIEECAAKCEEDEEFTCRAFQYHSKEQQCVIMAENR
KSSIIIRMRDVVLFEKKVYLSECKTGNGKNYRGTMSKTKNGITCQKWSSTSPHRPRFSPATHPSEGLEENYCRNPDNDPQ
GPWCYTTDPEKRYDYCDILECEEECMHCSGENYDGKISKTMSGLECQAWDSQSPHAHGYIPSKFPNKNLKKNYCRNPDRE
LRPWCFTTDPNKRWELCDIPRCTTPPPSSGPTYQCLKGTGENYRGNVAVTVSGHTCQHWSAQTPHTHNRTPENFPCKNLD
ENYCRNPDGKRAPWCHTTNSQVRWEYCKIPSCDSSPVSTEQLAPTAPPELTPVVQDCYHGDGQSYRGTSSTTTTGKKCQS
WSSMTPHRHQKTPENYPNAGLTMNYCRNPDADKGPWCFTTDPSVRWEYCNLKKCSGTEASVVAPPPVVLLPDVETPSEED
CMFGNGKGYRGKRATTVTGTPCQDWAAQEPHRHSIFTPETNPRAGLEKNYCRNPDGDVGGPWCYTTNPRKLYDYCDVPQC
AAPSFDCGKPQVEPKKCPGRVVGGCVAHPHSWPWQVSLRTRFGMHFCGGTLISPEWVLTAAHCLEKSPRPSSYKVILGAH
QEVNLEPHVQEIEVSRLFLEPTRKDIALLKLSSPAVITDKVIPACLPSPNYVVADRTECFITGWGETQGTFGAGLLKEAQ
LPVIENKVCNRYEFLNGRVQSTELCAGHLAGGTDSCQGDSGGPLVCFEKDKYILQGVTSWGLGCARPNKPGVYVRVSRFV
TWIEGVMRNN
;
_struct_ref.pdbx_db_isoform            ? 
# 
_struct_ref_seq.align_id                      1 
_struct_ref_seq.ref_id                        1 
_struct_ref_seq.pdbx_PDB_id_code              1KRN 
_struct_ref_seq.pdbx_strand_id                A 
_struct_ref_seq.seq_align_beg                 1 
_struct_ref_seq.pdbx_seq_align_beg_ins_code   ? 
_struct_ref_seq.seq_align_end                 88 
_struct_ref_seq.pdbx_seq_align_end_ins_code   ? 
_struct_ref_seq.pdbx_db_accession             P00747 
_struct_ref_seq.db_align_beg                  374 
_struct_ref_seq.pdbx_db_align_beg_ins_code    ? 
_struct_ref_seq.db_align_end                  461 
_struct_ref_seq.pdbx_db_align_end_ins_code    ? 
_struct_ref_seq.pdbx_auth_seq_align_beg       63 
_struct_ref_seq.pdbx_auth_seq_align_end       150 
# 
_pdbx_struct_assembly.id                   1 
_pdbx_struct_assembly.details              author_defined_assembly 
_pdbx_struct_assembly.method_details       ? 
_pdbx_struct_assembly.oligomeric_details   monomeric 
_pdbx_struct_assembly.oligomeric_count     1 
# 
_pdbx_struct_assembly_gen.assembly_id       1 
_pdbx_struct_assembly_gen.oper_expression   1 
_pdbx_struct_assembly_gen.asym_id_list      A,B,C 
# 
_pdbx_struct_oper_list.id                   1 
_pdbx_struct_oper_list.type                 'identity operation' 
_pdbx_struct_oper_list.name                 1_555 
_pdbx_struct_oper_list.symmetry_operation   x,y,z 
_pdbx_struct_oper_list.matrix[1][1]         1.0000000000 
_pdbx_struct_oper_list.matrix[1][2]         0.0000000000 
_pdbx_struct_oper_list.matrix[1][3]         0.0000000000 
_pdbx_struct_oper_list.vector[1]            0.0000000000 
_pdbx_struct_oper_list.matrix[2][1]         0.0000000000 
_pdbx_struct_oper_list.matrix[2][2]         1.0000000000 
_pdbx_struct_oper_list.matrix[2][3]         0.0000000000 
_pdbx_struct_oper_list.vector[2]            0.0000000000 
_pdbx_struct_oper_list.matrix[3][1]         0.0000000000 
_pdbx_struct_oper_list.matrix[3][2]         0.0000000000 
_pdbx_struct_oper_list.matrix[3][3]         1.0000000000 
_pdbx_struct_oper_list.vector[3]            0.0000000000 
# 
_struct_biol.id   1 
# 
loop_
_struct_conn.id 
_struct_conn.conn_type_id 
_struct_conn.pdbx_leaving_atom_flag 
_struct_conn.pdbx_PDB_id 
_struct_conn.ptnr1_label_asym_id 
_struct_conn.ptnr1_label_comp_id 
_struct_conn.ptnr1_label_seq_id 
_struct_conn.ptnr1_label_atom_id 
_struct_conn.pdbx_ptnr1_label_alt_id 
_struct_conn.pdbx_ptnr1_PDB_ins_code 
_struct_conn.pdbx_ptnr1_standard_comp_id 
_struct_conn.ptnr1_symmetry 
_struct_conn.ptnr2_label_asym_id 
_struct_conn.ptnr2_label_comp_id 
_struct_conn.ptnr2_label_seq_id 
_struct_conn.ptnr2_label_atom_id 
_struct_conn.pdbx_ptnr2_label_alt_id 
_struct_conn.pdbx_ptnr2_PDB_ins_code 
_struct_conn.ptnr1_auth_asym_id 
_struct_conn.ptnr1_auth_comp_id 
_struct_conn.ptnr1_auth_seq_id 
_struct_conn.ptnr2_auth_asym_id 
_struct_conn.ptnr2_auth_comp_id 
_struct_conn.ptnr2_auth_seq_id 
_struct_conn.ptnr2_symmetry 
_struct_conn.pdbx_ptnr3_label_atom_id 
_struct_conn.pdbx_ptnr3_label_seq_id 
_struct_conn.pdbx_ptnr3_label_comp_id 
_struct_conn.pdbx_ptnr3_label_asym_id 
_struct_conn.pdbx_ptnr3_label_alt_id 
_struct_conn.pdbx_ptnr3_PDB_ins_code 
_struct_conn.details 
_struct_conn.pdbx_dist_value 
_struct_conn.pdbx_value_order 
_struct_conn.pdbx_role 
disulf1 disulf ? ? A CYS 4  SG ? ? ? 1_555 A CYS 81 SG ? ? A CYS 66  A CYS 143 1_555 ? ? ? ? ? ? ? 2.018 ? ? 
disulf2 disulf ? ? A CYS 25 SG ? ? ? 1_555 A CYS 64 SG ? ? A CYS 87  A CYS 126 1_555 ? ? ? ? ? ? ? 1.993 ? ? 
disulf3 disulf ? ? A CYS 53 SG ? ? ? 1_555 A CYS 76 SG A ? A CYS 115 A CYS 138 1_555 ? ? ? ? ? ? ? 1.968 ? ? 
disulf4 disulf ? ? A CYS 53 SG ? ? ? 1_555 A CYS 76 SG B ? A CYS 115 A CYS 138 1_555 ? ? ? ? ? ? ? 2.025 ? ? 
# 
_struct_conn_type.id          disulf 
_struct_conn_type.criteria    ? 
_struct_conn_type.reference   ? 
# 
loop_
_pdbx_modification_feature.ordinal 
_pdbx_modification_feature.label_comp_id 
_pdbx_modification_feature.label_asym_id 
_pdbx_modification_feature.label_seq_id 
_pdbx_modification_feature.label_alt_id 
_pdbx_modification_feature.modified_residue_label_comp_id 
_pdbx_modification_feature.modified_residue_label_asym_id 
_pdbx_modification_feature.modified_residue_label_seq_id 
_pdbx_modification_feature.modified_residue_label_alt_id 
_pdbx_modification_feature.auth_comp_id 
_pdbx_modification_feature.auth_asym_id 
_pdbx_modification_feature.auth_seq_id 
_pdbx_modification_feature.PDB_ins_code 
_pdbx_modification_feature.symmetry 
_pdbx_modification_feature.modified_residue_auth_comp_id 
_pdbx_modification_feature.modified_residue_auth_asym_id 
_pdbx_modification_feature.modified_residue_auth_seq_id 
_pdbx_modification_feature.modified_residue_PDB_ins_code 
_pdbx_modification_feature.modified_residue_symmetry 
_pdbx_modification_feature.comp_id_linking_atom 
_pdbx_modification_feature.modified_residue_id_linking_atom 
_pdbx_modification_feature.modified_residue_id 
_pdbx_modification_feature.ref_pcm_id 
_pdbx_modification_feature.ref_comp_id 
_pdbx_modification_feature.type 
_pdbx_modification_feature.category 
1 CYS A 4  ? CYS A 81 ? CYS A 66  ? 1_555 CYS A 143 ? 1_555 SG SG . . . None 'Disulfide bridge' 
2 CYS A 25 ? CYS A 64 ? CYS A 87  ? 1_555 CYS A 126 ? 1_555 SG SG . . . None 'Disulfide bridge' 
3 CYS A 53 ? CYS A 76 A CYS A 115 ? 1_555 CYS A 138 ? 1_555 SG SG . . . None 'Disulfide bridge' 
4 CYS A 53 ? CYS A 76 B CYS A 115 ? 1_555 CYS A 138 ? 1_555 SG SG . . . None 'Disulfide bridge' 
# 
_struct_mon_prot_cis.pdbx_id                1 
_struct_mon_prot_cis.label_comp_id          THR 
_struct_mon_prot_cis.label_seq_id           32 
_struct_mon_prot_cis.label_asym_id          A 
_struct_mon_prot_cis.label_alt_id           . 
_struct_mon_prot_cis.pdbx_PDB_ins_code      ? 
_struct_mon_prot_cis.auth_comp_id           THR 
_struct_mon_prot_cis.auth_seq_id            94 
_struct_mon_prot_cis.auth_asym_id           A 
_struct_mon_prot_cis.pdbx_label_comp_id_2   PRO 
_struct_mon_prot_cis.pdbx_label_seq_id_2    33 
_struct_mon_prot_cis.pdbx_label_asym_id_2   A 
_struct_mon_prot_cis.pdbx_PDB_ins_code_2    ? 
_struct_mon_prot_cis.pdbx_auth_comp_id_2    PRO 
_struct_mon_prot_cis.pdbx_auth_seq_id_2     95 
_struct_mon_prot_cis.pdbx_auth_asym_id_2    A 
_struct_mon_prot_cis.pdbx_PDB_model_num     1 
_struct_mon_prot_cis.pdbx_omega_angle       1.57 
# 
_struct_sheet.id               A 
_struct_sheet.type             ? 
_struct_sheet.number_strands   2 
_struct_sheet.details          ? 
# 
_struct_sheet_order.sheet_id     A 
_struct_sheet_order.range_id_1   1 
_struct_sheet_order.range_id_2   2 
_struct_sheet_order.offset       ? 
_struct_sheet_order.sense        anti-parallel 
# 
loop_
_struct_sheet_range.sheet_id 
_struct_sheet_range.id 
_struct_sheet_range.beg_label_comp_id 
_struct_sheet_range.beg_label_asym_id 
_struct_sheet_range.beg_label_seq_id 
_struct_sheet_range.pdbx_beg_PDB_ins_code 
_struct_sheet_range.end_label_comp_id 
_struct_sheet_range.end_label_asym_id 
_struct_sheet_range.end_label_seq_id 
_struct_sheet_range.pdbx_end_PDB_ins_code 
_struct_sheet_range.beg_auth_comp_id 
_struct_sheet_range.beg_auth_asym_id 
_struct_sheet_range.beg_auth_seq_id 
_struct_sheet_range.end_auth_comp_id 
_struct_sheet_range.end_auth_asym_id 
_struct_sheet_range.end_auth_seq_id 
A 1 TRP A 63 ? PHE A 65 ? TRP A 125 PHE A 127 
A 2 TRP A 73 ? TYR A 75 ? TRP A 135 TYR A 137 
# 
_pdbx_struct_sheet_hbond.sheet_id                A 
_pdbx_struct_sheet_hbond.range_id_1              1 
_pdbx_struct_sheet_hbond.range_id_2              2 
_pdbx_struct_sheet_hbond.range_1_label_atom_id   O 
_pdbx_struct_sheet_hbond.range_1_label_comp_id   CYS 
_pdbx_struct_sheet_hbond.range_1_label_asym_id   A 
_pdbx_struct_sheet_hbond.range_1_label_seq_id    64 
_pdbx_struct_sheet_hbond.range_1_PDB_ins_code    ? 
_pdbx_struct_sheet_hbond.range_1_auth_atom_id    O 
_pdbx_struct_sheet_hbond.range_1_auth_comp_id    CYS 
_pdbx_struct_sheet_hbond.range_1_auth_asym_id    A 
_pdbx_struct_sheet_hbond.range_1_auth_seq_id     126 
_pdbx_struct_sheet_hbond.range_2_label_atom_id   N 
_pdbx_struct_sheet_hbond.range_2_label_comp_id   GLU 
_pdbx_struct_sheet_hbond.range_2_label_asym_id   A 
_pdbx_struct_sheet_hbond.range_2_label_seq_id    74 
_pdbx_struct_sheet_hbond.range_2_PDB_ins_code    ? 
_pdbx_struct_sheet_hbond.range_2_auth_atom_id    N 
_pdbx_struct_sheet_hbond.range_2_auth_comp_id    GLU 
_pdbx_struct_sheet_hbond.range_2_auth_asym_id    A 
_pdbx_struct_sheet_hbond.range_2_auth_seq_id     136 
# 
loop_
_struct_site.id 
_struct_site.pdbx_evidence_code 
_struct_site.pdbx_auth_asym_id 
_struct_site.pdbx_auth_comp_id 
_struct_site.pdbx_auth_seq_id 
_struct_site.pdbx_auth_ins_code 
_struct_site.pdbx_num_residues 
_struct_site.details 
SO4 Unknown  ? ?   ?   ? 2 
'SULFATE BINDING SITE. THE ACTIVE SITE ALSO CONTAINS RESIDUES ARG 97 AND ARG 122 FROM A SYMMETRY-RELATED MOLECULE.' 
AC1 Software A SO4 165 ? 8 'BINDING SITE FOR RESIDUE SO4 A 165' 
# 
loop_
_struct_site_gen.id 
_struct_site_gen.site_id 
_struct_site_gen.pdbx_num_res 
_struct_site_gen.label_comp_id 
_struct_site_gen.label_asym_id 
_struct_site_gen.label_seq_id 
_struct_site_gen.pdbx_auth_ins_code 
_struct_site_gen.auth_comp_id 
_struct_site_gen.auth_asym_id 
_struct_site_gen.auth_seq_id 
_struct_site_gen.label_atom_id 
_struct_site_gen.label_alt_id 
_struct_site_gen.symmetry 
_struct_site_gen.details 
1  SO4 2 LYS A 38 ? LYS A 100 . ? 1_555 ? 
2  SO4 2 ARG A 72 ? ARG A 134 . ? 1_555 ? 
3  AC1 8 ARG A 35 ? ARG A 97  . ? 2_554 ? 
4  AC1 8 LYS A 38 ? LYS A 100 . ? 1_555 ? 
5  AC1 8 LYS A 60 ? LYS A 122 . ? 2_555 ? 
6  AC1 8 PHE A 65 ? PHE A 127 . ? 1_555 ? 
7  AC1 8 ARG A 72 ? ARG A 134 . ? 1_555 ? 
8  AC1 8 HOH C .  ? HOH A 166 . ? 1_555 ? 
9  AC1 8 HOH C .  ? HOH A 241 . ? 1_555 ? 
10 AC1 8 HOH C .  ? HOH A 267 . ? 1_555 ? 
# 
_pdbx_entry_details.entry_id                   1KRN 
_pdbx_entry_details.compound_details           ? 
_pdbx_entry_details.source_details             ? 
_pdbx_entry_details.nonpolymer_details         ? 
_pdbx_entry_details.sequence_details           ? 
_pdbx_entry_details.has_ligand_of_interest     ? 
_pdbx_entry_details.has_protein_modification   Y 
# 
_pdbx_validate_close_contact.id               1 
_pdbx_validate_close_contact.PDB_model_num    1 
_pdbx_validate_close_contact.auth_atom_id_1   OG1 
_pdbx_validate_close_contact.auth_asym_id_1   A 
_pdbx_validate_close_contact.auth_comp_id_1   THR 
_pdbx_validate_close_contact.auth_seq_id_1    80 
_pdbx_validate_close_contact.PDB_ins_code_1   ? 
_pdbx_validate_close_contact.label_alt_id_1   B 
_pdbx_validate_close_contact.auth_atom_id_2   O 
_pdbx_validate_close_contact.auth_asym_id_2   A 
_pdbx_validate_close_contact.auth_comp_id_2   HOH 
_pdbx_validate_close_contact.auth_seq_id_2    377 
_pdbx_validate_close_contact.PDB_ins_code_2   ? 
_pdbx_validate_close_contact.label_alt_id_2   ? 
_pdbx_validate_close_contact.dist             2.13 
# 
loop_
_pdbx_validate_rmsd_angle.id 
_pdbx_validate_rmsd_angle.PDB_model_num 
_pdbx_validate_rmsd_angle.auth_atom_id_1 
_pdbx_validate_rmsd_angle.auth_asym_id_1 
_pdbx_validate_rmsd_angle.auth_comp_id_1 
_pdbx_validate_rmsd_angle.auth_seq_id_1 
_pdbx_validate_rmsd_angle.PDB_ins_code_1 
_pdbx_validate_rmsd_angle.label_alt_id_1 
_pdbx_validate_rmsd_angle.auth_atom_id_2 
_pdbx_validate_rmsd_angle.auth_asym_id_2 
_pdbx_validate_rmsd_angle.auth_comp_id_2 
_pdbx_validate_rmsd_angle.auth_seq_id_2 
_pdbx_validate_rmsd_angle.PDB_ins_code_2 
_pdbx_validate_rmsd_angle.label_alt_id_2 
_pdbx_validate_rmsd_angle.auth_atom_id_3 
_pdbx_validate_rmsd_angle.auth_asym_id_3 
_pdbx_validate_rmsd_angle.auth_comp_id_3 
_pdbx_validate_rmsd_angle.auth_seq_id_3 
_pdbx_validate_rmsd_angle.PDB_ins_code_3 
_pdbx_validate_rmsd_angle.label_alt_id_3 
_pdbx_validate_rmsd_angle.angle_value 
_pdbx_validate_rmsd_angle.angle_target_value 
_pdbx_validate_rmsd_angle.angle_deviation 
_pdbx_validate_rmsd_angle.angle_standard_deviation 
_pdbx_validate_rmsd_angle.linker_flag 
1  1 NE  A ARG 75  ? ? CZ  A ARG 75  ? ? NH1 A ARG 75  ? ? 125.46 120.30 5.16   0.50 N 
2  1 CA  A THR 80  ? B CB  A THR 80  ? B CG2 A THR 80  ? B 102.64 112.40 -9.76  1.40 N 
3  1 CD1 A TRP 90  ? ? CG  A TRP 90  ? ? CD2 A TRP 90  ? ? 113.03 106.30 6.73   0.80 N 
4  1 CG  A TRP 90  ? ? CD1 A TRP 90  ? ? NE1 A TRP 90  ? ? 103.76 110.10 -6.34  1.00 N 
5  1 CE2 A TRP 90  ? ? CD2 A TRP 90  ? ? CG  A TRP 90  ? ? 102.22 107.30 -5.08  0.80 N 
6  1 NE  A ARG 97  ? ? CZ  A ARG 97  ? ? NH1 A ARG 97  ? ? 124.69 120.30 4.39   0.50 N 
7  1 NE  A ARG 97  ? ? CZ  A ARG 97  ? ? NH2 A ARG 97  ? ? 116.78 120.30 -3.52  0.50 N 
8  1 CD1 A TRP 125 ? ? CG  A TRP 125 ? ? CD2 A TRP 125 ? ? 112.85 106.30 6.55   0.80 N 
9  1 CE2 A TRP 125 ? ? CD2 A TRP 125 ? ? CG  A TRP 125 ? ? 101.99 107.30 -5.31  0.80 N 
10 1 NE  A ARG 134 ? ? CZ  A ARG 134 ? ? NH1 A ARG 134 ? ? 124.48 120.30 4.18   0.50 N 
11 1 CD1 A TRP 135 ? ? CG  A TRP 135 ? ? CD2 A TRP 135 ? ? 111.81 106.30 5.51   0.80 N 
12 1 CE2 A TRP 135 ? ? CD2 A TRP 135 ? ? CG  A TRP 135 ? ? 102.30 107.30 -5.00  0.80 N 
13 1 CA  A CYS 138 ? B CB  A CYS 138 ? B SG  A CYS 138 ? B 102.68 114.00 -11.32 1.80 N 
# 
loop_
_pdbx_validate_torsion.id 
_pdbx_validate_torsion.PDB_model_num 
_pdbx_validate_torsion.auth_comp_id 
_pdbx_validate_torsion.auth_asym_id 
_pdbx_validate_torsion.auth_seq_id 
_pdbx_validate_torsion.PDB_ins_code 
_pdbx_validate_torsion.label_alt_id 
_pdbx_validate_torsion.phi 
_pdbx_validate_torsion.psi 
1 1 SER A 79  ? ? -149.07 30.53   
2 1 SER A 79  ? ? -149.57 32.19   
3 1 MET A 112 ? A 49.18   -132.71 
4 1 MET A 112 ? B 48.60   -132.13 
# 
loop_
_pdbx_unobs_or_zero_occ_residues.id 
_pdbx_unobs_or_zero_occ_residues.PDB_model_num 
_pdbx_unobs_or_zero_occ_residues.polymer_flag 
_pdbx_unobs_or_zero_occ_residues.occupancy_flag 
_pdbx_unobs_or_zero_occ_residues.auth_asym_id 
_pdbx_unobs_or_zero_occ_residues.auth_comp_id 
_pdbx_unobs_or_zero_occ_residues.auth_seq_id 
_pdbx_unobs_or_zero_occ_residues.PDB_ins_code 
_pdbx_unobs_or_zero_occ_residues.label_asym_id 
_pdbx_unobs_or_zero_occ_residues.label_comp_id 
_pdbx_unobs_or_zero_occ_residues.label_seq_id 
1 1 Y 1 A VAL 63  ? A VAL 1  
2 1 Y 1 A GLN 64  ? A GLN 2  
3 1 Y 1 A SER 144 ? A SER 82 
4 1 Y 1 A GLY 145 ? A GLY 83 
5 1 Y 1 A THR 146 ? A THR 84 
6 1 Y 1 A GLU 147 ? A GLU 85 
7 1 Y 1 A ALA 148 ? A ALA 86 
8 1 Y 1 A SER 149 ? A SER 87 
9 1 Y 1 A VAL 150 ? A VAL 88 
# 
loop_
_chem_comp_atom.comp_id 
_chem_comp_atom.atom_id 
_chem_comp_atom.type_symbol 
_chem_comp_atom.pdbx_aromatic_flag 
_chem_comp_atom.pdbx_stereo_config 
_chem_comp_atom.pdbx_ordinal 
ALA N    N N N 1   
ALA CA   C N S 2   
ALA C    C N N 3   
ALA O    O N N 4   
ALA CB   C N N 5   
ALA OXT  O N N 6   
ALA H    H N N 7   
ALA H2   H N N 8   
ALA HA   H N N 9   
ALA HB1  H N N 10  
ALA HB2  H N N 11  
ALA HB3  H N N 12  
ALA HXT  H N N 13  
ARG N    N N N 14  
ARG CA   C N S 15  
ARG C    C N N 16  
ARG O    O N N 17  
ARG CB   C N N 18  
ARG CG   C N N 19  
ARG CD   C N N 20  
ARG NE   N N N 21  
ARG CZ   C N N 22  
ARG NH1  N N N 23  
ARG NH2  N N N 24  
ARG OXT  O N N 25  
ARG H    H N N 26  
ARG H2   H N N 27  
ARG HA   H N N 28  
ARG HB2  H N N 29  
ARG HB3  H N N 30  
ARG HG2  H N N 31  
ARG HG3  H N N 32  
ARG HD2  H N N 33  
ARG HD3  H N N 34  
ARG HE   H N N 35  
ARG HH11 H N N 36  
ARG HH12 H N N 37  
ARG HH21 H N N 38  
ARG HH22 H N N 39  
ARG HXT  H N N 40  
ASN N    N N N 41  
ASN CA   C N S 42  
ASN C    C N N 43  
ASN O    O N N 44  
ASN CB   C N N 45  
ASN CG   C N N 46  
ASN OD1  O N N 47  
ASN ND2  N N N 48  
ASN OXT  O N N 49  
ASN H    H N N 50  
ASN H2   H N N 51  
ASN HA   H N N 52  
ASN HB2  H N N 53  
ASN HB3  H N N 54  
ASN HD21 H N N 55  
ASN HD22 H N N 56  
ASN HXT  H N N 57  
ASP N    N N N 58  
ASP CA   C N S 59  
ASP C    C N N 60  
ASP O    O N N 61  
ASP CB   C N N 62  
ASP CG   C N N 63  
ASP OD1  O N N 64  
ASP OD2  O N N 65  
ASP OXT  O N N 66  
ASP H    H N N 67  
ASP H2   H N N 68  
ASP HA   H N N 69  
ASP HB2  H N N 70  
ASP HB3  H N N 71  
ASP HD2  H N N 72  
ASP HXT  H N N 73  
CYS N    N N N 74  
CYS CA   C N R 75  
CYS C    C N N 76  
CYS O    O N N 77  
CYS CB   C N N 78  
CYS SG   S N N 79  
CYS OXT  O N N 80  
CYS H    H N N 81  
CYS H2   H N N 82  
CYS HA   H N N 83  
CYS HB2  H N N 84  
CYS HB3  H N N 85  
CYS HG   H N N 86  
CYS HXT  H N N 87  
GLN N    N N N 88  
GLN CA   C N S 89  
GLN C    C N N 90  
GLN O    O N N 91  
GLN CB   C N N 92  
GLN CG   C N N 93  
GLN CD   C N N 94  
GLN OE1  O N N 95  
GLN NE2  N N N 96  
GLN OXT  O N N 97  
GLN H    H N N 98  
GLN H2   H N N 99  
GLN HA   H N N 100 
GLN HB2  H N N 101 
GLN HB3  H N N 102 
GLN HG2  H N N 103 
GLN HG3  H N N 104 
GLN HE21 H N N 105 
GLN HE22 H N N 106 
GLN HXT  H N N 107 
GLU N    N N N 108 
GLU CA   C N S 109 
GLU C    C N N 110 
GLU O    O N N 111 
GLU CB   C N N 112 
GLU CG   C N N 113 
GLU CD   C N N 114 
GLU OE1  O N N 115 
GLU OE2  O N N 116 
GLU OXT  O N N 117 
GLU H    H N N 118 
GLU H2   H N N 119 
GLU HA   H N N 120 
GLU HB2  H N N 121 
GLU HB3  H N N 122 
GLU HG2  H N N 123 
GLU HG3  H N N 124 
GLU HE2  H N N 125 
GLU HXT  H N N 126 
GLY N    N N N 127 
GLY CA   C N N 128 
GLY C    C N N 129 
GLY O    O N N 130 
GLY OXT  O N N 131 
GLY H    H N N 132 
GLY H2   H N N 133 
GLY HA2  H N N 134 
GLY HA3  H N N 135 
GLY HXT  H N N 136 
HIS N    N N N 137 
HIS CA   C N S 138 
HIS C    C N N 139 
HIS O    O N N 140 
HIS CB   C N N 141 
HIS CG   C Y N 142 
HIS ND1  N Y N 143 
HIS CD2  C Y N 144 
HIS CE1  C Y N 145 
HIS NE2  N Y N 146 
HIS OXT  O N N 147 
HIS H    H N N 148 
HIS H2   H N N 149 
HIS HA   H N N 150 
HIS HB2  H N N 151 
HIS HB3  H N N 152 
HIS HD1  H N N 153 
HIS HD2  H N N 154 
HIS HE1  H N N 155 
HIS HE2  H N N 156 
HIS HXT  H N N 157 
HOH O    O N N 158 
HOH H1   H N N 159 
HOH H2   H N N 160 
LEU N    N N N 161 
LEU CA   C N S 162 
LEU C    C N N 163 
LEU O    O N N 164 
LEU CB   C N N 165 
LEU CG   C N N 166 
LEU CD1  C N N 167 
LEU CD2  C N N 168 
LEU OXT  O N N 169 
LEU H    H N N 170 
LEU H2   H N N 171 
LEU HA   H N N 172 
LEU HB2  H N N 173 
LEU HB3  H N N 174 
LEU HG   H N N 175 
LEU HD11 H N N 176 
LEU HD12 H N N 177 
LEU HD13 H N N 178 
LEU HD21 H N N 179 
LEU HD22 H N N 180 
LEU HD23 H N N 181 
LEU HXT  H N N 182 
LYS N    N N N 183 
LYS CA   C N S 184 
LYS C    C N N 185 
LYS O    O N N 186 
LYS CB   C N N 187 
LYS CG   C N N 188 
LYS CD   C N N 189 
LYS CE   C N N 190 
LYS NZ   N N N 191 
LYS OXT  O N N 192 
LYS H    H N N 193 
LYS H2   H N N 194 
LYS HA   H N N 195 
LYS HB2  H N N 196 
LYS HB3  H N N 197 
LYS HG2  H N N 198 
LYS HG3  H N N 199 
LYS HD2  H N N 200 
LYS HD3  H N N 201 
LYS HE2  H N N 202 
LYS HE3  H N N 203 
LYS HZ1  H N N 204 
LYS HZ2  H N N 205 
LYS HZ3  H N N 206 
LYS HXT  H N N 207 
MET N    N N N 208 
MET CA   C N S 209 
MET C    C N N 210 
MET O    O N N 211 
MET CB   C N N 212 
MET CG   C N N 213 
MET SD   S N N 214 
MET CE   C N N 215 
MET OXT  O N N 216 
MET H    H N N 217 
MET H2   H N N 218 
MET HA   H N N 219 
MET HB2  H N N 220 
MET HB3  H N N 221 
MET HG2  H N N 222 
MET HG3  H N N 223 
MET HE1  H N N 224 
MET HE2  H N N 225 
MET HE3  H N N 226 
MET HXT  H N N 227 
PHE N    N N N 228 
PHE CA   C N S 229 
PHE C    C N N 230 
PHE O    O N N 231 
PHE CB   C N N 232 
PHE CG   C Y N 233 
PHE CD1  C Y N 234 
PHE CD2  C Y N 235 
PHE CE1  C Y N 236 
PHE CE2  C Y N 237 
PHE CZ   C Y N 238 
PHE OXT  O N N 239 
PHE H    H N N 240 
PHE H2   H N N 241 
PHE HA   H N N 242 
PHE HB2  H N N 243 
PHE HB3  H N N 244 
PHE HD1  H N N 245 
PHE HD2  H N N 246 
PHE HE1  H N N 247 
PHE HE2  H N N 248 
PHE HZ   H N N 249 
PHE HXT  H N N 250 
PRO N    N N N 251 
PRO CA   C N S 252 
PRO C    C N N 253 
PRO O    O N N 254 
PRO CB   C N N 255 
PRO CG   C N N 256 
PRO CD   C N N 257 
PRO OXT  O N N 258 
PRO H    H N N 259 
PRO HA   H N N 260 
PRO HB2  H N N 261 
PRO HB3  H N N 262 
PRO HG2  H N N 263 
PRO HG3  H N N 264 
PRO HD2  H N N 265 
PRO HD3  H N N 266 
PRO HXT  H N N 267 
SER N    N N N 268 
SER CA   C N S 269 
SER C    C N N 270 
SER O    O N N 271 
SER CB   C N N 272 
SER OG   O N N 273 
SER OXT  O N N 274 
SER H    H N N 275 
SER H2   H N N 276 
SER HA   H N N 277 
SER HB2  H N N 278 
SER HB3  H N N 279 
SER HG   H N N 280 
SER HXT  H N N 281 
SO4 S    S N N 282 
SO4 O1   O N N 283 
SO4 O2   O N N 284 
SO4 O3   O N N 285 
SO4 O4   O N N 286 
THR N    N N N 287 
THR CA   C N S 288 
THR C    C N N 289 
THR O    O N N 290 
THR CB   C N R 291 
THR OG1  O N N 292 
THR CG2  C N N 293 
THR OXT  O N N 294 
THR H    H N N 295 
THR H2   H N N 296 
THR HA   H N N 297 
THR HB   H N N 298 
THR HG1  H N N 299 
THR HG21 H N N 300 
THR HG22 H N N 301 
THR HG23 H N N 302 
THR HXT  H N N 303 
TRP N    N N N 304 
TRP CA   C N S 305 
TRP C    C N N 306 
TRP O    O N N 307 
TRP CB   C N N 308 
TRP CG   C Y N 309 
TRP CD1  C Y N 310 
TRP CD2  C Y N 311 
TRP NE1  N Y N 312 
TRP CE2  C Y N 313 
TRP CE3  C Y N 314 
TRP CZ2  C Y N 315 
TRP CZ3  C Y N 316 
TRP CH2  C Y N 317 
TRP OXT  O N N 318 
TRP H    H N N 319 
TRP H2   H N N 320 
TRP HA   H N N 321 
TRP HB2  H N N 322 
TRP HB3  H N N 323 
TRP HD1  H N N 324 
TRP HE1  H N N 325 
TRP HE3  H N N 326 
TRP HZ2  H N N 327 
TRP HZ3  H N N 328 
TRP HH2  H N N 329 
TRP HXT  H N N 330 
TYR N    N N N 331 
TYR CA   C N S 332 
TYR C    C N N 333 
TYR O    O N N 334 
TYR CB   C N N 335 
TYR CG   C Y N 336 
TYR CD1  C Y N 337 
TYR CD2  C Y N 338 
TYR CE1  C Y N 339 
TYR CE2  C Y N 340 
TYR CZ   C Y N 341 
TYR OH   O N N 342 
TYR OXT  O N N 343 
TYR H    H N N 344 
TYR H2   H N N 345 
TYR HA   H N N 346 
TYR HB2  H N N 347 
TYR HB3  H N N 348 
TYR HD1  H N N 349 
TYR HD2  H N N 350 
TYR HE1  H N N 351 
TYR HE2  H N N 352 
TYR HH   H N N 353 
TYR HXT  H N N 354 
VAL N    N N N 355 
VAL CA   C N S 356 
VAL C    C N N 357 
VAL O    O N N 358 
VAL CB   C N N 359 
VAL CG1  C N N 360 
VAL CG2  C N N 361 
VAL OXT  O N N 362 
VAL H    H N N 363 
VAL H2   H N N 364 
VAL HA   H N N 365 
VAL HB   H N N 366 
VAL HG11 H N N 367 
VAL HG12 H N N 368 
VAL HG13 H N N 369 
VAL HG21 H N N 370 
VAL HG22 H N N 371 
VAL HG23 H N N 372 
VAL HXT  H N N 373 
# 
loop_
_chem_comp_bond.comp_id 
_chem_comp_bond.atom_id_1 
_chem_comp_bond.atom_id_2 
_chem_comp_bond.value_order 
_chem_comp_bond.pdbx_aromatic_flag 
_chem_comp_bond.pdbx_stereo_config 
_chem_comp_bond.pdbx_ordinal 
ALA N   CA   sing N N 1   
ALA N   H    sing N N 2   
ALA N   H2   sing N N 3   
ALA CA  C    sing N N 4   
ALA CA  CB   sing N N 5   
ALA CA  HA   sing N N 6   
ALA C   O    doub N N 7   
ALA C   OXT  sing N N 8   
ALA CB  HB1  sing N N 9   
ALA CB  HB2  sing N N 10  
ALA CB  HB3  sing N N 11  
ALA OXT HXT  sing N N 12  
ARG N   CA   sing N N 13  
ARG N   H    sing N N 14  
ARG N   H2   sing N N 15  
ARG CA  C    sing N N 16  
ARG CA  CB   sing N N 17  
ARG CA  HA   sing N N 18  
ARG C   O    doub N N 19  
ARG C   OXT  sing N N 20  
ARG CB  CG   sing N N 21  
ARG CB  HB2  sing N N 22  
ARG CB  HB3  sing N N 23  
ARG CG  CD   sing N N 24  
ARG CG  HG2  sing N N 25  
ARG CG  HG3  sing N N 26  
ARG CD  NE   sing N N 27  
ARG CD  HD2  sing N N 28  
ARG CD  HD3  sing N N 29  
ARG NE  CZ   sing N N 30  
ARG NE  HE   sing N N 31  
ARG CZ  NH1  sing N N 32  
ARG CZ  NH2  doub N N 33  
ARG NH1 HH11 sing N N 34  
ARG NH1 HH12 sing N N 35  
ARG NH2 HH21 sing N N 36  
ARG NH2 HH22 sing N N 37  
ARG OXT HXT  sing N N 38  
ASN N   CA   sing N N 39  
ASN N   H    sing N N 40  
ASN N   H2   sing N N 41  
ASN CA  C    sing N N 42  
ASN CA  CB   sing N N 43  
ASN CA  HA   sing N N 44  
ASN C   O    doub N N 45  
ASN C   OXT  sing N N 46  
ASN CB  CG   sing N N 47  
ASN CB  HB2  sing N N 48  
ASN CB  HB3  sing N N 49  
ASN CG  OD1  doub N N 50  
ASN CG  ND2  sing N N 51  
ASN ND2 HD21 sing N N 52  
ASN ND2 HD22 sing N N 53  
ASN OXT HXT  sing N N 54  
ASP N   CA   sing N N 55  
ASP N   H    sing N N 56  
ASP N   H2   sing N N 57  
ASP CA  C    sing N N 58  
ASP CA  CB   sing N N 59  
ASP CA  HA   sing N N 60  
ASP C   O    doub N N 61  
ASP C   OXT  sing N N 62  
ASP CB  CG   sing N N 63  
ASP CB  HB2  sing N N 64  
ASP CB  HB3  sing N N 65  
ASP CG  OD1  doub N N 66  
ASP CG  OD2  sing N N 67  
ASP OD2 HD2  sing N N 68  
ASP OXT HXT  sing N N 69  
CYS N   CA   sing N N 70  
CYS N   H    sing N N 71  
CYS N   H2   sing N N 72  
CYS CA  C    sing N N 73  
CYS CA  CB   sing N N 74  
CYS CA  HA   sing N N 75  
CYS C   O    doub N N 76  
CYS C   OXT  sing N N 77  
CYS CB  SG   sing N N 78  
CYS CB  HB2  sing N N 79  
CYS CB  HB3  sing N N 80  
CYS SG  HG   sing N N 81  
CYS OXT HXT  sing N N 82  
GLN N   CA   sing N N 83  
GLN N   H    sing N N 84  
GLN N   H2   sing N N 85  
GLN CA  C    sing N N 86  
GLN CA  CB   sing N N 87  
GLN CA  HA   sing N N 88  
GLN C   O    doub N N 89  
GLN C   OXT  sing N N 90  
GLN CB  CG   sing N N 91  
GLN CB  HB2  sing N N 92  
GLN CB  HB3  sing N N 93  
GLN CG  CD   sing N N 94  
GLN CG  HG2  sing N N 95  
GLN CG  HG3  sing N N 96  
GLN CD  OE1  doub N N 97  
GLN CD  NE2  sing N N 98  
GLN NE2 HE21 sing N N 99  
GLN NE2 HE22 sing N N 100 
GLN OXT HXT  sing N N 101 
GLU N   CA   sing N N 102 
GLU N   H    sing N N 103 
GLU N   H2   sing N N 104 
GLU CA  C    sing N N 105 
GLU CA  CB   sing N N 106 
GLU CA  HA   sing N N 107 
GLU C   O    doub N N 108 
GLU C   OXT  sing N N 109 
GLU CB  CG   sing N N 110 
GLU CB  HB2  sing N N 111 
GLU CB  HB3  sing N N 112 
GLU CG  CD   sing N N 113 
GLU CG  HG2  sing N N 114 
GLU CG  HG3  sing N N 115 
GLU CD  OE1  doub N N 116 
GLU CD  OE2  sing N N 117 
GLU OE2 HE2  sing N N 118 
GLU OXT HXT  sing N N 119 
GLY N   CA   sing N N 120 
GLY N   H    sing N N 121 
GLY N   H2   sing N N 122 
GLY CA  C    sing N N 123 
GLY CA  HA2  sing N N 124 
GLY CA  HA3  sing N N 125 
GLY C   O    doub N N 126 
GLY C   OXT  sing N N 127 
GLY OXT HXT  sing N N 128 
HIS N   CA   sing N N 129 
HIS N   H    sing N N 130 
HIS N   H2   sing N N 131 
HIS CA  C    sing N N 132 
HIS CA  CB   sing N N 133 
HIS CA  HA   sing N N 134 
HIS C   O    doub N N 135 
HIS C   OXT  sing N N 136 
HIS CB  CG   sing N N 137 
HIS CB  HB2  sing N N 138 
HIS CB  HB3  sing N N 139 
HIS CG  ND1  sing Y N 140 
HIS CG  CD2  doub Y N 141 
HIS ND1 CE1  doub Y N 142 
HIS ND1 HD1  sing N N 143 
HIS CD2 NE2  sing Y N 144 
HIS CD2 HD2  sing N N 145 
HIS CE1 NE2  sing Y N 146 
HIS CE1 HE1  sing N N 147 
HIS NE2 HE2  sing N N 148 
HIS OXT HXT  sing N N 149 
HOH O   H1   sing N N 150 
HOH O   H2   sing N N 151 
LEU N   CA   sing N N 152 
LEU N   H    sing N N 153 
LEU N   H2   sing N N 154 
LEU CA  C    sing N N 155 
LEU CA  CB   sing N N 156 
LEU CA  HA   sing N N 157 
LEU C   O    doub N N 158 
LEU C   OXT  sing N N 159 
LEU CB  CG   sing N N 160 
LEU CB  HB2  sing N N 161 
LEU CB  HB3  sing N N 162 
LEU CG  CD1  sing N N 163 
LEU CG  CD2  sing N N 164 
LEU CG  HG   sing N N 165 
LEU CD1 HD11 sing N N 166 
LEU CD1 HD12 sing N N 167 
LEU CD1 HD13 sing N N 168 
LEU CD2 HD21 sing N N 169 
LEU CD2 HD22 sing N N 170 
LEU CD2 HD23 sing N N 171 
LEU OXT HXT  sing N N 172 
LYS N   CA   sing N N 173 
LYS N   H    sing N N 174 
LYS N   H2   sing N N 175 
LYS CA  C    sing N N 176 
LYS CA  CB   sing N N 177 
LYS CA  HA   sing N N 178 
LYS C   O    doub N N 179 
LYS C   OXT  sing N N 180 
LYS CB  CG   sing N N 181 
LYS CB  HB2  sing N N 182 
LYS CB  HB3  sing N N 183 
LYS CG  CD   sing N N 184 
LYS CG  HG2  sing N N 185 
LYS CG  HG3  sing N N 186 
LYS CD  CE   sing N N 187 
LYS CD  HD2  sing N N 188 
LYS CD  HD3  sing N N 189 
LYS CE  NZ   sing N N 190 
LYS CE  HE2  sing N N 191 
LYS CE  HE3  sing N N 192 
LYS NZ  HZ1  sing N N 193 
LYS NZ  HZ2  sing N N 194 
LYS NZ  HZ3  sing N N 195 
LYS OXT HXT  sing N N 196 
MET N   CA   sing N N 197 
MET N   H    sing N N 198 
MET N   H2   sing N N 199 
MET CA  C    sing N N 200 
MET CA  CB   sing N N 201 
MET CA  HA   sing N N 202 
MET C   O    doub N N 203 
MET C   OXT  sing N N 204 
MET CB  CG   sing N N 205 
MET CB  HB2  sing N N 206 
MET CB  HB3  sing N N 207 
MET CG  SD   sing N N 208 
MET CG  HG2  sing N N 209 
MET CG  HG3  sing N N 210 
MET SD  CE   sing N N 211 
MET CE  HE1  sing N N 212 
MET CE  HE2  sing N N 213 
MET CE  HE3  sing N N 214 
MET OXT HXT  sing N N 215 
PHE N   CA   sing N N 216 
PHE N   H    sing N N 217 
PHE N   H2   sing N N 218 
PHE CA  C    sing N N 219 
PHE CA  CB   sing N N 220 
PHE CA  HA   sing N N 221 
PHE C   O    doub N N 222 
PHE C   OXT  sing N N 223 
PHE CB  CG   sing N N 224 
PHE CB  HB2  sing N N 225 
PHE CB  HB3  sing N N 226 
PHE CG  CD1  doub Y N 227 
PHE CG  CD2  sing Y N 228 
PHE CD1 CE1  sing Y N 229 
PHE CD1 HD1  sing N N 230 
PHE CD2 CE2  doub Y N 231 
PHE CD2 HD2  sing N N 232 
PHE CE1 CZ   doub Y N 233 
PHE CE1 HE1  sing N N 234 
PHE CE2 CZ   sing Y N 235 
PHE CE2 HE2  sing N N 236 
PHE CZ  HZ   sing N N 237 
PHE OXT HXT  sing N N 238 
PRO N   CA   sing N N 239 
PRO N   CD   sing N N 240 
PRO N   H    sing N N 241 
PRO CA  C    sing N N 242 
PRO CA  CB   sing N N 243 
PRO CA  HA   sing N N 244 
PRO C   O    doub N N 245 
PRO C   OXT  sing N N 246 
PRO CB  CG   sing N N 247 
PRO CB  HB2  sing N N 248 
PRO CB  HB3  sing N N 249 
PRO CG  CD   sing N N 250 
PRO CG  HG2  sing N N 251 
PRO CG  HG3  sing N N 252 
PRO CD  HD2  sing N N 253 
PRO CD  HD3  sing N N 254 
PRO OXT HXT  sing N N 255 
SER N   CA   sing N N 256 
SER N   H    sing N N 257 
SER N   H2   sing N N 258 
SER CA  C    sing N N 259 
SER CA  CB   sing N N 260 
SER CA  HA   sing N N 261 
SER C   O    doub N N 262 
SER C   OXT  sing N N 263 
SER CB  OG   sing N N 264 
SER CB  HB2  sing N N 265 
SER CB  HB3  sing N N 266 
SER OG  HG   sing N N 267 
SER OXT HXT  sing N N 268 
SO4 S   O1   doub N N 269 
SO4 S   O2   doub N N 270 
SO4 S   O3   sing N N 271 
SO4 S   O4   sing N N 272 
THR N   CA   sing N N 273 
THR N   H    sing N N 274 
THR N   H2   sing N N 275 
THR CA  C    sing N N 276 
THR CA  CB   sing N N 277 
THR CA  HA   sing N N 278 
THR C   O    doub N N 279 
THR C   OXT  sing N N 280 
THR CB  OG1  sing N N 281 
THR CB  CG2  sing N N 282 
THR CB  HB   sing N N 283 
THR OG1 HG1  sing N N 284 
THR CG2 HG21 sing N N 285 
THR CG2 HG22 sing N N 286 
THR CG2 HG23 sing N N 287 
THR OXT HXT  sing N N 288 
TRP N   CA   sing N N 289 
TRP N   H    sing N N 290 
TRP N   H2   sing N N 291 
TRP CA  C    sing N N 292 
TRP CA  CB   sing N N 293 
TRP CA  HA   sing N N 294 
TRP C   O    doub N N 295 
TRP C   OXT  sing N N 296 
TRP CB  CG   sing N N 297 
TRP CB  HB2  sing N N 298 
TRP CB  HB3  sing N N 299 
TRP CG  CD1  doub Y N 300 
TRP CG  CD2  sing Y N 301 
TRP CD1 NE1  sing Y N 302 
TRP CD1 HD1  sing N N 303 
TRP CD2 CE2  doub Y N 304 
TRP CD2 CE3  sing Y N 305 
TRP NE1 CE2  sing Y N 306 
TRP NE1 HE1  sing N N 307 
TRP CE2 CZ2  sing Y N 308 
TRP CE3 CZ3  doub Y N 309 
TRP CE3 HE3  sing N N 310 
TRP CZ2 CH2  doub Y N 311 
TRP CZ2 HZ2  sing N N 312 
TRP CZ3 CH2  sing Y N 313 
TRP CZ3 HZ3  sing N N 314 
TRP CH2 HH2  sing N N 315 
TRP OXT HXT  sing N N 316 
TYR N   CA   sing N N 317 
TYR N   H    sing N N 318 
TYR N   H2   sing N N 319 
TYR CA  C    sing N N 320 
TYR CA  CB   sing N N 321 
TYR CA  HA   sing N N 322 
TYR C   O    doub N N 323 
TYR C   OXT  sing N N 324 
TYR CB  CG   sing N N 325 
TYR CB  HB2  sing N N 326 
TYR CB  HB3  sing N N 327 
TYR CG  CD1  doub Y N 328 
TYR CG  CD2  sing Y N 329 
TYR CD1 CE1  sing Y N 330 
TYR CD1 HD1  sing N N 331 
TYR CD2 CE2  doub Y N 332 
TYR CD2 HD2  sing N N 333 
TYR CE1 CZ   doub Y N 334 
TYR CE1 HE1  sing N N 335 
TYR CE2 CZ   sing Y N 336 
TYR CE2 HE2  sing N N 337 
TYR CZ  OH   sing N N 338 
TYR OH  HH   sing N N 339 
TYR OXT HXT  sing N N 340 
VAL N   CA   sing N N 341 
VAL N   H    sing N N 342 
VAL N   H2   sing N N 343 
VAL CA  C    sing N N 344 
VAL CA  CB   sing N N 345 
VAL CA  HA   sing N N 346 
VAL C   O    doub N N 347 
VAL C   OXT  sing N N 348 
VAL CB  CG1  sing N N 349 
VAL CB  CG2  sing N N 350 
VAL CB  HB   sing N N 351 
VAL CG1 HG11 sing N N 352 
VAL CG1 HG12 sing N N 353 
VAL CG1 HG13 sing N N 354 
VAL CG2 HG21 sing N N 355 
VAL CG2 HG22 sing N N 356 
VAL CG2 HG23 sing N N 357 
VAL OXT HXT  sing N N 358 
# 
_atom_sites.entry_id                    1KRN 
_atom_sites.fract_transf_matrix[1][1]   -0.00341066 
_atom_sites.fract_transf_matrix[1][2]   -0.01484666 
_atom_sites.fract_transf_matrix[1][3]   -0.01330698 
_atom_sites.fract_transf_matrix[2][1]   0.01935840 
_atom_sites.fract_transf_matrix[2][2]   -0.00035360 
_atom_sites.fract_transf_matrix[2][3]   -0.00456716 
_atom_sites.fract_transf_matrix[3][1]   0.00485524 
_atom_sites.fract_transf_matrix[3][2]   -0.02101920 
_atom_sites.fract_transf_matrix[3][3]   0.02220679 
_atom_sites.fract_transf_vector[1]      0.198254 
_atom_sites.fract_transf_vector[2]      0.199050 
_atom_sites.fract_transf_vector[3]      0.131462 
# 
loop_
_atom_type.symbol 
C 
N 
O 
S 
# 
loop_
_atom_site.group_PDB 
_atom_site.id 
_atom_site.type_symbol 
_atom_site.label_atom_id 
_atom_site.label_alt_id 
_atom_site.label_comp_id 
_atom_site.label_asym_id 
_atom_site.label_entity_id 
_atom_site.label_seq_id 
_atom_site.pdbx_PDB_ins_code 
_atom_site.Cartn_x 
_atom_site.Cartn_y 
_atom_site.Cartn_z 
_atom_site.occupancy 
_atom_site.B_iso_or_equiv 
_atom_site.pdbx_formal_charge 
_atom_site.auth_seq_id 
_atom_site.auth_comp_id 
_atom_site.auth_asym_id 
_atom_site.auth_atom_id 
_atom_site.pdbx_PDB_model_num 
ATOM   1   N N   . ASP A 1 3  ? 10.946  9.620   -5.689  1.00 29.92 ? 65  ASP A N   1 
ATOM   2   C CA  . ASP A 1 3  ? 10.635  8.218   -5.911  1.00 29.52 ? 65  ASP A CA  1 
ATOM   3   C C   . ASP A 1 3  ? 9.376   8.296   -6.771  1.00 28.39 ? 65  ASP A C   1 
ATOM   4   O O   . ASP A 1 3  ? 8.714   9.341   -6.646  1.00 28.62 ? 65  ASP A O   1 
ATOM   5   C CB  . ASP A 1 3  ? 10.371  7.573   -4.561  1.00 30.37 ? 65  ASP A CB  1 
ATOM   6   C CG  . ASP A 1 3  ? 10.239  6.053   -4.548  1.00 31.26 ? 65  ASP A CG  1 
ATOM   7   O OD1 . ASP A 1 3  ? 10.525  5.382   -5.554  1.00 31.62 ? 65  ASP A OD1 1 
ATOM   8   O OD2 . ASP A 1 3  ? 9.857   5.557   -3.489  1.00 31.19 ? 65  ASP A OD2 1 
ATOM   9   N N   . CYS A 1 4  ? 8.984   7.356   -7.632  1.00 26.56 ? 66  CYS A N   1 
ATOM   10  C CA  . CYS A 1 4  ? 7.774   7.564   -8.420  1.00 24.49 ? 66  CYS A CA  1 
ATOM   11  C C   . CYS A 1 4  ? 7.270   6.247   -8.987  1.00 22.71 ? 66  CYS A C   1 
ATOM   12  O O   . CYS A 1 4  ? 7.967   5.222   -8.922  1.00 22.81 ? 66  CYS A O   1 
ATOM   13  C CB  . CYS A 1 4  ? 8.056   8.551   -9.562  1.00 24.98 ? 66  CYS A CB  1 
ATOM   14  S SG  . CYS A 1 4  ? 9.304   7.987   -10.750 1.00 25.47 ? 66  CYS A SG  1 
ATOM   15  N N   . TYR A 1 5  ? 6.034   6.233   -9.472  1.00 20.75 ? 67  TYR A N   1 
ATOM   16  C CA  . TYR A 1 5  ? 5.522   5.024   -10.094 1.00 19.24 ? 67  TYR A CA  1 
ATOM   17  C C   . TYR A 1 5  ? 5.204   5.280   -11.559 1.00 19.06 ? 67  TYR A C   1 
ATOM   18  O O   . TYR A 1 5  ? 4.843   6.392   -11.959 1.00 18.59 ? 67  TYR A O   1 
ATOM   19  C CB  . TYR A 1 5  ? 4.245   4.510   -9.359  1.00 17.62 ? 67  TYR A CB  1 
ATOM   20  C CG  . TYR A 1 5  ? 3.007   5.400   -9.403  1.00 16.38 ? 67  TYR A CG  1 
ATOM   21  C CD1 . TYR A 1 5  ? 2.871   6.406   -8.470  1.00 16.10 ? 67  TYR A CD1 1 
ATOM   22  C CD2 . TYR A 1 5  ? 1.997   5.187   -10.336 1.00 15.23 ? 67  TYR A CD2 1 
ATOM   23  C CE1 . TYR A 1 5  ? 1.742   7.191   -8.438  1.00 14.39 ? 67  TYR A CE1 1 
ATOM   24  C CE2 . TYR A 1 5  ? 0.861   5.978   -10.320 1.00 14.95 ? 67  TYR A CE2 1 
ATOM   25  C CZ  . TYR A 1 5  ? 0.751   6.962   -9.362  1.00 14.75 ? 67  TYR A CZ  1 
ATOM   26  O OH  . TYR A 1 5  ? -0.391  7.710   -9.292  1.00 15.35 ? 67  TYR A OH  1 
ATOM   27  N N   . HIS A 1 6  ? 5.301   4.224   -12.365 1.00 19.55 ? 68  HIS A N   1 
ATOM   28  C CA  . HIS A 1 6  ? 4.971   4.280   -13.783 1.00 20.07 ? 68  HIS A CA  1 
ATOM   29  C C   . HIS A 1 6  ? 3.588   3.669   -14.006 1.00 19.25 ? 68  HIS A C   1 
ATOM   30  O O   . HIS A 1 6  ? 3.208   2.696   -13.336 1.00 18.72 ? 68  HIS A O   1 
ATOM   31  C CB  . HIS A 1 6  ? 6.006   3.492   -14.613 1.00 21.90 ? 68  HIS A CB  1 
ATOM   32  C CG  . HIS A 1 6  ? 7.424   4.049   -14.558 1.00 23.31 ? 68  HIS A CG  1 
ATOM   33  N ND1 . HIS A 1 6  ? 7.965   5.068   -15.247 1.00 24.28 ? 68  HIS A ND1 1 
ATOM   34  C CD2 . HIS A 1 6  ? 8.411   3.537   -13.745 1.00 23.81 ? 68  HIS A CD2 1 
ATOM   35  C CE1 . HIS A 1 6  ? 9.232   5.186   -14.883 1.00 24.44 ? 68  HIS A CE1 1 
ATOM   36  N NE2 . HIS A 1 6  ? 9.481   4.262   -13.981 1.00 24.54 ? 68  HIS A NE2 1 
ATOM   37  N N   . GLY A 1 7  ? 2.787   4.247   -14.894 1.00 18.01 ? 69  GLY A N   1 
ATOM   38  C CA  . GLY A 1 7  ? 1.494   3.681   -15.256 1.00 17.27 ? 69  GLY A CA  1 
ATOM   39  C C   . GLY A 1 7  ? 0.505   3.689   -14.090 1.00 16.13 ? 69  GLY A C   1 
ATOM   40  O O   . GLY A 1 7  ? 0.331   4.696   -13.422 1.00 16.52 ? 69  GLY A O   1 
ATOM   41  N N   . ASP A 1 8  ? -0.124  2.548   -13.820 1.00 15.00 ? 70  ASP A N   1 
ATOM   42  C CA  . ASP A 1 8  ? -0.999  2.425   -12.655 1.00 13.14 ? 70  ASP A CA  1 
ATOM   43  C C   . ASP A 1 8  ? -0.227  2.057   -11.384 1.00 12.03 ? 70  ASP A C   1 
ATOM   44  O O   . ASP A 1 8  ? -0.806  1.756   -10.334 1.00 10.87 ? 70  ASP A O   1 
ATOM   45  C CB  . ASP A 1 8  ? -2.073  1.370   -12.950 1.00 13.32 ? 70  ASP A CB  1 
ATOM   46  C CG  . ASP A 1 8  ? -1.630  -0.062  -13.278 1.00 13.23 ? 70  ASP A CG  1 
ATOM   47  O OD1 . ASP A 1 8  ? -0.450  -0.390  -13.158 1.00 12.76 ? 70  ASP A OD1 1 
ATOM   48  O OD2 . ASP A 1 8  ? -2.494  -0.861  -13.667 1.00 13.60 ? 70  ASP A OD2 1 
ATOM   49  N N   . GLY A 1 9  ? 1.104   1.925   -11.475 1.00 10.91 ? 71  GLY A N   1 
ATOM   50  C CA  . GLY A 1 9  ? 1.922   1.616   -10.326 1.00 10.61 ? 71  GLY A CA  1 
ATOM   51  C C   . GLY A 1 9  ? 1.905   0.157   -9.903  1.00 9.87  ? 71  GLY A C   1 
ATOM   52  O O   . GLY A 1 9  ? 2.417   -0.141  -8.817  1.00 9.88  ? 71  GLY A O   1 
ATOM   53  N N   . GLN A 1 10 ? 1.355   -0.785  -10.687 1.00 9.35  ? 72  GLN A N   1 
ATOM   54  C CA  . GLN A 1 10 ? 1.417   -2.184  -10.273 1.00 9.78  ? 72  GLN A CA  1 
ATOM   55  C C   . GLN A 1 10 ? 2.857   -2.672  -10.297 1.00 9.44  ? 72  GLN A C   1 
ATOM   56  O O   . GLN A 1 10 ? 3.122   -3.618  -9.571  1.00 9.04  ? 72  GLN A O   1 
ATOM   57  C CB  . GLN A 1 10 ? 0.608   -3.115  -11.159 1.00 9.66  ? 72  GLN A CB  1 
ATOM   58  C CG  . GLN A 1 10 ? -0.867  -2.932  -10.992 1.00 10.07 ? 72  GLN A CG  1 
ATOM   59  C CD  . GLN A 1 10 ? -1.635  -3.986  -11.772 1.00 10.50 ? 72  GLN A CD  1 
ATOM   60  O OE1 . GLN A 1 10 ? -1.691  -5.135  -11.344 1.00 10.56 ? 72  GLN A OE1 1 
ATOM   61  N NE2 . GLN A 1 10 ? -2.191  -3.664  -12.930 1.00 10.47 ? 72  GLN A NE2 1 
ATOM   62  N N   A SER A 1 11 ? 3.786   -2.093  -11.067 0.70 9.42  ? 73  SER A N   1 
ATOM   63  N N   B SER A 1 11 ? 3.787   -2.105  -11.066 0.30 9.71  ? 73  SER A N   1 
ATOM   64  C CA  A SER A 1 11 ? 5.181   -2.520  -11.007 0.70 10.43 ? 73  SER A CA  1 
ATOM   65  C CA  B SER A 1 11 ? 5.166   -2.570  -10.985 0.30 10.54 ? 73  SER A CA  1 
ATOM   66  C C   A SER A 1 11 ? 5.964   -1.815  -9.922  0.70 10.26 ? 73  SER A C   1 
ATOM   67  C C   B SER A 1 11 ? 5.956   -1.831  -9.915  0.30 10.44 ? 73  SER A C   1 
ATOM   68  O O   . SER A 1 11 ? 7.151   -2.065  -9.745  1.00 10.97 ? 73  SER A O   1 
ATOM   69  C CB  A SER A 1 11 ? 5.896   -2.255  -12.342 0.70 9.58  ? 73  SER A CB  1 
ATOM   70  C CB  B SER A 1 11 ? 5.870   -2.391  -12.342 0.30 10.46 ? 73  SER A CB  1 
ATOM   71  O OG  A SER A 1 11 ? 5.817   -0.907  -12.794 0.70 8.38  ? 73  SER A OG  1 
ATOM   72  O OG  B SER A 1 11 ? 5.180   -3.010  -13.423 0.30 10.91 ? 73  SER A OG  1 
ATOM   73  N N   . TYR A 1 12 ? 5.351   -0.883  -9.189  1.00 10.63 ? 74  TYR A N   1 
ATOM   74  C CA  . TYR A 1 12 ? 6.100   -0.131  -8.187  1.00 10.34 ? 74  TYR A CA  1 
ATOM   75  C C   . TYR A 1 12 ? 6.575   -1.070  -7.099  1.00 10.54 ? 74  TYR A C   1 
ATOM   76  O O   . TYR A 1 12 ? 5.791   -1.830  -6.516  1.00 10.37 ? 74  TYR A O   1 
ATOM   77  C CB  . TYR A 1 12 ? 5.220   0.964   -7.570  1.00 10.49 ? 74  TYR A CB  1 
ATOM   78  C CG  . TYR A 1 12 ? 5.923   1.750   -6.470  1.00 10.31 ? 74  TYR A CG  1 
ATOM   79  C CD1 . TYR A 1 12 ? 6.939   2.657   -6.789  1.00 10.95 ? 74  TYR A CD1 1 
ATOM   80  C CD2 . TYR A 1 12 ? 5.549   1.521   -5.154  1.00 10.82 ? 74  TYR A CD2 1 
ATOM   81  C CE1 . TYR A 1 12 ? 7.592   3.345   -5.794  1.00 10.56 ? 74  TYR A CE1 1 
ATOM   82  C CE2 . TYR A 1 12 ? 6.199   2.203   -4.143  1.00 10.80 ? 74  TYR A CE2 1 
ATOM   83  C CZ  . TYR A 1 12 ? 7.206   3.100   -4.479  1.00 11.36 ? 74  TYR A CZ  1 
ATOM   84  O OH  . TYR A 1 12 ? 7.877   3.726   -3.443  1.00 11.77 ? 74  TYR A OH  1 
ATOM   85  N N   . ARG A 1 13 ? 7.889   -1.080  -6.881  1.00 10.54 ? 75  ARG A N   1 
ATOM   86  C CA  . ARG A 1 13 ? 8.432   -1.923  -5.855  1.00 11.08 ? 75  ARG A CA  1 
ATOM   87  C C   . ARG A 1 13 ? 9.300   -1.118  -4.900  1.00 11.90 ? 75  ARG A C   1 
ATOM   88  O O   . ARG A 1 13 ? 10.165  -1.654  -4.225  1.00 13.08 ? 75  ARG A O   1 
ATOM   89  C CB  . ARG A 1 13 ? 9.222   -3.083  -6.531  1.00 11.45 ? 75  ARG A CB  1 
ATOM   90  C CG  . ARG A 1 13 ? 8.346   -4.160  -7.176  1.00 10.84 ? 75  ARG A CG  1 
ATOM   91  C CD  . ARG A 1 13 ? 7.461   -4.959  -6.192  1.00 11.35 ? 75  ARG A CD  1 
ATOM   92  N NE  . ARG A 1 13 ? 6.698   -5.949  -6.921  1.00 10.89 ? 75  ARG A NE  1 
ATOM   93  C CZ  . ARG A 1 13 ? 5.576   -5.686  -7.612  1.00 10.85 ? 75  ARG A CZ  1 
ATOM   94  N NH1 . ARG A 1 13 ? 4.979   -4.490  -7.696  1.00 10.98 ? 75  ARG A NH1 1 
ATOM   95  N NH2 . ARG A 1 13 ? 4.991   -6.688  -8.257  1.00 11.74 ? 75  ARG A NH2 1 
ATOM   96  N N   . GLY A 1 14 ? 9.049   0.183   -4.770  1.00 12.57 ? 76  GLY A N   1 
ATOM   97  C CA  . GLY A 1 14 ? 9.813   1.031   -3.858  1.00 13.05 ? 76  GLY A CA  1 
ATOM   98  C C   . GLY A 1 14 ? 9.396   0.901   -2.379  1.00 12.74 ? 76  GLY A C   1 
ATOM   99  O O   . GLY A 1 14 ? 8.582   0.055   -1.971  1.00 12.70 ? 76  GLY A O   1 
ATOM   100 N N   . THR A 1 15 ? 9.980   1.768   -1.548  1.00 12.18 ? 77  THR A N   1 
ATOM   101 C CA  . THR A 1 15 ? 9.790   1.635   -0.129  1.00 11.65 ? 77  THR A CA  1 
ATOM   102 C C   . THR A 1 15 ? 8.895   2.726   0.480   1.00 11.37 ? 77  THR A C   1 
ATOM   103 O O   . THR A 1 15 ? 8.875   2.830   1.711   1.00 10.46 ? 77  THR A O   1 
ATOM   104 C CB  . THR A 1 15 ? 11.208  1.584   0.557   1.00 12.30 ? 77  THR A CB  1 
ATOM   105 O OG1 . THR A 1 15 ? 11.917  2.732   0.127   1.00 14.00 ? 77  THR A OG1 1 
ATOM   106 C CG2 . THR A 1 15 ? 12.045  0.368   0.183   1.00 12.50 ? 77  THR A CG2 1 
ATOM   107 N N   A SER A 1 16 ? 8.188   3.549   -0.310  0.70 11.42 ? 78  SER A N   1 
ATOM   108 N N   B SER A 1 16 ? 8.172   3.534   -0.314  0.30 11.16 ? 78  SER A N   1 
ATOM   109 C CA  A SER A 1 16 ? 7.228   4.526   0.205   0.70 11.48 ? 78  SER A CA  1 
ATOM   110 C CA  B SER A 1 16 ? 7.214   4.518   0.187   0.30 11.09 ? 78  SER A CA  1 
ATOM   111 C C   A SER A 1 16 ? 6.187   3.834   1.075   0.70 10.77 ? 78  SER A C   1 
ATOM   112 C C   B SER A 1 16 ? 6.192   3.829   1.084   0.30 10.65 ? 78  SER A C   1 
ATOM   113 O O   . SER A 1 16 ? 5.714   2.746   0.728   1.00 10.63 ? 78  SER A O   1 
ATOM   114 C CB  A SER A 1 16 ? 6.510   5.216   -0.934  0.70 12.08 ? 78  SER A CB  1 
ATOM   115 C CB  B SER A 1 16 ? 6.453   5.148   -0.951  0.30 11.33 ? 78  SER A CB  1 
ATOM   116 O OG  A SER A 1 16 ? 7.356   6.139   -1.622  0.70 13.18 ? 78  SER A OG  1 
ATOM   117 O OG  B SER A 1 16 ? 5.783   6.333   -0.581  0.30 11.91 ? 78  SER A OG  1 
ATOM   118 N N   . SER A 1 17 ? 5.812   4.437   2.204   1.00 10.45 ? 79  SER A N   1 
ATOM   119 C CA  . SER A 1 17 ? 4.876   3.810   3.117   1.00 9.51  ? 79  SER A CA  1 
ATOM   120 C C   . SER A 1 17 ? 4.047   4.876   3.844   1.00 9.20  ? 79  SER A C   1 
ATOM   121 O O   . SER A 1 17 ? 3.633   4.683   4.970   1.00 9.17  ? 79  SER A O   1 
ATOM   122 C CB  . SER A 1 17 ? 5.720   2.927   4.075   1.00 9.35  ? 79  SER A CB  1 
ATOM   123 O OG  . SER A 1 17 ? 6.624   3.750   4.805   1.00 10.32 ? 79  SER A OG  1 
ATOM   124 N N   A THR A 1 18 ? 3.814   6.002   3.174   0.70 8.25  ? 80  THR A N   1 
ATOM   125 N N   B THR A 1 18 ? 3.790   5.983   3.153   0.30 9.42  ? 80  THR A N   1 
ATOM   126 C CA  A THR A 1 18 ? 3.026   7.119   3.737   0.70 8.15  ? 80  THR A CA  1 
ATOM   127 C CA  B THR A 1 18 ? 3.138   7.167   3.657   0.30 9.74  ? 80  THR A CA  1 
ATOM   128 C C   A THR A 1 18 ? 1.828   7.434   2.831   0.70 8.42  ? 80  THR A C   1 
ATOM   129 C C   B THR A 1 18 ? 1.868   7.495   2.832   0.30 9.15  ? 80  THR A C   1 
ATOM   130 O O   . THR A 1 18 ? 1.980   7.443   1.600   1.00 8.82  ? 80  THR A O   1 
ATOM   131 C CB  A THR A 1 18 ? 3.970   8.324   3.871   0.70 7.88  ? 80  THR A CB  1 
ATOM   132 C CB  B THR A 1 18 ? 3.923   8.395   3.850   0.30 10.35 ? 80  THR A CB  1 
ATOM   133 O OG1 A THR A 1 18 ? 5.012   7.885   4.735   0.70 6.82  ? 80  THR A OG1 1 
ATOM   134 O OG1 B THR A 1 18 ? 4.389   8.577   2.495   0.30 11.44 ? 80  THR A OG1 1 
ATOM   135 C CG2 A THR A 1 18 ? 3.257   9.565   4.395   0.70 7.59  ? 80  THR A CG2 1 
ATOM   136 C CG2 B THR A 1 18 ? 5.010   7.948   4.786   0.30 11.00 ? 80  THR A CG2 1 
ATOM   137 N N   . THR A 1 19 ? 0.657   7.797   3.352   1.00 8.17  ? 81  THR A N   1 
ATOM   138 C CA  . THR A 1 19 ? -0.464  8.074   2.479   1.00 7.82  ? 81  THR A CA  1 
ATOM   139 C C   . THR A 1 19 ? -0.511  9.542   2.075   1.00 8.86  ? 81  THR A C   1 
ATOM   140 O O   . THR A 1 19 ? 0.350   10.319  2.520   1.00 8.70  ? 81  THR A O   1 
ATOM   141 C CB  . THR A 1 19 ? -1.773  7.682   3.183   1.00 8.35  ? 81  THR A CB  1 
ATOM   142 O OG1 . THR A 1 19 ? -1.929  8.633   4.246   1.00 8.46  ? 81  THR A OG1 1 
ATOM   143 C CG2 . THR A 1 19 ? -1.782  6.263   3.770   1.00 7.44  ? 81  THR A CG2 1 
ATOM   144 N N   . THR A 1 20 ? -1.459  9.937   1.227   1.00 9.30  ? 82  THR A N   1 
ATOM   145 C CA  . THR A 1 20 ? -1.548  11.328  0.767   1.00 10.22 ? 82  THR A CA  1 
ATOM   146 C C   . THR A 1 20 ? -1.830  12.267  1.932   1.00 10.35 ? 82  THR A C   1 
ATOM   147 O O   . THR A 1 20 ? -1.506  13.428  1.814   1.00 11.02 ? 82  THR A O   1 
ATOM   148 C CB  . THR A 1 20 ? -2.665  11.524  -0.329  1.00 10.46 ? 82  THR A CB  1 
ATOM   149 O OG1 . THR A 1 20 ? -3.875  10.976  0.174   1.00 10.41 ? 82  THR A OG1 1 
ATOM   150 C CG2 . THR A 1 20 ? -2.284  10.874  -1.666  1.00 10.03 ? 82  THR A CG2 1 
ATOM   151 N N   . THR A 1 21 ? -2.395  11.843  3.067   1.00 10.48 ? 83  THR A N   1 
ATOM   152 C CA  . THR A 1 21 ? -2.630  12.750  4.188   1.00 10.41 ? 83  THR A CA  1 
ATOM   153 C C   . THR A 1 21 ? -1.566  12.660  5.272   1.00 10.53 ? 83  THR A C   1 
ATOM   154 O O   . THR A 1 21 ? -1.762  13.214  6.362   1.00 11.23 ? 83  THR A O   1 
ATOM   155 C CB  . THR A 1 21 ? -3.991  12.472  4.811   1.00 10.24 ? 83  THR A CB  1 
ATOM   156 O OG1 . THR A 1 21 ? -3.983  11.142  5.337   1.00 10.29 ? 83  THR A OG1 1 
ATOM   157 C CG2 . THR A 1 21 ? -5.084  12.733  3.789   1.00 11.03 ? 83  THR A CG2 1 
ATOM   158 N N   . GLY A 1 22 ? -0.483  11.898  5.020   1.00 10.56 ? 84  GLY A N   1 
ATOM   159 C CA  . GLY A 1 22 ? 0.615   11.779  5.968   1.00 10.17 ? 84  GLY A CA  1 
ATOM   160 C C   . GLY A 1 22 ? 0.512   10.626  6.959   1.00 10.20 ? 84  GLY A C   1 
ATOM   161 O O   . GLY A 1 22 ? 1.363   10.524  7.854   1.00 9.67  ? 84  GLY A O   1 
ATOM   162 N N   . LYS A 1 23 ? -0.478  9.728   6.779   1.00 9.71  ? 85  LYS A N   1 
ATOM   163 C CA  . LYS A 1 23 ? -0.619  8.602   7.688   1.00 10.27 ? 85  LYS A CA  1 
ATOM   164 C C   . LYS A 1 23 ? 0.347   7.486   7.291   1.00 10.30 ? 85  LYS A C   1 
ATOM   165 O O   . LYS A 1 23 ? 0.721   7.351   6.125   1.00 9.98  ? 85  LYS A O   1 
ATOM   166 C CB  . LYS A 1 23 ? -2.061  8.058   7.672   1.00 11.06 ? 85  LYS A CB  1 
ATOM   167 C CG  . LYS A 1 23 ? -3.106  9.119   7.961   1.00 11.90 ? 85  LYS A CG  1 
ATOM   168 C CD  . LYS A 1 23 ? -4.453  8.413   8.002   1.00 13.49 ? 85  LYS A CD  1 
ATOM   169 C CE  . LYS A 1 23 ? -5.564  9.385   8.404   1.00 14.18 ? 85  LYS A CE  1 
ATOM   170 N NZ  . LYS A 1 23 ? -5.930  10.285  7.324   1.00 15.66 ? 85  LYS A NZ  1 
ATOM   171 N N   . LYS A 1 24 ? 0.741   6.693   8.263   1.00 10.11 ? 86  LYS A N   1 
ATOM   172 C CA  . LYS A 1 24 ? 1.624   5.562   8.087   1.00 11.00 ? 86  LYS A CA  1 
ATOM   173 C C   . LYS A 1 24 ? 0.841   4.362   7.561   1.00 9.76  ? 86  LYS A C   1 
ATOM   174 O O   . LYS A 1 24 ? -0.250  4.067   8.070   1.00 11.53 ? 86  LYS A O   1 
ATOM   175 C CB  . LYS A 1 24 ? 2.256   5.189   9.438   1.00 12.68 ? 86  LYS A CB  1 
ATOM   176 C CG  . LYS A 1 24 ? 3.407   4.195   9.337   1.00 14.24 ? 86  LYS A CG  1 
ATOM   177 C CD  . LYS A 1 24 ? 3.913   3.882   10.723  1.00 16.26 ? 86  LYS A CD  1 
ATOM   178 C CE  . LYS A 1 24 ? 5.241   3.177   10.615  1.00 18.26 ? 86  LYS A CE  1 
ATOM   179 N NZ  . LYS A 1 24 ? 5.585   2.613   11.915  1.00 20.08 ? 86  LYS A NZ  1 
ATOM   180 N N   . CYS A 1 25 ? 1.394   3.675   6.580   1.00 8.47  ? 87  CYS A N   1 
ATOM   181 C CA  . CYS A 1 25 ? 0.787   2.460   6.074   1.00 7.55  ? 87  CYS A CA  1 
ATOM   182 C C   . CYS A 1 25 ? 0.851   1.312   7.064   1.00 7.81  ? 87  CYS A C   1 
ATOM   183 O O   . CYS A 1 25 ? 1.816   1.163   7.802   1.00 6.74  ? 87  CYS A O   1 
ATOM   184 C CB  . CYS A 1 25 ? 1.488   2.004   4.781   1.00 7.54  ? 87  CYS A CB  1 
ATOM   185 S SG  . CYS A 1 25 ? 1.274   3.114   3.416   1.00 7.60  ? 87  CYS A SG  1 
ATOM   186 N N   . GLN A 1 26 ? -0.192  0.473   7.102   1.00 7.55  ? 88  GLN A N   1 
ATOM   187 C CA  . GLN A 1 26 ? -0.250  -0.714  7.915   1.00 7.42  ? 88  GLN A CA  1 
ATOM   188 C C   . GLN A 1 26 ? 0.510   -1.805  7.150   1.00 8.12  ? 88  GLN A C   1 
ATOM   189 O O   . GLN A 1 26 ? 0.564   -1.800  5.922   1.00 7.17  ? 88  GLN A O   1 
ATOM   190 C CB  . GLN A 1 26 ? -1.753  -1.081  8.096   1.00 8.53  ? 88  GLN A CB  1 
ATOM   191 C CG  . GLN A 1 26 ? -1.994  -2.376  8.849   1.00 8.36  ? 88  GLN A CG  1 
ATOM   192 C CD  . GLN A 1 26 ? -3.449  -2.816  8.897   1.00 8.60  ? 88  GLN A CD  1 
ATOM   193 O OE1 . GLN A 1 26 ? -4.348  -2.054  9.251   1.00 8.98  ? 88  GLN A OE1 1 
ATOM   194 N NE2 . GLN A 1 26 ? -3.733  -4.081  8.589   1.00 8.29  ? 88  GLN A NE2 1 
ATOM   195 N N   A SER A 1 27 ? 1.134   -2.743  7.852   0.70 8.91  ? 89  SER A N   1 
ATOM   196 N N   B SER A 1 27 ? 1.132   -2.746  7.860   0.30 8.41  ? 89  SER A N   1 
ATOM   197 C CA  A SER A 1 27 ? 1.757   -3.868  7.173   0.70 9.07  ? 89  SER A CA  1 
ATOM   198 C CA  B SER A 1 27 ? 1.761   -3.918  7.273   0.30 8.70  ? 89  SER A CA  1 
ATOM   199 C C   A SER A 1 27 ? 0.735   -4.760  6.493   0.70 8.83  ? 89  SER A C   1 
ATOM   200 C C   B SER A 1 27 ? 0.753   -4.773  6.510   0.30 8.64  ? 89  SER A C   1 
ATOM   201 O O   . SER A 1 27 ? -0.298  -5.104  7.071   1.00 8.80  ? 89  SER A O   1 
ATOM   202 C CB  A SER A 1 27 ? 2.501   -4.688  8.157   0.70 9.34  ? 89  SER A CB  1 
ATOM   203 C CB  B SER A 1 27 ? 2.353   -4.767  8.371   0.30 8.73  ? 89  SER A CB  1 
ATOM   204 O OG  A SER A 1 27 ? 3.438   -3.812  8.761   0.70 10.72 ? 89  SER A OG  1 
ATOM   205 O OG  B SER A 1 27 ? 3.288   -5.706  7.908   0.30 9.81  ? 89  SER A OG  1 
ATOM   206 N N   . TRP A 1 28 ? 1.016   -5.204  5.274   1.00 9.07  ? 90  TRP A N   1 
ATOM   207 C CA  . TRP A 1 28 ? 0.114   -6.112  4.585   1.00 8.75  ? 90  TRP A CA  1 
ATOM   208 C C   . TRP A 1 28 ? -0.068  -7.422  5.362   1.00 9.68  ? 90  TRP A C   1 
ATOM   209 O O   . TRP A 1 28 ? -1.198  -7.917  5.263   1.00 10.13 ? 90  TRP A O   1 
ATOM   210 C CB  . TRP A 1 28 ? 0.663   -6.373  3.162   1.00 7.83  ? 90  TRP A CB  1 
ATOM   211 C CG  . TRP A 1 28 ? 0.755   -5.092  2.323   1.00 6.79  ? 90  TRP A CG  1 
ATOM   212 C CD1 . TRP A 1 28 ? 1.960   -4.436  2.186   1.00 6.59  ? 90  TRP A CD1 1 
ATOM   213 C CD2 . TRP A 1 28 ? -0.282  -4.470  1.644   1.00 6.05  ? 90  TRP A CD2 1 
ATOM   214 N NE1 . TRP A 1 28 ? 1.664   -3.390  1.428   1.00 6.82  ? 90  TRP A NE1 1 
ATOM   215 C CE2 . TRP A 1 28 ? 0.350   -3.362  1.093   1.00 5.70  ? 90  TRP A CE2 1 
ATOM   216 C CE3 . TRP A 1 28 ? -1.634  -4.663  1.434   1.00 5.28  ? 90  TRP A CE3 1 
ATOM   217 C CZ2 . TRP A 1 28 ? -0.327  -2.436  0.318   1.00 5.28  ? 90  TRP A CZ2 1 
ATOM   218 C CZ3 . TRP A 1 28 ? -2.319  -3.729  0.669   1.00 5.18  ? 90  TRP A CZ3 1 
ATOM   219 C CH2 . TRP A 1 28 ? -1.666  -2.626  0.101   1.00 5.29  ? 90  TRP A CH2 1 
ATOM   220 N N   A SER A 1 29 ? 0.879   -7.993  6.128   0.70 9.94  ? 91  SER A N   1 
ATOM   221 N N   B SER A 1 29 ? 0.872   -7.988  6.148   0.30 10.11 ? 91  SER A N   1 
ATOM   222 C CA  A SER A 1 29 ? 0.597   -9.205  6.877   0.70 11.13 ? 91  SER A CA  1 
ATOM   223 C CA  B SER A 1 29 ? 0.588   -9.206  6.905   0.30 11.01 ? 91  SER A CA  1 
ATOM   224 C C   A SER A 1 29 ? -0.164  -8.979  8.170   0.70 11.07 ? 91  SER A C   1 
ATOM   225 C C   B SER A 1 29 ? -0.195  -8.962  8.186   0.30 11.11 ? 91  SER A C   1 
ATOM   226 O O   . SER A 1 29 ? -0.564  -9.916  8.875   1.00 12.36 ? 91  SER A O   1 
ATOM   227 C CB  A SER A 1 29 ? 1.888   -9.899  7.186   0.70 11.46 ? 91  SER A CB  1 
ATOM   228 C CB  B SER A 1 29 ? 1.856   -9.934  7.322   0.30 11.21 ? 91  SER A CB  1 
ATOM   229 O OG  A SER A 1 29 ? 2.800   -8.937  7.719   0.70 12.47 ? 91  SER A OG  1 
ATOM   230 O OG  B SER A 1 29 ? 2.666   -10.328 6.227   0.30 11.96 ? 91  SER A OG  1 
ATOM   231 N N   A SER A 1 30 ? -0.349  -7.720  8.544   0.70 10.82 ? 92  SER A N   1 
ATOM   232 N N   B SER A 1 30 ? -0.367  -7.695  8.559   0.30 10.94 ? 92  SER A N   1 
ATOM   233 C CA  A SER A 1 30 ? -1.104  -7.449  9.752   0.70 9.94  ? 92  SER A CA  1 
ATOM   234 C CA  B SER A 1 30 ? -1.134  -7.317  9.736   0.30 10.52 ? 92  SER A CA  1 
ATOM   235 C C   A SER A 1 30 ? -2.616  -7.400  9.486   0.70 10.40 ? 92  SER A C   1 
ATOM   236 C C   B SER A 1 30 ? -2.631  -7.381  9.489   0.30 10.41 ? 92  SER A C   1 
ATOM   237 O O   . SER A 1 30 ? -3.100  -6.981  8.418   1.00 9.80  ? 92  SER A O   1 
ATOM   238 C CB  A SER A 1 30 ? -0.642  -6.137  10.326  0.70 9.57  ? 92  SER A CB  1 
ATOM   239 C CB  B SER A 1 30 ? -0.844  -5.892  10.161  0.30 10.66 ? 92  SER A CB  1 
ATOM   240 O OG  A SER A 1 30 ? -1.182  -5.931  11.630  0.70 8.78  ? 92  SER A OG  1 
ATOM   241 O OG  B SER A 1 30 ? 0.449   -5.706  10.694  0.30 11.40 ? 92  SER A OG  1 
ATOM   242 N N   . MET A 1 31 ? -3.383  -7.833  10.498  1.00 10.09 ? 93  MET A N   1 
ATOM   243 C CA  . MET A 1 31 ? -4.819  -7.776  10.428  1.00 10.28 ? 93  MET A CA  1 
ATOM   244 C C   . MET A 1 31 ? -5.246  -6.709  11.445  1.00 10.88 ? 93  MET A C   1 
ATOM   245 O O   . MET A 1 31 ? -6.416  -6.661  11.800  1.00 10.74 ? 93  MET A O   1 
ATOM   246 C CB  . MET A 1 31 ? -5.451  -9.135  10.783  1.00 10.26 ? 93  MET A CB  1 
ATOM   247 C CG  . MET A 1 31 ? -5.234  -10.289 9.800   1.00 10.55 ? 93  MET A CG  1 
ATOM   248 S SD  . MET A 1 31 ? -5.979  -9.980  8.187   1.00 10.02 ? 93  MET A SD  1 
ATOM   249 C CE  . MET A 1 31 ? -4.467  -9.840  7.239   1.00 10.04 ? 93  MET A CE  1 
ATOM   250 N N   . THR A 1 32 ? -4.391  -5.813  11.961  1.00 10.97 ? 94  THR A N   1 
ATOM   251 C CA  . THR A 1 32 ? -4.831  -4.805  12.912  1.00 11.14 ? 94  THR A CA  1 
ATOM   252 C C   . THR A 1 32 ? -4.114  -3.520  12.490  1.00 10.70 ? 94  THR A C   1 
ATOM   253 O O   . THR A 1 32 ? -2.945  -3.587  12.090  1.00 11.19 ? 94  THR A O   1 
ATOM   254 C CB  . THR A 1 32 ? -4.442  -5.287  14.334  1.00 11.63 ? 94  THR A CB  1 
ATOM   255 O OG1 . THR A 1 32 ? -5.109  -4.393  15.213  1.00 12.96 ? 94  THR A OG1 1 
ATOM   256 C CG2 . THR A 1 32 ? -2.934  -5.310  14.624  1.00 12.60 ? 94  THR A CG2 1 
ATOM   257 N N   . PRO A 1 33 ? -4.714  -2.331  12.488  1.00 10.83 ? 95  PRO A N   1 
ATOM   258 C CA  . PRO A 1 33 ? -6.083  -2.106  12.907  1.00 10.63 ? 95  PRO A CA  1 
ATOM   259 C C   . PRO A 1 33 ? -7.092  -2.575  11.895  1.00 10.56 ? 95  PRO A C   1 
ATOM   260 O O   . PRO A 1 33 ? -8.269  -2.661  12.225  1.00 11.90 ? 95  PRO A O   1 
ATOM   261 C CB  . PRO A 1 33 ? -6.151  -0.623  13.170  1.00 11.25 ? 95  PRO A CB  1 
ATOM   262 C CG  . PRO A 1 33 ? -5.116  -0.067  12.221  1.00 10.41 ? 95  PRO A CG  1 
ATOM   263 C CD  . PRO A 1 33 ? -3.999  -1.065  12.285  1.00 10.54 ? 95  PRO A CD  1 
ATOM   264 N N   . HIS A 1 34 ? -6.726  -2.918  10.667  1.00 8.83  ? 96  HIS A N   1 
ATOM   265 C CA  . HIS A 1 34 ? -7.725  -3.328  9.703   1.00 8.79  ? 96  HIS A CA  1 
ATOM   266 C C   . HIS A 1 34 ? -7.501  -4.731  9.189   1.00 8.58  ? 96  HIS A C   1 
ATOM   267 O O   . HIS A 1 34 ? -6.371  -5.069  8.797   1.00 8.37  ? 96  HIS A O   1 
ATOM   268 C CB  . HIS A 1 34 ? -7.736  -2.360  8.525   1.00 8.95  ? 96  HIS A CB  1 
ATOM   269 C CG  . HIS A 1 34 ? -7.976  -0.932  8.992   1.00 9.69  ? 96  HIS A CG  1 
ATOM   270 N ND1 . HIS A 1 34 ? -9.067  -0.342  9.496   1.00 9.68  ? 96  HIS A ND1 1 
ATOM   271 C CD2 . HIS A 1 34 ? -6.974  0.014   8.947   1.00 9.44  ? 96  HIS A CD2 1 
ATOM   272 C CE1 . HIS A 1 34 ? -8.771  0.906   9.754   1.00 10.38 ? 96  HIS A CE1 1 
ATOM   273 N NE2 . HIS A 1 34 ? -7.520  1.108   9.420   1.00 10.14 ? 96  HIS A NE2 1 
ATOM   274 N N   . ARG A 1 35 ? -8.559  -5.555  9.290   1.00 8.07  ? 97  ARG A N   1 
ATOM   275 C CA  . ARG A 1 35 ? -8.559  -6.908  8.758   1.00 7.98  ? 97  ARG A CA  1 
ATOM   276 C C   . ARG A 1 35 ? -8.763  -6.744  7.253   1.00 7.83  ? 97  ARG A C   1 
ATOM   277 O O   . ARG A 1 35 ? -9.482  -5.834  6.836   1.00 8.66  ? 97  ARG A O   1 
ATOM   278 C CB  . ARG A 1 35 ? -9.727  -7.774  9.246   1.00 7.97  ? 97  ARG A CB  1 
ATOM   279 C CG  . ARG A 1 35 ? -9.917  -7.845  10.710  1.00 7.78  ? 97  ARG A CG  1 
ATOM   280 C CD  . ARG A 1 35 ? -10.946 -8.943  10.989  1.00 6.92  ? 97  ARG A CD  1 
ATOM   281 N NE  . ARG A 1 35 ? -10.315 -10.229 10.876  1.00 8.15  ? 97  ARG A NE  1 
ATOM   282 C CZ  . ARG A 1 35 ? -9.460  -10.723 11.782  1.00 8.16  ? 97  ARG A CZ  1 
ATOM   283 N NH1 . ARG A 1 35 ? -9.110  -10.100 12.926  1.00 8.51  ? 97  ARG A NH1 1 
ATOM   284 N NH2 . ARG A 1 35 ? -8.954  -11.915 11.534  1.00 8.23  ? 97  ARG A NH2 1 
ATOM   285 N N   . HIS A 1 36 ? -8.141  -7.585  6.427   1.00 8.33  ? 98  HIS A N   1 
ATOM   286 C CA  . HIS A 1 36 ? -8.247  -7.463  4.981   1.00 8.11  ? 98  HIS A CA  1 
ATOM   287 C C   . HIS A 1 36 ? -7.759  -8.776  4.369   1.00 9.07  ? 98  HIS A C   1 
ATOM   288 O O   . HIS A 1 36 ? -7.116  -9.604  5.036   1.00 8.47  ? 98  HIS A O   1 
ATOM   289 C CB  . HIS A 1 36 ? -7.381  -6.301  4.483   1.00 7.57  ? 98  HIS A CB  1 
ATOM   290 C CG  . HIS A 1 36 ? -5.880  -6.553  4.675   1.00 7.57  ? 98  HIS A CG  1 
ATOM   291 N ND1 . HIS A 1 36 ? -5.019  -7.100  3.796   1.00 7.58  ? 98  HIS A ND1 1 
ATOM   292 C CD2 . HIS A 1 36 ? -5.187  -6.240  5.818   1.00 7.61  ? 98  HIS A CD2 1 
ATOM   293 C CE1 . HIS A 1 36 ? -3.844  -7.127  4.391   1.00 7.88  ? 98  HIS A CE1 1 
ATOM   294 N NE2 . HIS A 1 36 ? -3.955  -6.616  5.591   1.00 8.02  ? 98  HIS A NE2 1 
ATOM   295 N N   . GLN A 1 37 ? -7.962  -8.912  3.067   1.00 9.20  ? 99  GLN A N   1 
ATOM   296 C CA  . GLN A 1 37 ? -7.508  -10.109 2.343   1.00 10.91 ? 99  GLN A CA  1 
ATOM   297 C C   . GLN A 1 37 ? -6.455  -9.821  1.289   1.00 10.95 ? 99  GLN A C   1 
ATOM   298 O O   . GLN A 1 37 ? -6.249  -10.617 0.374   1.00 11.42 ? 99  GLN A O   1 
ATOM   299 C CB  . GLN A 1 37 ? -8.678  -10.781 1.660   1.00 12.29 ? 99  GLN A CB  1 
ATOM   300 C CG  . GLN A 1 37 ? -9.594  -11.203 2.759   1.00 14.63 ? 99  GLN A CG  1 
ATOM   301 C CD  . GLN A 1 37 ? -10.872 -11.845 2.302   1.00 16.14 ? 99  GLN A CD  1 
ATOM   302 O OE1 . GLN A 1 37 ? -11.218 -12.916 2.791   1.00 18.87 ? 99  GLN A OE1 1 
ATOM   303 N NE2 . GLN A 1 37 ? -11.651 -11.252 1.429   1.00 16.25 ? 99  GLN A NE2 1 
ATOM   304 N N   . LYS A 1 38 ? -5.777  -8.678  1.354   1.00 10.80 ? 100 LYS A N   1 
ATOM   305 C CA  . LYS A 1 38 ? -4.720  -8.356  0.405   1.00 10.88 ? 100 LYS A CA  1 
ATOM   306 C C   . LYS A 1 38 ? -3.397  -8.833  0.983   1.00 11.95 ? 100 LYS A C   1 
ATOM   307 O O   . LYS A 1 38 ? -2.602  -8.056  1.517   1.00 11.80 ? 100 LYS A O   1 
ATOM   308 C CB  . LYS A 1 38 ? -4.691  -6.857  0.180   1.00 10.28 ? 100 LYS A CB  1 
ATOM   309 C CG  . LYS A 1 38 ? -5.579  -6.309  -0.911  1.00 10.57 ? 100 LYS A CG  1 
ATOM   310 C CD  . LYS A 1 38 ? -7.064  -6.500  -0.619  1.00 9.48  ? 100 LYS A CD  1 
ATOM   311 C CE  . LYS A 1 38 ? -7.846  -6.056  -1.843  1.00 9.09  ? 100 LYS A CE  1 
ATOM   312 N NZ  . LYS A 1 38 ? -9.250  -6.231  -1.580  1.00 9.03  ? 100 LYS A NZ  1 
ATOM   313 N N   . THR A 1 39 ? -3.236  -10.149 1.013   1.00 12.46 ? 101 THR A N   1 
ATOM   314 C CA  . THR A 1 39 ? -2.075  -10.775 1.587   1.00 12.89 ? 101 THR A CA  1 
ATOM   315 C C   . THR A 1 39 ? -1.214  -11.366 0.460   1.00 13.50 ? 101 THR A C   1 
ATOM   316 O O   . THR A 1 39 ? -1.755  -11.643 -0.618  1.00 12.83 ? 101 THR A O   1 
ATOM   317 C CB  . THR A 1 39 ? -2.544  -11.873 2.568   1.00 12.93 ? 101 THR A CB  1 
ATOM   318 O OG1 . THR A 1 39 ? -3.338  -12.770 1.785   1.00 13.15 ? 101 THR A OG1 1 
ATOM   319 C CG2 . THR A 1 39 ? -3.313  -11.330 3.776   1.00 12.82 ? 101 THR A CG2 1 
ATOM   320 N N   . PRO A 1 40 ? 0.094   -11.622 0.704   1.00 15.08 ? 102 PRO A N   1 
ATOM   321 C CA  . PRO A 1 40 ? 0.997   -12.394 -0.165  1.00 15.83 ? 102 PRO A CA  1 
ATOM   322 C C   . PRO A 1 40 ? 0.385   -13.688 -0.701  1.00 17.22 ? 102 PRO A C   1 
ATOM   323 O O   . PRO A 1 40 ? 0.489   -14.005 -1.877  1.00 17.45 ? 102 PRO A O   1 
ATOM   324 C CB  . PRO A 1 40 ? 2.207   -12.628 0.710   1.00 15.63 ? 102 PRO A CB  1 
ATOM   325 C CG  . PRO A 1 40 ? 2.252   -11.394 1.577   1.00 15.52 ? 102 PRO A CG  1 
ATOM   326 C CD  . PRO A 1 40 ? 0.797   -11.169 1.911   1.00 14.68 ? 102 PRO A CD  1 
ATOM   327 N N   . GLU A 1 41 ? -0.359  -14.431 0.119   1.00 18.81 ? 103 GLU A N   1 
ATOM   328 C CA  . GLU A 1 41 ? -0.967  -15.667 -0.334  1.00 20.56 ? 103 GLU A CA  1 
ATOM   329 C C   . GLU A 1 41 ? -1.983  -15.429 -1.434  1.00 20.42 ? 103 GLU A C   1 
ATOM   330 O O   . GLU A 1 41 ? -1.904  -16.076 -2.476  1.00 21.62 ? 103 GLU A O   1 
ATOM   331 C CB  . GLU A 1 41 ? -1.656  -16.387 0.821   1.00 22.71 ? 103 GLU A CB  1 
ATOM   332 C CG  . GLU A 1 41 ? -0.731  -16.627 2.035   1.00 25.57 ? 103 GLU A CG  1 
ATOM   333 C CD  . GLU A 1 41 ? -0.827  -15.538 3.114   1.00 26.88 ? 103 GLU A CD  1 
ATOM   334 O OE1 . GLU A 1 41 ? -1.706  -15.646 3.981   1.00 28.31 ? 103 GLU A OE1 1 
ATOM   335 O OE2 . GLU A 1 41 ? -0.026  -14.593 3.097   1.00 27.52 ? 103 GLU A OE2 1 
ATOM   336 N N   . ASN A 1 42 ? -2.879  -14.447 -1.267  1.00 19.23 ? 104 ASN A N   1 
ATOM   337 C CA  . ASN A 1 42 ? -3.896  -14.175 -2.258  1.00 18.09 ? 104 ASN A CA  1 
ATOM   338 C C   . ASN A 1 42 ? -3.366  -13.347 -3.410  1.00 16.60 ? 104 ASN A C   1 
ATOM   339 O O   . ASN A 1 42 ? -3.997  -13.311 -4.459  1.00 16.11 ? 104 ASN A O   1 
ATOM   340 C CB  . ASN A 1 42 ? -5.085  -13.406 -1.678  1.00 19.56 ? 104 ASN A CB  1 
ATOM   341 C CG  . ASN A 1 42 ? -5.822  -14.159 -0.592  1.00 21.24 ? 104 ASN A CG  1 
ATOM   342 O OD1 . ASN A 1 42 ? -5.773  -15.391 -0.480  1.00 22.47 ? 104 ASN A OD1 1 
ATOM   343 N ND2 . ASN A 1 42 ? -6.495  -13.441 0.303   1.00 21.30 ? 104 ASN A ND2 1 
ATOM   344 N N   . TYR A 1 43 ? -2.280  -12.588 -3.262  1.00 14.71 ? 105 TYR A N   1 
ATOM   345 C CA  . TYR A 1 43 ? -1.727  -11.834 -4.380  1.00 13.41 ? 105 TYR A CA  1 
ATOM   346 C C   . TYR A 1 43 ? -0.210  -12.084 -4.407  1.00 13.22 ? 105 TYR A C   1 
ATOM   347 O O   . TYR A 1 43 ? 0.617   -11.214 -4.098  1.00 12.08 ? 105 TYR A O   1 
ATOM   348 C CB  . TYR A 1 43 ? -1.995  -10.349 -4.226  1.00 13.50 ? 105 TYR A CB  1 
ATOM   349 C CG  . TYR A 1 43 ? -3.463  -9.963  -4.238  1.00 13.70 ? 105 TYR A CG  1 
ATOM   350 C CD1 . TYR A 1 43 ? -4.174  -9.969  -3.053  1.00 13.90 ? 105 TYR A CD1 1 
ATOM   351 C CD2 . TYR A 1 43 ? -4.084  -9.615  -5.421  1.00 13.80 ? 105 TYR A CD2 1 
ATOM   352 C CE1 . TYR A 1 43 ? -5.512  -9.633  -3.036  1.00 14.33 ? 105 TYR A CE1 1 
ATOM   353 C CE2 . TYR A 1 43 ? -5.428  -9.265  -5.418  1.00 14.37 ? 105 TYR A CE2 1 
ATOM   354 C CZ  . TYR A 1 43 ? -6.126  -9.282  -4.223  1.00 14.37 ? 105 TYR A CZ  1 
ATOM   355 O OH  . TYR A 1 43 ? -7.462  -8.965  -4.217  1.00 15.32 ? 105 TYR A OH  1 
ATOM   356 N N   . PRO A 1 44 ? 0.214   -13.284 -4.846  1.00 12.93 ? 106 PRO A N   1 
ATOM   357 C CA  . PRO A 1 44 ? 1.603   -13.716 -4.860  1.00 13.24 ? 106 PRO A CA  1 
ATOM   358 C C   . PRO A 1 44 ? 2.524   -12.906 -5.755  1.00 13.58 ? 106 PRO A C   1 
ATOM   359 O O   . PRO A 1 44 ? 3.728   -12.897 -5.530  1.00 13.53 ? 106 PRO A O   1 
ATOM   360 C CB  . PRO A 1 44 ? 1.514   -15.177 -5.261  1.00 12.98 ? 106 PRO A CB  1 
ATOM   361 C CG  . PRO A 1 44 ? 0.333   -15.204 -6.187  1.00 13.40 ? 106 PRO A CG  1 
ATOM   362 C CD  . PRO A 1 44 ? -0.642  -14.316 -5.437  1.00 12.76 ? 106 PRO A CD  1 
ATOM   363 N N   . ASN A 1 45 ? 2.008   -12.177 -6.759  1.00 13.31 ? 107 ASN A N   1 
ATOM   364 C CA  . ASN A 1 45 ? 2.861   -11.411 -7.662  1.00 13.36 ? 107 ASN A CA  1 
ATOM   365 C C   . ASN A 1 45 ? 2.833   -9.921  -7.368  1.00 13.65 ? 107 ASN A C   1 
ATOM   366 O O   . ASN A 1 45 ? 3.433   -9.120  -8.089  1.00 14.53 ? 107 ASN A O   1 
ATOM   367 C CB  . ASN A 1 45 ? 2.429   -11.607 -9.112  1.00 13.59 ? 107 ASN A CB  1 
ATOM   368 C CG  . ASN A 1 45 ? 2.463   -13.048 -9.574  1.00 14.08 ? 107 ASN A CG  1 
ATOM   369 O OD1 . ASN A 1 45 ? 3.423   -13.757 -9.320  1.00 14.32 ? 107 ASN A OD1 1 
ATOM   370 N ND2 . ASN A 1 45 ? 1.437   -13.593 -10.198 1.00 13.99 ? 107 ASN A ND2 1 
ATOM   371 N N   . ALA A 1 46 ? 2.169   -9.484  -6.293  1.00 12.44 ? 108 ALA A N   1 
ATOM   372 C CA  . ALA A 1 46 ? 2.011   -8.057  -6.069  1.00 12.27 ? 108 ALA A CA  1 
ATOM   373 C C   . ALA A 1 46 ? 3.132   -7.413  -5.269  1.00 12.21 ? 108 ALA A C   1 
ATOM   374 O O   . ALA A 1 46 ? 3.137   -6.191  -5.073  1.00 12.09 ? 108 ALA A O   1 
ATOM   375 C CB  . ALA A 1 46 ? 0.685   -7.801  -5.342  1.00 11.83 ? 108 ALA A CB  1 
ATOM   376 N N   . GLY A 1 47 ? 4.083   -8.207  -4.780  1.00 12.15 ? 109 GLY A N   1 
ATOM   377 C CA  . GLY A 1 47 ? 5.155   -7.676  -3.956  1.00 12.07 ? 109 GLY A CA  1 
ATOM   378 C C   . GLY A 1 47 ? 4.665   -7.099  -2.633  1.00 11.51 ? 109 GLY A C   1 
ATOM   379 O O   . GLY A 1 47 ? 5.158   -6.068  -2.179  1.00 12.74 ? 109 GLY A O   1 
ATOM   380 N N   . LEU A 1 48 ? 3.771   -7.768  -1.913  1.00 11.31 ? 110 LEU A N   1 
ATOM   381 C CA  . LEU A 1 48 ? 3.228   -7.182  -0.686  1.00 11.07 ? 110 LEU A CA  1 
ATOM   382 C C   . LEU A 1 48 ? 4.174   -7.449  0.460   1.00 12.13 ? 110 LEU A C   1 
ATOM   383 O O   . LEU A 1 48 ? 4.072   -8.470  1.130   1.00 14.17 ? 110 LEU A O   1 
ATOM   384 C CB  . LEU A 1 48 ? 1.842   -7.774  -0.411  1.00 10.16 ? 110 LEU A CB  1 
ATOM   385 C CG  . LEU A 1 48 ? 0.831   -7.515  -1.527  1.00 9.79  ? 110 LEU A CG  1 
ATOM   386 C CD1 . LEU A 1 48 ? -0.506  -8.146  -1.169  1.00 10.16 ? 110 LEU A CD1 1 
ATOM   387 C CD2 . LEU A 1 48 ? 0.710   -6.010  -1.773  1.00 9.73  ? 110 LEU A CD2 1 
ATOM   388 N N   . THR A 1 49 ? 5.151   -6.596  0.704   1.00 12.76 ? 111 THR A N   1 
ATOM   389 C CA  . THR A 1 49 ? 6.082   -6.854  1.786   1.00 13.28 ? 111 THR A CA  1 
ATOM   390 C C   . THR A 1 49 ? 6.027   -5.630  2.688   1.00 12.45 ? 111 THR A C   1 
ATOM   391 O O   . THR A 1 49 ? 5.707   -4.512  2.242   1.00 13.02 ? 111 THR A O   1 
ATOM   392 C CB  . THR A 1 49 ? 7.495   -7.092  1.197   1.00 14.50 ? 111 THR A CB  1 
ATOM   393 O OG1 . THR A 1 49 ? 7.959   -5.885  0.585   1.00 16.64 ? 111 THR A OG1 1 
ATOM   394 C CG2 . THR A 1 49 ? 7.479   -8.170  0.114   1.00 15.41 ? 111 THR A CG2 1 
ATOM   395 N N   A MET A 1 50 ? 6.296   -5.846  3.981   0.70 12.48 ? 112 MET A N   1 
ATOM   396 N N   B MET A 1 50 ? 6.292   -5.845  3.982   0.30 12.05 ? 112 MET A N   1 
ATOM   397 C CA  A MET A 1 50 ? 6.353   -4.788  4.974   0.70 12.50 ? 112 MET A CA  1 
ATOM   398 C CA  B MET A 1 50 ? 6.336   -4.786  4.983   0.30 11.59 ? 112 MET A CA  1 
ATOM   399 C C   A MET A 1 50 ? 5.109   -3.868  4.899   0.70 11.05 ? 112 MET A C   1 
ATOM   400 C C   B MET A 1 50 ? 5.103   -3.870  4.903   0.30 10.63 ? 112 MET A C   1 
ATOM   401 O O   . MET A 1 50 ? 3.987   -4.396  4.814   1.00 10.42 ? 112 MET A O   1 
ATOM   402 C CB  A MET A 1 50 ? 7.668   -4.038  4.734   0.70 14.47 ? 112 MET A CB  1 
ATOM   403 C CB  B MET A 1 50 ? 7.666   -4.058  4.758   0.30 12.51 ? 112 MET A CB  1 
ATOM   404 C CG  A MET A 1 50 ? 8.914   -4.931  4.749   0.70 16.74 ? 112 MET A CG  1 
ATOM   405 C CG  B MET A 1 50 ? 8.082   -3.069  5.829   0.30 13.80 ? 112 MET A CG  1 
ATOM   406 S SD  A MET A 1 50 ? 9.254   -5.587  6.399   0.70 19.41 ? 112 MET A SD  1 
ATOM   407 S SD  B MET A 1 50 ? 9.881   -2.998  5.960   0.30 14.75 ? 112 MET A SD  1 
ATOM   408 C CE  A MET A 1 50 ? 9.995   -4.106  7.012   0.70 19.73 ? 112 MET A CE  1 
ATOM   409 C CE  B MET A 1 50 ? 9.991   -4.177  7.274   0.30 14.88 ? 112 MET A CE  1 
ATOM   410 N N   . ASN A 1 51 ? 5.185   -2.543  4.899   1.00 9.59  ? 113 ASN A N   1 
ATOM   411 C CA  . ASN A 1 51 ? 3.993   -1.737  4.806   1.00 9.56  ? 113 ASN A CA  1 
ATOM   412 C C   . ASN A 1 51 ? 4.155   -0.816  3.611   1.00 8.88  ? 113 ASN A C   1 
ATOM   413 O O   . ASN A 1 51 ? 3.675   0.318   3.609   1.00 8.91  ? 113 ASN A O   1 
ATOM   414 C CB  . ASN A 1 51 ? 3.819   -0.943  6.122   1.00 9.43  ? 113 ASN A CB  1 
ATOM   415 C CG  . ASN A 1 51 ? 4.959   0.043   6.418   1.00 9.87  ? 113 ASN A CG  1 
ATOM   416 O OD1 . ASN A 1 51 ? 6.095   -0.180  5.970   1.00 9.87  ? 113 ASN A OD1 1 
ATOM   417 N ND2 . ASN A 1 51 ? 4.730   1.145   7.132   1.00 9.85  ? 113 ASN A ND2 1 
ATOM   418 N N   . TYR A 1 52 ? 4.826   -1.275  2.544   1.00 8.91  ? 114 TYR A N   1 
ATOM   419 C CA  . TYR A 1 52 ? 5.096   -0.440  1.398   1.00 8.73  ? 114 TYR A CA  1 
ATOM   420 C C   . TYR A 1 52 ? 3.853   -0.302  0.526   1.00 8.47  ? 114 TYR A C   1 
ATOM   421 O O   . TYR A 1 52 ? 3.027   -1.218  0.402   1.00 7.79  ? 114 TYR A O   1 
ATOM   422 C CB  . TYR A 1 52 ? 6.256   -1.048  0.576   1.00 10.14 ? 114 TYR A CB  1 
ATOM   423 C CG  . TYR A 1 52 ? 7.546   -1.223  1.380   1.00 11.13 ? 114 TYR A CG  1 
ATOM   424 C CD1 . TYR A 1 52 ? 7.911   -0.327  2.381   1.00 12.01 ? 114 TYR A CD1 1 
ATOM   425 C CD2 . TYR A 1 52 ? 8.357   -2.297  1.077   1.00 11.88 ? 114 TYR A CD2 1 
ATOM   426 C CE1 . TYR A 1 52 ? 9.101   -0.513  3.063   1.00 13.16 ? 114 TYR A CE1 1 
ATOM   427 C CE2 . TYR A 1 52 ? 9.539   -2.494  1.755   1.00 12.81 ? 114 TYR A CE2 1 
ATOM   428 C CZ  . TYR A 1 52 ? 9.907   -1.597  2.744   1.00 13.49 ? 114 TYR A CZ  1 
ATOM   429 O OH  . TYR A 1 52 ? 11.111  -1.815  3.406   1.00 13.95 ? 114 TYR A OH  1 
ATOM   430 N N   . CYS A 1 53 ? 3.683   0.896   -0.006  1.00 8.03  ? 115 CYS A N   1 
ATOM   431 C CA  . CYS A 1 53 ? 2.609   1.220   -0.927  1.00 7.80  ? 115 CYS A CA  1 
ATOM   432 C C   . CYS A 1 53 ? 2.607   0.242   -2.078  1.00 6.95  ? 115 CYS A C   1 
ATOM   433 O O   . CYS A 1 53 ? 3.663   0.131   -2.693  1.00 6.49  ? 115 CYS A O   1 
ATOM   434 C CB  . CYS A 1 53 ? 2.868   2.594   -1.451  1.00 9.32  ? 115 CYS A CB  1 
ATOM   435 S SG  . CYS A 1 53 ? 2.558   3.869   -0.221  1.00 9.74  ? 115 CYS A SG  1 
ATOM   436 N N   . ARG A 1 54 ? 1.525   -0.436  -2.454  1.00 6.36  ? 116 ARG A N   1 
ATOM   437 C CA  . ARG A 1 54 ? 1.565   -1.357  -3.571  1.00 6.23  ? 116 ARG A CA  1 
ATOM   438 C C   . ARG A 1 54 ? 0.213   -1.244  -4.261  1.00 6.08  ? 116 ARG A C   1 
ATOM   439 O O   . ARG A 1 54 ? -0.643  -0.438  -3.884  1.00 6.29  ? 116 ARG A O   1 
ATOM   440 C CB  . ARG A 1 54 ? 1.779   -2.816  -3.125  1.00 6.89  ? 116 ARG A CB  1 
ATOM   441 C CG  . ARG A 1 54 ? 3.183   -3.162  -2.577  1.00 6.45  ? 116 ARG A CG  1 
ATOM   442 C CD  . ARG A 1 54 ? 4.228   -3.100  -3.693  1.00 6.89  ? 116 ARG A CD  1 
ATOM   443 N NE  . ARG A 1 54 ? 5.528   -3.438  -3.160  1.00 7.24  ? 116 ARG A NE  1 
ATOM   444 C CZ  . ARG A 1 54 ? 6.440   -2.507  -2.840  1.00 7.40  ? 116 ARG A CZ  1 
ATOM   445 N NH1 . ARG A 1 54 ? 6.223   -1.216  -3.066  1.00 7.28  ? 116 ARG A NH1 1 
ATOM   446 N NH2 . ARG A 1 54 ? 7.601   -2.886  -2.340  1.00 7.94  ? 116 ARG A NH2 1 
ATOM   447 N N   . ASN A 1 55 ? -0.042  -1.970  -5.320  1.00 6.16  ? 117 ASN A N   1 
ATOM   448 C CA  . ASN A 1 55 ? -1.348  -1.859  -5.936  1.00 6.36  ? 117 ASN A CA  1 
ATOM   449 C C   . ASN A 1 55 ? -1.806  -3.248  -6.313  1.00 5.93  ? 117 ASN A C   1 
ATOM   450 O O   . ASN A 1 55 ? -1.785  -3.585  -7.491  1.00 6.23  ? 117 ASN A O   1 
ATOM   451 C CB  . ASN A 1 55 ? -1.250  -0.956  -7.170  1.00 6.72  ? 117 ASN A CB  1 
ATOM   452 C CG  . ASN A 1 55 ? -2.598  -0.773  -7.856  1.00 6.71  ? 117 ASN A CG  1 
ATOM   453 O OD1 . ASN A 1 55 ? -3.656  -1.199  -7.361  1.00 7.10  ? 117 ASN A OD1 1 
ATOM   454 N ND2 . ASN A 1 55 ? -2.547  -0.119  -9.012  1.00 6.07  ? 117 ASN A ND2 1 
ATOM   455 N N   . PRO A 1 56 ? -2.214  -4.106  -5.383  1.00 6.44  ? 118 PRO A N   1 
ATOM   456 C CA  . PRO A 1 56 ? -2.451  -5.520  -5.666  1.00 6.72  ? 118 PRO A CA  1 
ATOM   457 C C   . PRO A 1 56 ? -3.680  -5.830  -6.532  1.00 7.13  ? 118 PRO A C   1 
ATOM   458 O O   . PRO A 1 56 ? -3.744  -6.843  -7.223  1.00 6.59  ? 118 PRO A O   1 
ATOM   459 C CB  . PRO A 1 56 ? -2.499  -6.125  -4.287  1.00 6.82  ? 118 PRO A CB  1 
ATOM   460 C CG  . PRO A 1 56 ? -3.066  -5.028  -3.412  1.00 5.74  ? 118 PRO A CG  1 
ATOM   461 C CD  . PRO A 1 56 ? -2.306  -3.830  -3.938  1.00 6.23  ? 118 PRO A CD  1 
ATOM   462 N N   . ASP A 1 57 ? -4.666  -4.947  -6.449  1.00 6.51  ? 119 ASP A N   1 
ATOM   463 C CA  . ASP A 1 57 ? -5.939  -5.153  -7.121  1.00 8.18  ? 119 ASP A CA  1 
ATOM   464 C C   . ASP A 1 57 ? -6.071  -4.263  -8.343  1.00 8.15  ? 119 ASP A C   1 
ATOM   465 O O   . ASP A 1 57 ? -7.181  -4.020  -8.784  1.00 8.30  ? 119 ASP A O   1 
ATOM   466 C CB  . ASP A 1 57 ? -7.124  -4.879  -6.126  1.00 9.06  ? 119 ASP A CB  1 
ATOM   467 C CG  . ASP A 1 57 ? -7.110  -3.549  -5.382  1.00 9.53  ? 119 ASP A CG  1 
ATOM   468 O OD1 . ASP A 1 57 ? -6.122  -2.798  -5.450  1.00 9.54  ? 119 ASP A OD1 1 
ATOM   469 O OD2 . ASP A 1 57 ? -8.104  -3.283  -4.707  1.00 9.70  ? 119 ASP A OD2 1 
ATOM   470 N N   . ALA A 1 58 ? -4.967  -3.803  -8.913  1.00 8.08  ? 120 ALA A N   1 
ATOM   471 C CA  . ALA A 1 58 ? -4.934  -3.033  -10.133 1.00 8.61  ? 120 ALA A CA  1 
ATOM   472 C C   . ALA A 1 58 ? -5.841  -1.803  -10.197 1.00 9.64  ? 120 ALA A C   1 
ATOM   473 O O   . ALA A 1 58 ? -6.573  -1.512  -11.159 1.00 10.61 ? 120 ALA A O   1 
ATOM   474 C CB  . ALA A 1 58 ? -5.236  -3.971  -11.306 1.00 8.75  ? 120 ALA A CB  1 
ATOM   475 N N   . ASP A 1 59 ? -5.790  -1.030  -9.110  1.00 9.47  ? 121 ASP A N   1 
ATOM   476 C CA  . ASP A 1 59 ? -6.537  0.208   -9.118  1.00 9.01  ? 121 ASP A CA  1 
ATOM   477 C C   . ASP A 1 59 ? -5.726  1.313   -9.830  1.00 9.20  ? 121 ASP A C   1 
ATOM   478 O O   . ASP A 1 59 ? -4.761  1.022   -10.542 1.00 8.38  ? 121 ASP A O   1 
ATOM   479 C CB  . ASP A 1 59 ? -6.890  0.545   -7.662  1.00 9.40  ? 121 ASP A CB  1 
ATOM   480 C CG  . ASP A 1 59 ? -7.993  1.586   -7.687  1.00 10.32 ? 121 ASP A CG  1 
ATOM   481 O OD1 . ASP A 1 59 ? -9.066  1.364   -8.249  1.00 10.31 ? 121 ASP A OD1 1 
ATOM   482 O OD2 . ASP A 1 59 ? -7.745  2.665   -7.188  1.00 11.00 ? 121 ASP A OD2 1 
ATOM   483 N N   . LYS A 1 60 ? -6.069  2.585   -9.708  1.00 8.35  ? 122 LYS A N   1 
ATOM   484 C CA  . LYS A 1 60 ? -5.407  3.608   -10.476 1.00 9.34  ? 122 LYS A CA  1 
ATOM   485 C C   . LYS A 1 60 ? -4.000  3.923   -10.037 1.00 8.47  ? 122 LYS A C   1 
ATOM   486 O O   . LYS A 1 60 ? -3.291  4.513   -10.831 1.00 8.83  ? 122 LYS A O   1 
ATOM   487 C CB  . LYS A 1 60 ? -6.244  4.898   -10.443 1.00 10.73 ? 122 LYS A CB  1 
ATOM   488 C CG  . LYS A 1 60 ? -6.437  5.537   -9.056  1.00 11.40 ? 122 LYS A CG  1 
ATOM   489 C CD  . LYS A 1 60 ? -7.184  6.879   -9.202  1.00 12.21 ? 122 LYS A CD  1 
ATOM   490 C CE  . LYS A 1 60 ? -7.284  7.557   -7.824  1.00 12.42 ? 122 LYS A CE  1 
ATOM   491 N NZ  . LYS A 1 60 ? -7.843  8.895   -7.895  1.00 13.08 ? 122 LYS A NZ  1 
ATOM   492 N N   . GLY A 1 61 ? -3.577  3.569   -8.828  1.00 8.11  ? 123 GLY A N   1 
ATOM   493 C CA  . GLY A 1 61 ? -2.236  3.913   -8.386  1.00 8.24  ? 123 GLY A CA  1 
ATOM   494 C C   . GLY A 1 61 ? -1.970  3.209   -7.074  1.00 8.40  ? 123 GLY A C   1 
ATOM   495 O O   . GLY A 1 61 ? -2.913  2.600   -6.539  1.00 8.47  ? 123 GLY A O   1 
ATOM   496 N N   . PRO A 1 62 ? -0.728  3.223   -6.523  1.00 8.09  ? 124 PRO A N   1 
ATOM   497 C CA  . PRO A 1 62 ? -0.385  2.512   -5.292  1.00 7.46  ? 124 PRO A CA  1 
ATOM   498 C C   . PRO A 1 62 ? -1.192  3.054   -4.112  1.00 6.98  ? 124 PRO A C   1 
ATOM   499 O O   . PRO A 1 62 ? -1.472  4.268   -4.044  1.00 6.47  ? 124 PRO A O   1 
ATOM   500 C CB  . PRO A 1 62 ? 1.127   2.698   -5.114  1.00 7.93  ? 124 PRO A CB  1 
ATOM   501 C CG  . PRO A 1 62 ? 1.632   3.058   -6.505  1.00 7.66  ? 124 PRO A CG  1 
ATOM   502 C CD  . PRO A 1 62 ? 0.456   3.806   -7.149  1.00 8.09  ? 124 PRO A CD  1 
ATOM   503 N N   . TRP A 1 63 ? -1.468  2.168   -3.172  1.00 5.93  ? 125 TRP A N   1 
ATOM   504 C CA  . TRP A 1 63 ? -2.253  2.534   -2.030  1.00 5.17  ? 125 TRP A CA  1 
ATOM   505 C C   . TRP A 1 63 ? -1.833  1.641   -0.885  1.00 4.70  ? 125 TRP A C   1 
ATOM   506 O O   . TRP A 1 63 ? -1.003  0.731   -1.034  1.00 4.81  ? 125 TRP A O   1 
ATOM   507 C CB  . TRP A 1 63 ? -3.734  2.335   -2.365  1.00 4.36  ? 125 TRP A CB  1 
ATOM   508 C CG  . TRP A 1 63 ? -4.200  0.916   -2.718  1.00 4.65  ? 125 TRP A CG  1 
ATOM   509 C CD1 . TRP A 1 63 ? -4.134  0.443   -4.005  1.00 4.48  ? 125 TRP A CD1 1 
ATOM   510 C CD2 . TRP A 1 63 ? -4.727  0.001   -1.839  1.00 4.52  ? 125 TRP A CD2 1 
ATOM   511 N NE1 . TRP A 1 63 ? -4.612  -0.779  -3.923  1.00 4.67  ? 125 TRP A NE1 1 
ATOM   512 C CE2 . TRP A 1 63 ? -4.967  -1.086  -2.666  1.00 4.57  ? 125 TRP A CE2 1 
ATOM   513 C CE3 . TRP A 1 63 ? -5.019  -0.062  -0.489  1.00 4.32  ? 125 TRP A CE3 1 
ATOM   514 C CZ2 . TRP A 1 63 ? -5.517  -2.258  -2.151  1.00 4.70  ? 125 TRP A CZ2 1 
ATOM   515 C CZ3 . TRP A 1 63 ? -5.569  -1.234  0.029   1.00 4.76  ? 125 TRP A CZ3 1 
ATOM   516 C CH2 . TRP A 1 63 ? -5.819  -2.316  -0.807  1.00 4.73  ? 125 TRP A CH2 1 
ATOM   517 N N   . CYS A 1 64 ? -2.397  1.894   0.300   1.00 4.05  ? 126 CYS A N   1 
ATOM   518 C CA  . CYS A 1 64 ? -2.131  1.046   1.458   1.00 4.24  ? 126 CYS A CA  1 
ATOM   519 C C   . CYS A 1 64 ? -3.212  1.198   2.512   1.00 4.30  ? 126 CYS A C   1 
ATOM   520 O O   . CYS A 1 64 ? -3.954  2.189   2.545   1.00 4.63  ? 126 CYS A O   1 
ATOM   521 C CB  . CYS A 1 64 ? -0.792  1.376   2.132   1.00 4.83  ? 126 CYS A CB  1 
ATOM   522 S SG  . CYS A 1 64 ? -0.633  3.033   2.843   1.00 6.17  ? 126 CYS A SG  1 
ATOM   523 N N   . PHE A 1 65 ? -3.403  0.145   3.312   1.00 4.95  ? 127 PHE A N   1 
ATOM   524 C CA  . PHE A 1 65 ? -4.306  0.220   4.466   1.00 6.16  ? 127 PHE A CA  1 
ATOM   525 C C   . PHE A 1 65 ? -3.607  1.130   5.489   1.00 7.33  ? 127 PHE A C   1 
ATOM   526 O O   . PHE A 1 65 ? -2.370  1.138   5.443   1.00 7.27  ? 127 PHE A O   1 
ATOM   527 C CB  . PHE A 1 65 ? -4.555  -1.168  5.110   1.00 5.94  ? 127 PHE A CB  1 
ATOM   528 C CG  . PHE A 1 65 ? -5.463  -2.016  4.222   1.00 5.99  ? 127 PHE A CG  1 
ATOM   529 C CD1 . PHE A 1 65 ? -6.812  -1.713  4.123   1.00 5.62  ? 127 PHE A CD1 1 
ATOM   530 C CD2 . PHE A 1 65 ? -4.937  -3.066  3.477   1.00 6.54  ? 127 PHE A CD2 1 
ATOM   531 C CE1 . PHE A 1 65 ? -7.644  -2.455  3.286   1.00 5.94  ? 127 PHE A CE1 1 
ATOM   532 C CE2 . PHE A 1 65 ? -5.783  -3.798  2.639   1.00 6.02  ? 127 PHE A CE2 1 
ATOM   533 C CZ  . PHE A 1 65 ? -7.129  -3.492  2.543   1.00 5.09  ? 127 PHE A CZ  1 
ATOM   534 N N   . THR A 1 66 ? -4.274  1.909   6.364   1.00 7.55  ? 128 THR A N   1 
ATOM   535 C CA  . THR A 1 66 ? -3.525  2.838   7.200   1.00 7.55  ? 128 THR A CA  1 
ATOM   536 C C   . THR A 1 66 ? -3.515  2.378   8.641   1.00 8.13  ? 128 THR A C   1 
ATOM   537 O O   . THR A 1 66 ? -4.352  1.554   9.048   1.00 7.94  ? 128 THR A O   1 
ATOM   538 C CB  . THR A 1 66 ? -4.092  4.323   7.142   1.00 6.95  ? 128 THR A CB  1 
ATOM   539 O OG1 . THR A 1 66 ? -5.097  4.540   8.133   1.00 7.46  ? 128 THR A OG1 1 
ATOM   540 C CG2 . THR A 1 66 ? -4.689  4.607   5.801   1.00 6.62  ? 128 THR A CG2 1 
ATOM   541 N N   . THR A 1 67 ? -2.568  2.896   9.441   1.00 8.17  ? 129 THR A N   1 
ATOM   542 C CA  . THR A 1 67 ? -2.576  2.540   10.830  1.00 10.11 ? 129 THR A CA  1 
ATOM   543 C C   . THR A 1 67 ? -3.587  3.352   11.610  1.00 11.19 ? 129 THR A C   1 
ATOM   544 O O   . THR A 1 67 ? -3.706  3.151   12.820  1.00 11.79 ? 129 THR A O   1 
ATOM   545 C CB  . THR A 1 67 ? -1.181  2.729   11.432  1.00 10.30 ? 129 THR A CB  1 
ATOM   546 O OG1 . THR A 1 67 ? -0.773  4.053   11.128  1.00 10.85 ? 129 THR A OG1 1 
ATOM   547 C CG2 . THR A 1 67 ? -0.188  1.708   10.907  1.00 10.29 ? 129 THR A CG2 1 
ATOM   548 N N   . ASP A 1 68 ? -4.334  4.279   11.000  1.00 11.97 ? 130 ASP A N   1 
ATOM   549 C CA  . ASP A 1 68 ? -5.352  5.004   11.742  1.00 13.50 ? 130 ASP A CA  1 
ATOM   550 C C   . ASP A 1 68 ? -6.572  4.086   11.797  1.00 13.77 ? 130 ASP A C   1 
ATOM   551 O O   . ASP A 1 68 ? -7.066  3.698   10.722  1.00 13.59 ? 130 ASP A O   1 
ATOM   552 C CB  . ASP A 1 68 ? -5.726  6.314   11.028  1.00 14.04 ? 130 ASP A CB  1 
ATOM   553 C CG  . ASP A 1 68 ? -6.678  7.258   11.771  1.00 14.98 ? 130 ASP A CG  1 
ATOM   554 O OD1 . ASP A 1 68 ? -7.574  6.817   12.475  1.00 14.45 ? 130 ASP A OD1 1 
ATOM   555 O OD2 . ASP A 1 68 ? -6.529  8.470   11.637  1.00 15.39 ? 130 ASP A OD2 1 
ATOM   556 N N   . PRO A 1 69 ? -7.132  3.752   12.979  1.00 14.56 ? 131 PRO A N   1 
ATOM   557 C CA  . PRO A 1 69 ? -8.380  2.971   13.121  1.00 15.09 ? 131 PRO A CA  1 
ATOM   558 C C   . PRO A 1 69 ? -9.571  3.471   12.316  1.00 15.41 ? 131 PRO A C   1 
ATOM   559 O O   . PRO A 1 69 ? -10.349 2.664   11.784  1.00 16.66 ? 131 PRO A O   1 
ATOM   560 C CB  . PRO A 1 69 ? -8.640  2.966   14.614  1.00 14.70 ? 131 PRO A CB  1 
ATOM   561 C CG  . PRO A 1 69 ? -7.238  2.954   15.157  1.00 14.69 ? 131 PRO A CG  1 
ATOM   562 C CD  . PRO A 1 69 ? -6.537  3.994   14.288  1.00 14.31 ? 131 PRO A CD  1 
ATOM   563 N N   A SER A 1 70 ? -9.695  4.788   12.168  0.70 16.04 ? 132 SER A N   1 
ATOM   564 N N   B SER A 1 70 ? -9.737  4.789   12.194  0.30 15.62 ? 132 SER A N   1 
ATOM   565 C CA  A SER A 1 70 ? -10.793 5.413   11.463  0.70 16.15 ? 132 SER A CA  1 
ATOM   566 C CA  B SER A 1 70 ? -10.857 5.359   11.461  0.30 15.56 ? 132 SER A CA  1 
ATOM   567 C C   A SER A 1 70 ? -10.649 5.517   9.953   0.70 15.56 ? 132 SER A C   1 
ATOM   568 C C   B SER A 1 70 ? -10.659 5.493   9.956   0.30 15.10 ? 132 SER A C   1 
ATOM   569 O O   . SER A 1 70 ? -11.605 5.866   9.256   1.00 15.58 ? 132 SER A O   1 
ATOM   570 C CB  A SER A 1 70 ? -10.961 6.787   12.054  0.70 16.92 ? 132 SER A CB  1 
ATOM   571 C CB  B SER A 1 70 ? -11.169 6.741   12.017  0.30 15.86 ? 132 SER A CB  1 
ATOM   572 O OG  A SER A 1 70 ? -10.689 6.713   13.455  0.70 19.23 ? 132 SER A OG  1 
ATOM   573 O OG  B SER A 1 70 ? -10.126 7.668   11.737  0.30 16.87 ? 132 SER A OG  1 
ATOM   574 N N   . VAL A 1 71 ? -9.481  5.263   9.365   1.00 14.44 ? 133 VAL A N   1 
ATOM   575 C CA  . VAL A 1 71 ? -9.342  5.425   7.929   1.00 12.24 ? 133 VAL A CA  1 
ATOM   576 C C   . VAL A 1 71 ? -8.825  4.080   7.450   1.00 10.26 ? 133 VAL A C   1 
ATOM   577 O O   . VAL A 1 71 ? -7.744  3.643   7.823   1.00 9.43  ? 133 VAL A O   1 
ATOM   578 C CB  . VAL A 1 71 ? -8.337  6.567   7.589   1.00 13.08 ? 133 VAL A CB  1 
ATOM   579 C CG1 . VAL A 1 71 ? -8.123  6.696   6.085   1.00 13.32 ? 133 VAL A CG1 1 
ATOM   580 C CG2 . VAL A 1 71 ? -8.929  7.905   8.037   1.00 13.72 ? 133 VAL A CG2 1 
ATOM   581 N N   . ARG A 1 72 ? -9.641  3.332   6.717   1.00 8.46  ? 134 ARG A N   1 
ATOM   582 C CA  . ARG A 1 72 ? -9.246  2.006   6.349   1.00 7.41  ? 134 ARG A CA  1 
ATOM   583 C C   . ARG A 1 72 ? -8.065  2.017   5.372   1.00 6.60  ? 134 ARG A C   1 
ATOM   584 O O   . ARG A 1 72 ? -7.079  1.324   5.643   1.00 6.24  ? 134 ARG A O   1 
ATOM   585 C CB  . ARG A 1 72 ? -10.478 1.298   5.772   1.00 7.92  ? 134 ARG A CB  1 
ATOM   586 C CG  . ARG A 1 72 ? -10.214 -0.162  5.374   1.00 7.76  ? 134 ARG A CG  1 
ATOM   587 C CD  . ARG A 1 72 ? -11.479 -0.859  4.863   1.00 7.83  ? 134 ARG A CD  1 
ATOM   588 N NE  . ARG A 1 72 ? -11.136 -2.199  4.433   1.00 7.73  ? 134 ARG A NE  1 
ATOM   589 C CZ  . ARG A 1 72 ? -10.977 -3.234  5.254   1.00 7.44  ? 134 ARG A CZ  1 
ATOM   590 N NH1 . ARG A 1 72 ? -11.121 -3.177  6.562   1.00 7.19  ? 134 ARG A NH1 1 
ATOM   591 N NH2 . ARG A 1 72 ? -10.652 -4.396  4.717   1.00 8.70  ? 134 ARG A NH2 1 
ATOM   592 N N   . TRP A 1 73 ? -8.069  2.838   4.334   1.00 6.40  ? 135 TRP A N   1 
ATOM   593 C CA  . TRP A 1 73 ? -7.034  2.795   3.321   1.00 5.87  ? 135 TRP A CA  1 
ATOM   594 C C   . TRP A 1 73 ? -6.989  4.157   2.645   1.00 6.78  ? 135 TRP A C   1 
ATOM   595 O O   . TRP A 1 73 ? -7.986  4.883   2.629   1.00 5.95  ? 135 TRP A O   1 
ATOM   596 C CB  . TRP A 1 73 ? -7.366  1.673   2.301   1.00 6.02  ? 135 TRP A CB  1 
ATOM   597 C CG  . TRP A 1 73 ? -8.483  1.996   1.290   1.00 4.94  ? 135 TRP A CG  1 
ATOM   598 C CD1 . TRP A 1 73 ? -9.801  1.774   1.591   1.00 5.50  ? 135 TRP A CD1 1 
ATOM   599 C CD2 . TRP A 1 73 ? -8.337  2.621   0.089   1.00 5.50  ? 135 TRP A CD2 1 
ATOM   600 N NE1 . TRP A 1 73 ? -10.491 2.295   0.602   1.00 5.78  ? 135 TRP A NE1 1 
ATOM   601 C CE2 . TRP A 1 73 ? -9.659  2.810   -0.311  1.00 5.59  ? 135 TRP A CE2 1 
ATOM   602 C CE3 . TRP A 1 73 ? -7.288  3.070   -0.700  1.00 5.52  ? 135 TRP A CE3 1 
ATOM   603 C CZ2 . TRP A 1 73 ? -9.954  3.449   -1.501  1.00 5.54  ? 135 TRP A CZ2 1 
ATOM   604 C CZ3 . TRP A 1 73 ? -7.576  3.712   -1.892  1.00 5.99  ? 135 TRP A CZ3 1 
ATOM   605 C CH2 . TRP A 1 73 ? -8.894  3.894   -2.286  1.00 6.04  ? 135 TRP A CH2 1 
ATOM   606 N N   . GLU A 1 74 ? -5.858  4.526   2.047   1.00 6.73  ? 136 GLU A N   1 
ATOM   607 C CA  . GLU A 1 74 ? -5.712  5.755   1.278   1.00 7.42  ? 136 GLU A CA  1 
ATOM   608 C C   . GLU A 1 74 ? -4.665  5.484   0.191   1.00 6.87  ? 136 GLU A C   1 
ATOM   609 O O   . GLU A 1 74 ? -3.941  4.479   0.250   1.00 5.70  ? 136 GLU A O   1 
ATOM   610 C CB  . GLU A 1 74 ? -5.214  6.912   2.130   1.00 9.12  ? 136 GLU A CB  1 
ATOM   611 C CG  . GLU A 1 74 ? -6.245  7.492   3.098   1.00 11.19 ? 136 GLU A CG  1 
ATOM   612 C CD  . GLU A 1 74 ? -5.769  8.635   3.975   1.00 13.18 ? 136 GLU A CD  1 
ATOM   613 O OE1 . GLU A 1 74 ? -4.630  8.629   4.392   1.00 14.00 ? 136 GLU A OE1 1 
ATOM   614 O OE2 . GLU A 1 74 ? -6.557  9.517   4.309   1.00 15.44 ? 136 GLU A OE2 1 
ATOM   615 N N   . TYR A 1 75 ? -4.627  6.354   -0.809  1.00 6.82  ? 137 TYR A N   1 
ATOM   616 C CA  . TYR A 1 75 ? -3.631  6.252   -1.845  1.00 7.92  ? 137 TYR A CA  1 
ATOM   617 C C   . TYR A 1 75 ? -2.342  6.780   -1.221  1.00 8.36  ? 137 TYR A C   1 
ATOM   618 O O   . TYR A 1 75 ? -2.313  7.549   -0.243  1.00 8.94  ? 137 TYR A O   1 
ATOM   619 C CB  . TYR A 1 75 ? -4.012  7.093   -3.077  1.00 7.25  ? 137 TYR A CB  1 
ATOM   620 C CG  . TYR A 1 75 ? -5.187  6.492   -3.850  1.00 7.87  ? 137 TYR A CG  1 
ATOM   621 C CD1 . TYR A 1 75 ? -5.001  5.359   -4.624  1.00 7.22  ? 137 TYR A CD1 1 
ATOM   622 C CD2 . TYR A 1 75 ? -6.426  7.081   -3.756  1.00 6.90  ? 137 TYR A CD2 1 
ATOM   623 C CE1 . TYR A 1 75 ? -6.067  4.807   -5.299  1.00 7.73  ? 137 TYR A CE1 1 
ATOM   624 C CE2 . TYR A 1 75 ? -7.505  6.532   -4.427  1.00 7.88  ? 137 TYR A CE2 1 
ATOM   625 C CZ  . TYR A 1 75 ? -7.322  5.391   -5.191  1.00 8.14  ? 137 TYR A CZ  1 
ATOM   626 O OH  . TYR A 1 75 ? -8.436  4.829   -5.830  1.00 8.67  ? 137 TYR A OH  1 
ATOM   627 N N   A CYS A 1 76 ? -1.251  6.327   -1.823  0.70 8.07  ? 138 CYS A N   1 
ATOM   628 N N   B CYS A 1 76 ? -1.260  6.338   -1.824  0.30 8.59  ? 138 CYS A N   1 
ATOM   629 C CA  A CYS A 1 76 ? 0.108   6.630   -1.404  0.70 8.73  ? 138 CYS A CA  1 
ATOM   630 C CA  B CYS A 1 76 ? 0.056   6.695   -1.347  0.30 9.37  ? 138 CYS A CA  1 
ATOM   631 C C   A CYS A 1 76 ? 0.593   8.058   -1.680  0.70 8.98  ? 138 CYS A C   1 
ATOM   632 C C   B CYS A 1 76 ? 0.588   8.072   -1.672  0.30 9.40  ? 138 CYS A C   1 
ATOM   633 O O   . CYS A 1 76 ? 0.189   8.715   -2.627  1.00 9.02  ? 138 CYS A O   1 
ATOM   634 C CB  A CYS A 1 76 ? 1.046   5.630   -2.103  0.70 8.42  ? 138 CYS A CB  1 
ATOM   635 C CB  B CYS A 1 76 ? 0.994   5.647   -1.855  0.30 10.00 ? 138 CYS A CB  1 
ATOM   636 S SG  A CYS A 1 76 ? 2.701   5.436   -1.403  0.70 8.32  ? 138 CYS A SG  1 
ATOM   637 S SG  B CYS A 1 76 ? 0.646   4.248   -0.773  0.30 10.96 ? 138 CYS A SG  1 
ATOM   638 N N   . ASN A 1 77 ? 1.525   8.583   -0.892  1.00 10.00 ? 139 ASN A N   1 
ATOM   639 C CA  . ASN A 1 77 ? 2.096   9.891   -1.175  1.00 12.17 ? 139 ASN A CA  1 
ATOM   640 C C   . ASN A 1 77 ? 3.219   9.546   -2.165  1.00 13.46 ? 139 ASN A C   1 
ATOM   641 O O   . ASN A 1 77 ? 4.318   9.176   -1.736  1.00 13.56 ? 139 ASN A O   1 
ATOM   642 C CB  . ASN A 1 77 ? 2.662   10.497  0.134   1.00 13.21 ? 139 ASN A CB  1 
ATOM   643 C CG  . ASN A 1 77 ? 3.484   11.764  -0.090  1.00 14.07 ? 139 ASN A CG  1 
ATOM   644 O OD1 . ASN A 1 77 ? 3.238   12.494  -1.049  1.00 16.06 ? 139 ASN A OD1 1 
ATOM   645 N ND2 . ASN A 1 77 ? 4.471   12.098  0.713   1.00 14.24 ? 139 ASN A ND2 1 
ATOM   646 N N   . LEU A 1 78 ? 2.952   9.577   -3.470  1.00 14.35 ? 140 LEU A N   1 
ATOM   647 C CA  . LEU A 1 78 ? 3.963   9.134   -4.428  1.00 16.65 ? 140 LEU A CA  1 
ATOM   648 C C   . LEU A 1 78 ? 3.596   9.748   -5.750  1.00 17.85 ? 140 LEU A C   1 
ATOM   649 O O   . LEU A 1 78 ? 2.430   9.751   -6.128  1.00 17.48 ? 140 LEU A O   1 
ATOM   650 C CB  . LEU A 1 78 ? 3.951   7.599   -4.540  1.00 16.69 ? 140 LEU A CB  1 
ATOM   651 C CG  . LEU A 1 78 ? 5.002   6.825   -5.321  1.00 17.16 ? 140 LEU A CG  1 
ATOM   652 C CD1 . LEU A 1 78 ? 6.356   6.969   -4.622  1.00 16.26 ? 140 LEU A CD1 1 
ATOM   653 C CD2 . LEU A 1 78 ? 4.575   5.361   -5.431  1.00 15.96 ? 140 LEU A CD2 1 
ATOM   654 N N   . LYS A 1 79 ? 4.581   10.278  -6.433  1.00 20.27 ? 141 LYS A N   1 
ATOM   655 C CA  . LYS A 1 79 ? 4.322   10.916  -7.697  1.00 23.13 ? 141 LYS A CA  1 
ATOM   656 C C   . LYS A 1 79 ? 4.391   9.928   -8.823  1.00 24.07 ? 141 LYS A C   1 
ATOM   657 O O   . LYS A 1 79 ? 5.062   8.897   -8.773  1.00 23.61 ? 141 LYS A O   1 
ATOM   658 C CB  . LYS A 1 79 ? 5.335   11.996  -7.994  1.00 24.59 ? 141 LYS A CB  1 
ATOM   659 C CG  . LYS A 1 79 ? 5.394   13.048  -6.919  1.00 26.63 ? 141 LYS A CG  1 
ATOM   660 C CD  . LYS A 1 79 ? 6.410   14.081  -7.361  1.00 28.18 ? 141 LYS A CD  1 
ATOM   661 C CE  . LYS A 1 79 ? 6.320   15.295  -6.450  1.00 29.39 ? 141 LYS A CE  1 
ATOM   662 N NZ  . LYS A 1 79 ? 7.380   16.215  -6.817  1.00 30.94 ? 141 LYS A NZ  1 
ATOM   663 N N   A LYS A 1 80 ? 3.660   10.261  -9.869  0.70 25.29 ? 142 LYS A N   1 
ATOM   664 N N   B LYS A 1 80 ? 3.642   10.235  -9.882  0.30 25.17 ? 142 LYS A N   1 
ATOM   665 C CA  A LYS A 1 80 ? 3.683   9.512   -11.112 0.70 26.78 ? 142 LYS A CA  1 
ATOM   666 C CA  B LYS A 1 80 ? 3.693   9.443   -11.115 0.30 26.54 ? 142 LYS A CA  1 
ATOM   667 C C   A LYS A 1 80 ? 5.009   9.863   -11.773 0.70 27.17 ? 142 LYS A C   1 
ATOM   668 C C   B LYS A 1 80 ? 5.013   9.856   -11.771 0.30 27.02 ? 142 LYS A C   1 
ATOM   669 O O   . LYS A 1 80 ? 5.455   11.004  -11.635 1.00 27.46 ? 142 LYS A O   1 
ATOM   670 C CB  A LYS A 1 80 ? 2.516   9.958   -11.980 0.70 27.86 ? 142 LYS A CB  1 
ATOM   671 C CB  B LYS A 1 80 ? 2.541   9.792   -12.077 0.30 27.38 ? 142 LYS A CB  1 
ATOM   672 C CG  A LYS A 1 80 ? 1.118   9.693   -11.414 0.70 29.22 ? 142 LYS A CG  1 
ATOM   673 C CG  B LYS A 1 80 ? 2.403   9.126   -13.478 0.30 27.68 ? 142 LYS A CG  1 
ATOM   674 C CD  A LYS A 1 80 ? -0.012  10.125  -12.328 0.70 30.92 ? 142 LYS A CD  1 
ATOM   675 C CD  B LYS A 1 80 ? 2.224   7.594   -13.369 0.30 28.59 ? 142 LYS A CD  1 
ATOM   676 C CE  A LYS A 1 80 ? -1.388  10.025  -11.615 0.70 31.66 ? 142 LYS A CE  1 
ATOM   677 C CE  B LYS A 1 80 ? 2.235   6.764   -14.695 0.30 29.20 ? 142 LYS A CE  1 
ATOM   678 N NZ  A LYS A 1 80 ? -2.375  10.514  -12.506 0.70 32.62 ? 142 LYS A NZ  1 
ATOM   679 N NZ  B LYS A 1 80 ? 3.564   7.035   -15.280 0.30 29.84 ? 142 LYS A NZ  1 
ATOM   680 N N   . CYS A 1 81 ? 5.722   8.948   -12.417 1.00 27.44 ? 143 CYS A N   1 
ATOM   681 C CA  . CYS A 1 81 ? 6.928   9.369   -13.077 1.00 27.93 ? 143 CYS A CA  1 
ATOM   682 C C   . CYS A 1 81 ? 6.444   10.008  -14.384 1.00 28.76 ? 143 CYS A C   1 
ATOM   683 O O   . CYS A 1 81 ? 5.408   9.592   -14.939 1.00 29.06 ? 143 CYS A O   1 
ATOM   684 C CB  . CYS A 1 81 ? 7.814   8.218   -13.413 1.00 27.28 ? 143 CYS A CB  1 
ATOM   685 S SG  . CYS A 1 81 ? 8.160   7.027   -12.108 1.00 26.28 ? 143 CYS A SG  1 
HETATM 686 S S   . SO4 B 2 .  ? -11.017 -3.731  1.041   1.00 14.33 ? 165 SO4 A S   1 
HETATM 687 O O1  . SO4 B 2 .  ? -10.928 -4.836  1.856   1.00 14.24 ? 165 SO4 A O1  1 
HETATM 688 O O2  . SO4 B 2 .  ? -10.726 -2.449  1.401   1.00 13.79 ? 165 SO4 A O2  1 
HETATM 689 O O3  . SO4 B 2 .  ? -10.152 -3.995  0.021   1.00 14.49 ? 165 SO4 A O3  1 
HETATM 690 O O4  . SO4 B 2 .  ? -12.207 -3.538  0.523   1.00 15.41 ? 165 SO4 A O4  1 
HETATM 691 O O   . HOH C 3 .  ? -13.522 -1.230  1.802   1.00 29.01 ? 166 HOH A O   1 
HETATM 692 O O   . HOH C 3 .  ? -15.761 -2.247  0.873   1.00 39.43 ? 167 HOH A O   1 
HETATM 693 O O   . HOH C 3 .  ? -11.102 4.288   3.881   1.00 29.84 ? 168 HOH A O   1 
HETATM 694 O O   . HOH C 3 .  ? -12.596 3.936   6.201   1.00 40.61 ? 169 HOH A O   1 
HETATM 695 O O   . HOH C 3 .  ? -15.804 3.406   2.704   1.00 45.84 ? 170 HOH A O   1 
HETATM 696 O O   . HOH C 3 .  ? -14.439 0.934   5.633   1.00 34.70 ? 171 HOH A O   1 
HETATM 697 O O   . HOH C 3 .  ? -14.091 7.811   6.494   1.00 64.00 ? 172 HOH A O   1 
HETATM 698 O O   . HOH C 3 .  ? -8.296  11.504  8.815   1.00 54.18 ? 173 HOH A O   1 
HETATM 699 O O   . HOH C 3 .  ? -7.076  0.678   -12.493 0.93 55.17 ? 174 HOH A O   1 
HETATM 700 O O   . HOH C 3 .  ? -5.757  2.167   -14.439 1.00 30.93 ? 175 HOH A O   1 
HETATM 701 O O   . HOH C 3 .  ? -2.830  7.348   -10.632 1.00 33.85 ? 176 HOH A O   1 
HETATM 702 O O   . HOH C 3 .  ? -0.055  0.491   -16.196 0.77 16.83 ? 177 HOH A O   1 
HETATM 703 O O   . HOH C 3 .  ? -4.835  -11.039 -9.402  1.00 24.22 ? 178 HOH A O   1 
HETATM 704 O O   . HOH C 3 .  ? -6.814  6.679   18.110  1.00 37.04 ? 179 HOH A O   1 
HETATM 705 O O   . HOH C 3 .  ? -4.464  5.577   16.992  1.00 62.35 ? 180 HOH A O   1 
HETATM 706 O O   . HOH C 3 .  ? -1.016  6.866   10.878  1.00 21.61 ? 181 HOH A O   1 
HETATM 707 O O   . HOH C 3 .  ? -3.917  6.725   14.420  1.00 38.61 ? 182 HOH A O   1 
HETATM 708 O O   . HOH C 3 .  ? -15.745 2.055   14.419  1.00 43.27 ? 183 HOH A O   1 
HETATM 709 O O   . HOH C 3 .  ? 2.786   1.419   13.249  1.00 50.61 ? 184 HOH A O   1 
HETATM 710 O O   . HOH C 3 .  ? 7.580   -1.534  8.277   1.00 67.74 ? 185 HOH A O   1 
HETATM 711 O O   . HOH C 3 .  ? 9.948   1.127   12.457  1.00 68.05 ? 186 HOH A O   1 
HETATM 712 O O   . HOH C 3 .  ? 8.826   -1.733  12.095  1.00 43.17 ? 187 HOH A O   1 
HETATM 713 O O   . HOH C 3 .  ? 8.183   -5.204  11.334  1.00 62.19 ? 188 HOH A O   1 
HETATM 714 O O   . HOH C 3 .  ? 0.504   2.093   15.270  1.00 61.97 ? 189 HOH A O   1 
HETATM 715 O O   . HOH C 3 .  ? -1.011  -0.677  15.227  1.00 56.55 ? 190 HOH A O   1 
HETATM 716 O O   . HOH C 3 .  ? 6.221   4.773   7.547   0.88 48.05 ? 191 HOH A O   1 
HETATM 717 O O   . HOH C 3 .  ? 5.259   -7.715  7.886   1.00 40.22 ? 192 HOH A O   1 
HETATM 718 O O   . HOH C 3 .  ? 7.888   -10.452 7.584   1.00 46.82 ? 193 HOH A O   1 
HETATM 719 O O   . HOH C 3 .  ? 5.544   -14.716 -2.697  1.00 57.47 ? 194 HOH A O   1 
HETATM 720 O O   . HOH C 3 .  ? 9.580   -11.429 0.318   1.00 60.48 ? 195 HOH A O   1 
HETATM 721 O O   . HOH C 3 .  ? 2.498   -12.584 7.790   1.00 73.45 ? 196 HOH A O   1 
HETATM 722 O O   . HOH C 3 .  ? 4.829   -16.422 5.091   1.00 57.68 ? 197 HOH A O   1 
HETATM 723 O O   . HOH C 3 .  ? 2.469   -16.252 -2.080  0.61 43.36 ? 198 HOH A O   1 
HETATM 724 O O   . HOH C 3 .  ? 0.388   -18.486 -1.797  1.00 49.02 ? 199 HOH A O   1 
HETATM 725 O O   . HOH C 3 .  ? 7.281   -8.790  -6.400  1.00 41.13 ? 200 HOH A O   1 
HETATM 726 O O   . HOH C 3 .  ? -1.652  -18.020 -5.348  1.00 53.94 ? 201 HOH A O   1 
HETATM 727 O O   . HOH C 3 .  ? 6.906   -8.511  5.194   1.00 29.91 ? 202 HOH A O   1 
HETATM 728 O O   . HOH C 3 .  ? 8.875   -8.650  -9.148  1.00 51.63 ? 203 HOH A O   1 
HETATM 729 O O   . HOH C 3 .  ? 6.297   -15.298 -10.686 1.00 47.09 ? 204 HOH A O   1 
HETATM 730 O O   . HOH C 3 .  ? 5.952   1.715   -10.976 1.00 24.50 ? 205 HOH A O   1 
HETATM 731 O O   . HOH C 3 .  ? 12.655  5.580   -14.797 1.00 62.05 ? 206 HOH A O   1 
HETATM 732 O O   . HOH C 3 .  ? 13.623  15.905  -9.449  1.00 60.79 ? 207 HOH A O   1 
HETATM 733 O O   . HOH C 3 .  ? 13.157  -3.478  -7.126  1.00 65.74 ? 208 HOH A O   1 
HETATM 734 O O   . HOH C 3 .  ? 8.655   -1.523  -14.716 1.00 58.19 ? 209 HOH A O   1 
HETATM 735 O O   . HOH C 3 .  ? 9.828   -0.088  -12.505 1.00 54.70 ? 210 HOH A O   1 
HETATM 736 O O   . HOH C 3 .  ? 7.130   10.799  -4.914  1.00 22.84 ? 211 HOH A O   1 
HETATM 737 O O   . HOH C 3 .  ? 10.999  10.799  -12.344 0.97 39.34 ? 212 HOH A O   1 
HETATM 738 O O   . HOH C 3 .  ? -3.815  0.660   -18.049 1.00 47.16 ? 213 HOH A O   1 
HETATM 739 O O   . HOH C 3 .  ? 2.883   -17.051 -9.414  1.00 56.13 ? 214 HOH A O   1 
HETATM 740 O O   . HOH C 3 .  ? -9.824  -11.102 -5.998  1.00 43.36 ? 215 HOH A O   1 
HETATM 741 O O   . HOH C 3 .  ? -7.571  -11.174 -8.107  1.00 54.13 ? 216 HOH A O   1 
HETATM 742 O O   . HOH C 3 .  ? -5.286  -14.696 3.284   1.00 39.11 ? 217 HOH A O   1 
HETATM 743 O O   . HOH C 3 .  ? -2.222  -17.979 5.764   1.00 53.95 ? 218 HOH A O   1 
HETATM 744 O O   . HOH C 3 .  ? 0.950   -17.639 5.015   1.00 48.92 ? 219 HOH A O   1 
HETATM 745 O O   . HOH C 3 .  ? 2.387   -16.281 2.761   1.00 57.33 ? 220 HOH A O   1 
HETATM 746 O O   . HOH C 3 .  ? 1.021   -12.619 5.412   1.00 57.57 ? 221 HOH A O   1 
HETATM 747 O O   . HOH C 3 .  ? -9.662  -13.270 -1.254  1.00 42.94 ? 222 HOH A O   1 
HETATM 748 O O   . HOH C 3 .  ? -4.892  10.182  -8.515  1.00 41.30 ? 223 HOH A O   1 
HETATM 749 O O   . HOH C 3 .  ? 0.204   8.137   -5.392  1.00 36.03 ? 224 HOH A O   1 
HETATM 750 O O   . HOH C 3 .  ? -0.813  14.411  -10.166 1.00 66.51 ? 225 HOH A O   1 
HETATM 751 O O   . HOH C 3 .  ? 2.164   12.903  -9.813  1.00 38.63 ? 226 HOH A O   1 
HETATM 752 O O   . HOH C 3 .  ? 0.760   7.398   -13.736 0.50 43.07 ? 227 HOH A O   1 
HETATM 753 O O   . HOH C 3 .  ? 8.860   11.961  -16.682 1.00 39.90 ? 228 HOH A O   1 
HETATM 754 O O   . HOH C 3 .  ? 8.716   8.389   -17.110 1.00 43.17 ? 229 HOH A O   1 
HETATM 755 O O   . HOH C 3 .  ? 2.759   7.362   -15.624 0.50 40.28 ? 230 HOH A O   1 
HETATM 756 O O   . HOH C 3 .  ? -0.736  -11.053 -7.375  1.00 13.57 ? 231 HOH A O   1 
HETATM 757 O O   . HOH C 3 .  ? -10.328 6.107   1.724   1.00 41.82 ? 232 HOH A O   1 
HETATM 758 O O   . HOH C 3 .  ? -1.344  -1.897  3.700   1.00 8.46  ? 233 HOH A O   1 
HETATM 759 O O   . HOH C 3 .  ? 2.950   -1.737  -6.690  1.00 14.16 ? 234 HOH A O   1 
HETATM 760 O O   . HOH C 3 .  ? -12.427 -0.885  8.175   1.00 28.52 ? 235 HOH A O   1 
HETATM 761 O O   . HOH C 3 .  ? 3.730   -7.225  5.297   0.95 15.80 ? 236 HOH A O   1 
HETATM 762 O O   . HOH C 3 .  ? -6.407  -5.546  18.237  0.92 59.09 ? 237 HOH A O   1 
HETATM 763 O O   . HOH C 3 .  ? -1.745  6.410   -6.057  0.90 17.51 ? 238 HOH A O   1 
HETATM 764 O O   . HOH C 3 .  ? -9.711  -9.160  -1.736  0.90 19.91 ? 239 HOH A O   1 
HETATM 765 O O   . HOH C 3 .  ? -4.438  12.421  8.463   1.01 39.43 ? 240 HOH A O   1 
HETATM 766 O O   . HOH C 3 .  ? -9.853  -7.161  1.693   1.00 6.58  ? 241 HOH A O   1 
HETATM 767 O O   . HOH C 3 .  ? -9.621  5.940   15.814  1.00 58.95 ? 242 HOH A O   1 
HETATM 768 O O   . HOH C 3 .  ? -9.148  -1.935  -7.779  0.47 33.27 ? 243 HOH A O   1 
HETATM 769 O O   . HOH C 3 .  ? 4.798   -13.634 4.202   1.00 75.85 ? 244 HOH A O   1 
HETATM 770 O O   . HOH C 3 .  ? 1.371   -4.396  -6.456  1.00 13.00 ? 245 HOH A O   1 
HETATM 771 O O   . HOH C 3 .  ? -13.175 1.935   2.068   1.00 31.23 ? 246 HOH A O   1 
HETATM 772 O O   . HOH C 3 .  ? 1.252   -2.456  10.667  0.95 12.98 ? 247 HOH A O   1 
HETATM 773 O O   . HOH C 3 .  ? 6.265   0.333   -15.045 1.00 42.88 ? 248 HOH A O   1 
HETATM 774 O O   . HOH C 3 .  ? 10.633  -7.039  -6.639  1.00 43.14 ? 249 HOH A O   1 
HETATM 775 O O   . HOH C 3 .  ? 3.405   9.037   9.169   0.89 21.57 ? 250 HOH A O   1 
HETATM 776 O O   . HOH C 3 .  ? 8.698   0.927   6.722   1.00 30.28 ? 251 HOH A O   1 
HETATM 777 O O   . HOH C 3 .  ? 12.573  -1.789  7.113   1.00 46.19 ? 252 HOH A O   1 
HETATM 778 O O   . HOH C 3 .  ? 6.418   -9.729  -8.950  1.00 27.23 ? 253 HOH A O   1 
HETATM 779 O O   . HOH C 3 .  ? -8.466  -8.140  -6.884  0.93 25.56 ? 254 HOH A O   1 
HETATM 780 O O   . HOH C 3 .  ? -4.827  -7.896  -9.464  1.00 14.54 ? 255 HOH A O   1 
HETATM 781 O O   . HOH C 3 .  ? -3.607  4.498   -13.834 0.97 32.20 ? 256 HOH A O   1 
HETATM 782 O O   . HOH C 3 .  ? 6.282   10.890  2.669   1.00 12.06 ? 257 HOH A O   1 
HETATM 783 O O   . HOH C 3 .  ? 12.758  6.905   -7.802  0.93 47.06 ? 258 HOH A O   1 
HETATM 784 O O   . HOH C 3 .  ? -1.503  -8.556  -8.041  1.00 13.82 ? 259 HOH A O   1 
HETATM 785 O O   . HOH C 3 .  ? 2.828   13.166  -4.718  0.85 61.91 ? 260 HOH A O   1 
HETATM 786 O O   . HOH C 3 .  ? -6.329  10.981  -2.822  1.00 39.43 ? 261 HOH A O   1 
HETATM 787 O O   . HOH C 3 .  ? -4.628  -18.873 -1.886  1.00 57.58 ? 262 HOH A O   1 
HETATM 788 O O   . HOH C 3 .  ? -6.640  7.371   -13.111 1.00 53.70 ? 263 HOH A O   1 
HETATM 789 O O   . HOH C 3 .  ? -0.520  -1.927  12.430  0.95 24.91 ? 264 HOH A O   1 
HETATM 790 O O   . HOH C 3 .  ? -8.110  -15.510 1.861   0.99 48.40 ? 265 HOH A O   1 
HETATM 791 O O   . HOH C 3 .  ? 10.974  -7.183  -9.656  0.78 58.48 ? 266 HOH A O   1 
HETATM 792 O O   . HOH C 3 .  ? -13.156 -4.952  -1.879  1.00 27.02 ? 267 HOH A O   1 
HETATM 793 O O   . HOH C 3 .  ? 7.131   14.475  -3.394  1.00 44.89 ? 268 HOH A O   1 
HETATM 794 O O   . HOH C 3 .  ? -10.649 -3.641  -5.622  1.00 20.22 ? 269 HOH A O   1 
HETATM 795 O O   . HOH C 3 .  ? 8.533   -12.715 4.999   1.00 62.14 ? 270 HOH A O   1 
HETATM 796 O O   . HOH C 3 .  ? -14.977 4.609   9.965   1.00 59.04 ? 271 HOH A O   1 
HETATM 797 O O   . HOH C 3 .  ? 3.446   -9.248  3.708   1.00 29.45 ? 272 HOH A O   1 
HETATM 798 O O   . HOH C 3 .  ? -2.055  2.780   -16.630 1.00 56.23 ? 273 HOH A O   1 
HETATM 799 O O   . HOH C 3 .  ? 7.970   -5.007  -10.668 0.83 14.45 ? 274 HOH A O   1 
HETATM 800 O O   . HOH C 3 .  ? -14.414 -12.972 2.602   0.91 14.16 ? 275 HOH A O   1 
HETATM 801 O O   . HOH C 3 .  ? 7.530   9.428   -2.335  1.00 49.55 ? 276 HOH A O   1 
HETATM 802 O O   . HOH C 3 .  ? -4.964  0.309   16.519  0.73 51.89 ? 277 HOH A O   1 
HETATM 803 O O   . HOH C 3 .  ? -6.892  -13.762 -5.980  1.00 51.34 ? 278 HOH A O   1 
HETATM 804 O O   . HOH C 3 .  ? 4.300   -18.010 -5.717  1.00 64.63 ? 279 HOH A O   1 
HETATM 805 O O   . HOH C 3 .  ? 5.970   3.180   -18.044 1.00 52.23 ? 280 HOH A O   1 
HETATM 806 O O   . HOH C 3 .  ? -11.910 -8.530  0.495   1.00 25.49 ? 281 HOH A O   1 
HETATM 807 O O   . HOH C 3 .  ? 12.102  -5.498  1.709   1.00 57.18 ? 282 HOH A O   1 
HETATM 808 O O   . HOH C 3 .  ? 2.972   0.013   10.276  0.88 19.12 ? 283 HOH A O   1 
HETATM 809 O O   . HOH C 3 .  ? 2.814   -10.516 -2.734  1.00 12.92 ? 284 HOH A O   1 
HETATM 810 O O   . HOH C 3 .  ? -3.674  7.347   -7.121  0.82 27.11 ? 285 HOH A O   1 
HETATM 811 O O   . HOH C 3 .  ? -1.319  -12.558 7.666   1.00 49.18 ? 286 HOH A O   1 
HETATM 812 O O   . HOH C 3 .  ? 11.610  4.414   -17.751 1.00 52.50 ? 287 HOH A O   1 
HETATM 813 O O   . HOH C 3 .  ? 11.224  5.767   1.132   1.00 35.41 ? 288 HOH A O   1 
HETATM 814 O O   . HOH C 3 .  ? 1.808   13.140  2.597   0.95 23.19 ? 289 HOH A O   1 
HETATM 815 O O   . HOH C 3 .  ? 4.607   7.040   7.345   0.93 19.39 ? 290 HOH A O   1 
HETATM 816 O O   . HOH C 3 .  ? -2.823  1.760   15.026  0.87 20.72 ? 291 HOH A O   1 
HETATM 817 O O   . HOH C 3 .  ? 6.288   -4.800  8.656   1.00 48.24 ? 292 HOH A O   1 
HETATM 818 O O   . HOH C 3 .  ? 2.994   -0.159  -13.524 1.00 24.26 ? 293 HOH A O   1 
HETATM 819 O O   . HOH C 3 .  ? 7.432   6.879   3.312   1.00 21.70 ? 294 HOH A O   1 
HETATM 820 O O   . HOH C 3 .  ? -6.702  -1.593  16.474  0.76 47.34 ? 295 HOH A O   1 
HETATM 821 O O   . HOH C 3 .  ? 8.545   -5.905  -2.684  0.80 18.51 ? 296 HOH A O   1 
HETATM 822 O O   . HOH C 3 .  ? 5.422   -10.860 -4.972  1.00 30.87 ? 297 HOH A O   1 
HETATM 823 O O   . HOH C 3 .  ? -12.376 1.848   9.008   1.00 58.72 ? 298 HOH A O   1 
HETATM 824 O O   . HOH C 3 .  ? 1.145   4.248   13.429  0.96 28.17 ? 299 HOH A O   1 
HETATM 825 O O   . HOH C 3 .  ? -11.664 0.281   12.896  0.83 49.45 ? 300 HOH A O   1 
HETATM 826 O O   . HOH C 3 .  ? -0.310  -6.200  -9.124  1.00 21.05 ? 301 HOH A O   1 
HETATM 827 O O   . HOH C 3 .  ? -12.759 4.934   0.570   1.00 12.11 ? 302 HOH A O   1 
HETATM 828 O O   . HOH C 3 .  ? -12.170 -11.832 -1.618  1.00 46.53 ? 303 HOH A O   1 
HETATM 829 O O   . HOH C 3 .  ? 11.333  8.350   -14.394 1.00 49.81 ? 304 HOH A O   1 
HETATM 830 O O   . HOH C 3 .  ? 10.101  3.787   -9.674  0.89 45.25 ? 305 HOH A O   1 
HETATM 831 O O   . HOH C 3 .  ? -12.096 9.989   7.696   1.00 51.44 ? 306 HOH A O   1 
HETATM 832 O O   . HOH C 3 .  ? 6.759   7.044   9.033   0.71 49.07 ? 307 HOH A O   1 
HETATM 833 O O   . HOH C 3 .  ? 0.336   11.761  -5.340  0.92 38.54 ? 308 HOH A O   1 
HETATM 834 O O   . HOH C 3 .  ? -5.161  -0.835  -13.682 1.00 20.06 ? 309 HOH A O   1 
HETATM 835 O O   . HOH C 3 .  ? -15.736 -3.924  -1.562  1.00 21.08 ? 310 HOH A O   1 
HETATM 836 O O   . HOH C 3 .  ? 12.190  -5.355  -4.686  1.00 57.65 ? 311 HOH A O   1 
HETATM 837 O O   . HOH C 3 .  ? 9.281   2.910   4.561   1.00 30.07 ? 312 HOH A O   1 
HETATM 838 O O   . HOH C 3 .  ? -8.038  -4.267  15.689  0.75 31.54 ? 313 HOH A O   1 
HETATM 839 O O   . HOH C 3 .  ? -10.994 -2.078  10.394  0.91 24.43 ? 314 HOH A O   1 
HETATM 840 O O   . HOH C 3 .  ? 4.938   -12.051 -2.234  1.00 36.26 ? 315 HOH A O   1 
HETATM 841 O O   . HOH C 3 .  ? -3.718  10.380  -5.047  1.00 49.30 ? 316 HOH A O   1 
HETATM 842 O O   . HOH C 3 .  ? -11.574 6.786   5.395   1.00 66.45 ? 317 HOH A O   1 
HETATM 843 O O   . HOH C 3 .  ? 16.061  8.208   -8.833  0.99 71.36 ? 318 HOH A O   1 
HETATM 844 O O   . HOH C 3 .  ? 12.040  2.875   -12.848 1.00 67.55 ? 319 HOH A O   1 
HETATM 845 O O   . HOH C 3 .  ? 9.892   0.683   -8.104  1.00 19.47 ? 320 HOH A O   1 
HETATM 846 O O   . HOH C 3 .  ? 9.632   12.430  -9.408  1.00 52.82 ? 321 HOH A O   1 
HETATM 847 O O   . HOH C 3 .  ? -0.817  10.025  -7.500  1.00 45.14 ? 322 HOH A O   1 
HETATM 848 O O   . HOH C 3 .  ? 5.573   6.595   -16.245 0.91 56.13 ? 323 HOH A O   1 
HETATM 849 O O   . HOH C 3 .  ? 3.642   -16.293 0.166   1.00 52.73 ? 324 HOH A O   1 
HETATM 850 O O   . HOH C 3 .  ? 2.342   -6.472  -9.324  1.00 31.55 ? 325 HOH A O   1 
HETATM 851 O O   . HOH C 3 .  ? -10.885 -5.458  -3.772  1.00 29.08 ? 326 HOH A O   1 
HETATM 852 O O   . HOH C 3 .  ? 10.045  1.624   -16.589 1.00 48.54 ? 327 HOH A O   1 
HETATM 853 O O   . HOH C 3 .  ? 4.983   -11.505 6.414   1.00 56.11 ? 328 HOH A O   1 
HETATM 854 O O   . HOH C 3 .  ? 2.679   -7.940  10.290  1.00 43.24 ? 329 HOH A O   1 
HETATM 855 O O   . HOH C 3 .  ? -0.306  -7.772  14.222  1.00 36.39 ? 330 HOH A O   1 
HETATM 856 O O   . HOH C 3 .  ? 1.275   -9.609  12.085  1.00 52.50 ? 331 HOH A O   1 
HETATM 857 O O   . HOH C 3 .  ? 2.234   -8.541  15.480  1.00 52.18 ? 332 HOH A O   1 
HETATM 858 O O   . HOH C 3 .  ? 3.566   -4.580  11.769  1.00 52.11 ? 333 HOH A O   1 
HETATM 859 O O   . HOH C 3 .  ? -0.317  -3.256  16.390  0.68 58.21 ? 334 HOH A O   1 
HETATM 860 O O   . HOH C 3 .  ? 5.646   -0.894  10.118  1.00 42.74 ? 335 HOH A O   1 
HETATM 861 O O   . HOH C 3 .  ? 14.800  0.641   2.971   1.00 43.51 ? 336 HOH A O   1 
HETATM 862 O O   . HOH C 3 .  ? 12.158  3.403   -3.037  1.00 29.20 ? 337 HOH A O   1 
HETATM 863 O O   . HOH C 3 .  ? 14.163  5.185   -1.967  0.96 43.75 ? 338 HOH A O   1 
HETATM 864 O O   . HOH C 3 .  ? 10.630  -3.136  -10.257 0.91 42.17 ? 339 HOH A O   1 
HETATM 865 O O   . HOH C 3 .  ? 12.521  6.598   -10.570 0.76 46.65 ? 340 HOH A O   1 
HETATM 866 O O   . HOH C 3 .  ? 11.477  -0.658  -14.850 1.00 58.47 ? 341 HOH A O   1 
HETATM 867 O O   . HOH C 3 .  ? 11.290  15.815  -13.839 1.00 74.02 ? 342 HOH A O   1 
HETATM 868 O O   . HOH C 3 .  ? 13.501  9.030   -3.289  0.66 39.11 ? 343 HOH A O   1 
HETATM 869 O O   . HOH C 3 .  ? 14.123  8.942   -0.169  1.00 47.17 ? 344 HOH A O   1 
HETATM 870 O O   . HOH C 3 .  ? 11.212  10.257  -1.136  1.00 56.42 ? 345 HOH A O   1 
HETATM 871 O O   . HOH C 3 .  ? 15.905  4.838   -7.397  1.00 48.54 ? 346 HOH A O   1 
HETATM 872 O O   . HOH C 3 .  ? 9.206   7.730   -0.969  1.00 53.98 ? 347 HOH A O   1 
HETATM 873 O O   . HOH C 3 .  ? 8.819   9.674   1.326   1.00 49.19 ? 348 HOH A O   1 
HETATM 874 O O   . HOH C 3 .  ? 11.389  2.808   -6.934  0.93 44.81 ? 349 HOH A O   1 
HETATM 875 O O   . HOH C 3 .  ? 13.099  -0.615  -7.314  0.83 57.43 ? 350 HOH A O   1 
HETATM 876 O O   . HOH C 3 .  ? 10.828  -3.701  -2.029  0.50 34.29 ? 351 HOH A O   1 
HETATM 877 O O   . HOH C 3 .  ? -9.683  -4.241  -9.853  0.73 39.16 ? 352 HOH A O   1 
HETATM 878 O O   . HOH C 3 .  ? -8.431  -6.966  -9.512  1.00 49.10 ? 353 HOH A O   1 
HETATM 879 O O   . HOH C 3 .  ? -7.562  -4.870  -14.401 1.00 57.19 ? 354 HOH A O   1 
HETATM 880 O O   . HOH C 3 .  ? -10.283 -5.904  -11.794 0.80 47.88 ? 355 HOH A O   1 
HETATM 881 O O   . HOH C 3 .  ? -14.787 -7.546  -2.085  1.00 40.71 ? 356 HOH A O   1 
HETATM 882 O O   . HOH C 3 .  ? 7.278   14.414  -15.130 0.96 53.92 ? 357 HOH A O   1 
HETATM 883 O O   . HOH C 3 .  ? 6.161   -12.598 -8.795  1.00 39.33 ? 358 HOH A O   1 
HETATM 884 O O   . HOH C 3 .  ? 1.259   -19.524 -5.860  1.00 65.69 ? 359 HOH A O   1 
HETATM 885 O O   . HOH C 3 .  ? 10.051  17.950  -9.745  1.00 63.01 ? 360 HOH A O   1 
HETATM 886 O O   . HOH C 3 .  ? 11.587  20.218  -11.281 1.00 41.22 ? 361 HOH A O   1 
HETATM 887 O O   . HOH C 3 .  ? 12.695  4.083   -8.425  0.95 53.15 ? 362 HOH A O   1 
HETATM 888 O O   . HOH C 3 .  ? 15.403  1.840   -8.544  0.84 46.00 ? 363 HOH A O   1 
HETATM 889 O O   . HOH C 3 .  ? 15.288  11.445  -1.921  0.89 51.12 ? 364 HOH A O   1 
HETATM 890 O O   . HOH C 3 .  ? 14.475  6.458   -4.323  0.94 45.38 ? 365 HOH A O   1 
HETATM 891 O O   . HOH C 3 .  ? 12.754  -0.043  -11.591 0.89 45.39 ? 366 HOH A O   1 
HETATM 892 O O   . HOH C 3 .  ? 14.498  -1.522  -14.054 1.00 46.81 ? 367 HOH A O   1 
HETATM 893 O O   . HOH C 3 .  ? 17.092  10.859  -9.977  1.00 53.39 ? 368 HOH A O   1 
HETATM 894 O O   . HOH C 3 .  ? 13.540  16.279  -5.837  1.00 54.26 ? 369 HOH A O   1 
HETATM 895 O O   . HOH C 3 .  ? 5.101   13.520  -2.983  1.00 44.59 ? 370 HOH A O   1 
HETATM 896 O O   . HOH C 3 .  ? 3.245   0.897   -17.118 0.86 59.14 ? 371 HOH A O   1 
HETATM 897 O O   . HOH C 3 .  ? 3.550   5.248   -17.917 1.00 45.56 ? 372 HOH A O   1 
HETATM 898 O O   . HOH C 3 .  ? 6.474   5.918   -22.162 1.00 59.07 ? 373 HOH A O   1 
HETATM 899 O O   . HOH C 3 .  ? 6.522   9.726   -19.330 1.00 59.41 ? 374 HOH A O   1 
HETATM 900 O O   . HOH C 3 .  ? -5.093  6.469   -15.894 1.00 53.45 ? 375 HOH A O   1 
HETATM 901 O O   . HOH C 3 .  ? 8.646   1.818   -10.608 1.00 32.44 ? 376 HOH A O   1 
HETATM 902 O O   . HOH C 3 .  ? 5.794   8.534   0.891   1.00 42.58 ? 377 HOH A O   1 
HETATM 903 O O   . HOH C 3 .  ? 3.091   6.211   13.170  1.00 49.94 ? 378 HOH A O   1 
HETATM 904 O O   . HOH C 3 .  ? 2.086   5.232   17.254  1.00 59.16 ? 379 HOH A O   1 
HETATM 905 O O   . HOH C 3 .  ? -3.618  8.731   11.998  1.00 55.19 ? 380 HOH A O   1 
HETATM 906 O O   . HOH C 3 .  ? 9.520   4.610   7.305   0.82 52.81 ? 381 HOH A O   1 
HETATM 907 O O   . HOH C 3 .  ? -6.612  10.232  -5.328  1.00 36.40 ? 382 HOH A O   1 
HETATM 908 O O   . HOH C 3 .  ? -9.102  9.597   11.502  0.40 47.72 ? 383 HOH A O   1 
HETATM 909 O O   . HOH C 3 .  ? -13.551 8.298   9.889   1.00 45.38 ? 384 HOH A O   1 
HETATM 910 O O   . HOH C 3 .  ? -7.606  13.319  6.574   1.00 46.12 ? 385 HOH A O   1 
HETATM 911 O O   . HOH C 3 .  ? -5.863  13.154  0.071   1.00 41.43 ? 386 HOH A O   1 
HETATM 912 O O   . HOH C 3 .  ? -7.132  10.629  1.703   0.83 35.50 ? 387 HOH A O   1 
HETATM 913 O O   . HOH C 3 .  ? -2.573  -4.152  5.560   0.56 54.15 ? 388 HOH A O   1 
HETATM 914 O O   . HOH C 3 .  ? 0.851   -5.070  13.624  1.00 41.29 ? 389 HOH A O   1 
HETATM 915 O O   . HOH C 3 .  ? 6.499   -8.136  15.928  1.00 54.15 ? 390 HOH A O   1 
HETATM 916 O O   . HOH C 3 .  ? 1.639   -0.685  15.182  1.00 49.14 ? 391 HOH A O   1 
HETATM 917 O O   . HOH C 3 .  ? -3.283  -2.293  15.980  0.73 41.61 ? 392 HOH A O   1 
HETATM 918 O O   . HOH C 3 .  ? 12.649  -3.300  9.567   1.00 54.27 ? 393 HOH A O   1 
HETATM 919 O O   . HOH C 3 .  ? 9.809   -9.360  3.548   1.00 55.41 ? 394 HOH A O   1 
HETATM 920 O O   . HOH C 3 .  ? 13.304  -7.860  4.586   0.89 48.36 ? 395 HOH A O   1 
HETATM 921 O O   . HOH C 3 .  ? -16.559 7.951   11.512  1.00 56.20 ? 396 HOH A O   1 
HETATM 922 O O   . HOH C 3 .  ? -12.047 4.380   14.740  0.91 43.34 ? 397 HOH A O   1 
HETATM 923 O O   . HOH C 3 .  ? -13.709 2.321   11.782  1.00 52.15 ? 398 HOH A O   1 
HETATM 924 O O   . HOH C 3 .  ? -12.441 8.678   14.153  1.00 47.90 ? 399 HOH A O   1 
HETATM 925 O O   . HOH C 3 .  ? -3.775  2.084   18.583  0.92 52.78 ? 400 HOH A O   1 
HETATM 926 O O   . HOH C 3 .  ? -1.556  -0.392  18.743  1.00 49.77 ? 401 HOH A O   1 
HETATM 927 O O   . HOH C 3 .  ? -1.745  5.303   14.889  1.00 54.12 ? 402 HOH A O   1 
HETATM 928 O O   . HOH C 3 .  ? 13.166  -1.881  -4.102  0.86 49.76 ? 403 HOH A O   1 
HETATM 929 O O   . HOH C 3 .  ? 11.884  11.617  -4.229  1.00 48.02 ? 404 HOH A O   1 
HETATM 930 O O   . HOH C 3 .  ? 11.022  -15.918 -6.764  0.90 57.15 ? 405 HOH A O   1 
HETATM 931 O O   . HOH C 3 .  ? 10.659  -16.601 -10.304 1.00 52.92 ? 406 HOH A O   1 
HETATM 932 O O   . HOH C 3 .  ? 11.227  -3.623  -13.248 1.00 49.82 ? 407 HOH A O   1 
HETATM 933 O O   . HOH C 3 .  ? 1.405   2.954   19.620  1.00 52.01 ? 408 HOH A O   1 
HETATM 934 O O   . HOH C 3 .  ? -4.823  5.826   21.179  0.87 57.23 ? 409 HOH A O   1 
HETATM 935 O O   . HOH C 3 .  ? 6.847   -8.294  10.348  1.00 46.25 ? 410 HOH A O   1 
HETATM 936 O O   . HOH C 3 .  ? 14.386  9.120   -6.012  0.93 51.02 ? 411 HOH A O   1 
HETATM 937 O O   . HOH C 3 .  ? 11.648  12.002  -7.278  0.93 61.63 ? 412 HOH A O   1 
HETATM 938 O O   . HOH C 3 .  ? 11.183  14.362  -10.475 1.00 61.29 ? 413 HOH A O   1 
HETATM 939 O O   . HOH C 3 .  ? 15.714  13.827  -6.423  0.89 49.39 ? 414 HOH A O   1 
# 
